data_8FAN
#
_entry.id   8FAN
#
_cell.length_a   181.681
_cell.length_b   181.681
_cell.length_c   202.648
_cell.angle_alpha   90.000
_cell.angle_beta   90.000
_cell.angle_gamma   120.000
#
_symmetry.space_group_name_H-M   'P 63 2 2'
#
loop_
_entity.id
_entity.type
_entity.pdbx_description
1 polymer 'Ky15.1 Antibody, light chain'
2 polymer 'Ky15.1 Antibody, heavy chain'
3 polymer 'Circumsporozoite protein KQPA peptide'
#
loop_
_entity_poly.entity_id
_entity_poly.type
_entity_poly.pdbx_seq_one_letter_code
_entity_poly.pdbx_strand_id
1 'polypeptide(L)'
;DIQMTQSPSTLSASVGDRVTITCRASQSISSWVAWYQQKPGKAPKLLIYKASDLETGVPSRFSGSGSGTEFTLTISGLQP
DDFVTYYCLQNMRYWTFGQGTKVEIKRTVAAPSVFIFPPSDEQLKSGTASVVCLLNNFYPREAKVQWKVDNALQSGNSQE
SVTEQDSKDSTYSLSSTLTLSKADYEKHKVYACEVTHQGLSSPVTKSFNRGEC
;
B,D,F
2 'polypeptide(L)'
;QVQLVESGGGVVQPGRSLRLSCAASGFTFSNFGMHWVRQTPDRGLEWVAIIWFDGSNTFYADSVKGRFTISRDNYKNTLY
LQMNSLRAEDTAVYFCARSFYSDSAGSLFDYWGQGTLVTVSSASTKGPSVFPLAPSSKSTSGGTAALGCLVKDYFPEPVT
VSWNSGALTSGVHTFPAVLQSSGLYSLSSVVTVPSSSLGTQTYICNVNHKPSNTKVDKKVEPKSC
;
A,C,E
3 'polypeptide(L)' KQPADGNPDPNANPN P,Q,R
#
# COMPACT_ATOMS: atom_id res chain seq x y z
N ASP A 1 -11.08 -39.50 35.69
CA ASP A 1 -11.44 -39.83 34.31
C ASP A 1 -10.54 -39.10 33.33
N ILE A 2 -11.05 -38.90 32.11
CA ILE A 2 -10.38 -38.14 31.08
C ILE A 2 -11.15 -36.83 30.92
N GLN A 3 -10.55 -35.73 31.38
CA GLN A 3 -11.16 -34.41 31.28
C GLN A 3 -10.66 -33.69 30.03
N MET A 4 -11.53 -32.88 29.44
CA MET A 4 -11.24 -32.15 28.20
C MET A 4 -11.40 -30.66 28.47
N THR A 5 -10.28 -29.96 28.60
CA THR A 5 -10.28 -28.51 28.80
C THR A 5 -10.16 -27.82 27.46
N GLN A 6 -11.15 -26.99 27.13
CA GLN A 6 -11.24 -26.33 25.83
C GLN A 6 -11.06 -24.82 25.99
N SER A 7 -10.40 -24.21 25.02
CA SER A 7 -10.13 -22.78 25.04
C SER A 7 -10.03 -22.28 23.61
N PRO A 8 -10.41 -21.02 23.34
CA PRO A 8 -10.93 -20.06 24.31
C PRO A 8 -12.41 -20.29 24.63
N SER A 9 -12.86 -19.80 25.80
CA SER A 9 -14.27 -19.91 26.15
C SER A 9 -15.15 -19.23 25.11
N THR A 10 -14.71 -18.08 24.60
CA THR A 10 -15.43 -17.34 23.58
C THR A 10 -14.42 -16.75 22.62
N LEU A 11 -14.84 -16.58 21.36
CA LEU A 11 -13.93 -16.17 20.29
C LEU A 11 -14.62 -15.18 19.38
N SER A 12 -13.95 -14.07 19.07
CA SER A 12 -14.43 -13.08 18.14
C SER A 12 -13.57 -13.10 16.88
N ALA A 13 -14.22 -12.99 15.73
CA ALA A 13 -13.53 -13.00 14.45
C ALA A 13 -14.43 -12.32 13.42
N SER A 14 -13.99 -12.34 12.16
CA SER A 14 -14.75 -11.79 11.05
C SER A 14 -14.99 -12.89 10.01
N VAL A 15 -15.50 -12.50 8.85
CA VAL A 15 -15.81 -13.45 7.78
C VAL A 15 -14.57 -13.56 6.90
N GLY A 16 -13.78 -14.60 7.15
CA GLY A 16 -12.58 -14.84 6.38
C GLY A 16 -11.35 -15.10 7.24
N ASP A 17 -11.54 -15.11 8.55
CA ASP A 17 -10.43 -15.33 9.47
C ASP A 17 -10.15 -16.81 9.65
N ARG A 18 -8.90 -17.12 9.97
CA ARG A 18 -8.46 -18.49 10.26
C ARG A 18 -8.32 -18.59 11.77
N VAL A 19 -9.38 -19.05 12.43
CA VAL A 19 -9.41 -19.19 13.88
C VAL A 19 -9.16 -20.64 14.25
N THR A 20 -8.58 -20.84 15.44
CA THR A 20 -8.19 -22.16 15.92
C THR A 20 -8.70 -22.36 17.33
N ILE A 21 -9.38 -23.48 17.56
CA ILE A 21 -9.92 -23.83 18.87
C ILE A 21 -9.06 -24.97 19.43
N THR A 22 -8.60 -24.81 20.67
CA THR A 22 -7.73 -25.78 21.31
C THR A 22 -8.50 -26.58 22.35
N CYS A 23 -8.05 -27.82 22.57
CA CYS A 23 -8.68 -28.74 23.51
C CYS A 23 -7.59 -29.54 24.20
N ARG A 24 -7.40 -29.30 25.51
CA ARG A 24 -6.35 -29.94 26.29
C ARG A 24 -6.93 -31.14 27.03
N ALA A 25 -6.27 -32.28 26.91
CA ALA A 25 -6.68 -33.51 27.57
C ALA A 25 -5.76 -33.82 28.74
N SER A 26 -6.35 -34.21 29.87
CA SER A 26 -5.54 -34.51 31.05
C SER A 26 -4.67 -35.74 30.83
N GLN A 27 -5.28 -36.85 30.42
CA GLN A 27 -4.56 -38.08 30.13
C GLN A 27 -4.28 -38.18 28.63
N SER A 28 -3.17 -38.83 28.29
CA SER A 28 -2.83 -39.05 26.89
C SER A 28 -3.87 -39.94 26.24
N ILE A 29 -4.57 -39.42 25.24
CA ILE A 29 -5.60 -40.14 24.52
C ILE A 29 -5.25 -40.29 23.04
N SER A 30 -3.96 -40.15 22.70
CA SER A 30 -3.45 -40.31 21.34
C SER A 30 -4.23 -39.46 20.34
N SER A 31 -4.98 -40.12 19.45
CA SER A 31 -5.76 -39.44 18.42
C SER A 31 -7.24 -39.77 18.54
N TRP A 32 -7.71 -40.07 19.74
CA TRP A 32 -9.11 -40.42 19.97
C TRP A 32 -9.89 -39.18 20.42
N VAL A 33 -10.08 -38.25 19.48
CA VAL A 33 -10.88 -37.05 19.72
C VAL A 33 -11.77 -36.78 18.52
N ALA A 34 -12.86 -36.06 18.78
CA ALA A 34 -13.82 -35.68 17.75
C ALA A 34 -14.29 -34.26 18.02
N TRP A 35 -14.73 -33.59 16.96
CA TRP A 35 -15.22 -32.22 17.03
C TRP A 35 -16.65 -32.15 16.49
N TYR A 36 -17.51 -31.48 17.24
CA TYR A 36 -18.91 -31.28 16.86
C TYR A 36 -19.21 -29.79 16.79
N GLN A 37 -20.24 -29.44 16.03
CA GLN A 37 -20.79 -28.10 16.00
C GLN A 37 -22.27 -28.16 16.35
N GLN A 38 -22.76 -27.12 17.04
CA GLN A 38 -24.13 -27.08 17.51
C GLN A 38 -24.72 -25.71 17.22
N LYS A 39 -25.75 -25.67 16.40
CA LYS A 39 -26.50 -24.44 16.14
C LYS A 39 -27.52 -24.23 17.26
N PRO A 40 -27.69 -22.99 17.73
CA PRO A 40 -28.60 -22.73 18.85
C PRO A 40 -29.98 -23.33 18.61
N GLY A 41 -30.44 -24.12 19.59
CA GLY A 41 -31.69 -24.83 19.48
C GLY A 41 -31.61 -26.18 18.81
N LYS A 42 -30.55 -26.45 18.06
CA LYS A 42 -30.37 -27.70 17.35
C LYS A 42 -29.41 -28.62 18.10
N ALA A 43 -29.30 -29.85 17.62
CA ALA A 43 -28.47 -30.88 18.20
C ALA A 43 -27.09 -30.90 17.56
N PRO A 44 -26.07 -31.41 18.26
CA PRO A 44 -24.72 -31.41 17.70
C PRO A 44 -24.62 -32.17 16.39
N LYS A 45 -23.61 -31.80 15.60
CA LYS A 45 -23.34 -32.41 14.31
C LYS A 45 -21.85 -32.71 14.19
N LEU A 46 -21.51 -33.91 13.74
CA LEU A 46 -20.13 -34.37 13.73
C LEU A 46 -19.36 -33.75 12.57
N LEU A 47 -18.20 -33.18 12.88
CA LEU A 47 -17.32 -32.56 11.90
C LEU A 47 -16.06 -33.39 11.66
N ILE A 48 -15.23 -33.55 12.67
CA ILE A 48 -13.97 -34.27 12.57
C ILE A 48 -13.99 -35.43 13.56
N TYR A 49 -13.53 -36.59 13.10
CA TYR A 49 -13.32 -37.74 13.98
C TYR A 49 -11.89 -38.24 13.79
N LYS A 50 -11.45 -39.09 14.73
CA LYS A 50 -10.10 -39.63 14.72
C LYS A 50 -9.05 -38.53 14.61
N ALA A 51 -9.27 -37.46 15.39
CA ALA A 51 -8.37 -36.31 15.49
C ALA A 51 -8.37 -35.42 14.25
N SER A 52 -8.20 -36.02 13.06
CA SER A 52 -8.00 -35.23 11.86
C SER A 52 -8.84 -35.65 10.65
N ASP A 53 -9.72 -36.64 10.79
CA ASP A 53 -10.46 -37.17 9.65
C ASP A 53 -11.77 -36.43 9.47
N LEU A 54 -12.05 -36.03 8.23
CA LEU A 54 -13.26 -35.28 7.91
C LEU A 54 -14.45 -36.23 7.72
N GLU A 55 -15.64 -35.72 8.04
CA GLU A 55 -16.88 -36.43 7.80
C GLU A 55 -17.44 -36.04 6.43
N THR A 56 -18.25 -36.92 5.86
CA THR A 56 -18.85 -36.66 4.56
C THR A 56 -19.76 -35.44 4.62
N GLY A 57 -19.69 -34.61 3.58
CA GLY A 57 -20.52 -33.43 3.48
C GLY A 57 -20.03 -32.23 4.27
N VAL A 58 -18.98 -32.37 5.07
CA VAL A 58 -18.45 -31.27 5.86
C VAL A 58 -17.50 -30.45 5.00
N PRO A 59 -17.63 -29.12 4.98
CA PRO A 59 -16.74 -28.31 4.13
C PRO A 59 -15.29 -28.44 4.54
N SER A 60 -14.41 -28.31 3.56
CA SER A 60 -12.97 -28.45 3.79
C SER A 60 -12.39 -27.34 4.65
N ARG A 61 -13.17 -26.30 4.96
CA ARG A 61 -12.70 -25.25 5.85
C ARG A 61 -12.32 -25.81 7.21
N PHE A 62 -13.10 -26.75 7.72
CA PHE A 62 -12.85 -27.36 9.01
C PHE A 62 -11.78 -28.43 8.89
N SER A 63 -10.78 -28.38 9.78
CA SER A 63 -9.73 -29.38 9.81
C SER A 63 -9.26 -29.57 11.24
N GLY A 64 -8.85 -30.79 11.56
CA GLY A 64 -8.37 -31.11 12.89
C GLY A 64 -6.95 -31.62 12.89
N SER A 65 -6.27 -31.51 14.03
CA SER A 65 -4.90 -32.00 14.16
C SER A 65 -4.59 -32.19 15.63
N GLY A 66 -3.45 -32.82 15.90
CA GLY A 66 -3.01 -33.03 17.26
C GLY A 66 -2.88 -34.50 17.66
N SER A 67 -2.08 -34.76 18.68
CA SER A 67 -1.91 -36.11 19.20
C SER A 67 -1.41 -36.01 20.64
N GLY A 68 -1.82 -36.99 21.45
CA GLY A 68 -1.41 -37.01 22.84
C GLY A 68 -2.40 -36.33 23.78
N THR A 69 -2.13 -35.07 24.12
CA THR A 69 -2.98 -34.33 25.04
C THR A 69 -3.43 -32.98 24.53
N GLU A 70 -2.96 -32.55 23.36
CA GLU A 70 -3.31 -31.25 22.79
C GLU A 70 -3.91 -31.44 21.41
N PHE A 71 -5.05 -30.80 21.16
CA PHE A 71 -5.76 -30.94 19.89
C PHE A 71 -6.29 -29.58 19.47
N THR A 72 -6.46 -29.41 18.15
CA THR A 72 -6.84 -28.13 17.58
C THR A 72 -7.81 -28.33 16.43
N LEU A 73 -8.91 -27.58 16.46
CA LEU A 73 -9.83 -27.46 15.33
C LEU A 73 -9.61 -26.09 14.69
N THR A 74 -9.27 -26.09 13.40
CA THR A 74 -8.98 -24.86 12.67
C THR A 74 -10.06 -24.63 11.61
N ILE A 75 -10.64 -23.43 11.62
CA ILE A 75 -11.61 -23.06 10.59
C ILE A 75 -10.99 -21.97 9.73
N SER A 76 -10.37 -22.37 8.63
CA SER A 76 -9.74 -21.44 7.70
C SER A 76 -10.77 -20.96 6.68
N GLY A 77 -11.08 -19.67 6.73
CA GLY A 77 -12.12 -19.13 5.87
C GLY A 77 -13.48 -19.14 6.56
N LEU A 78 -13.61 -18.36 7.63
CA LEU A 78 -14.83 -18.33 8.40
C LEU A 78 -15.98 -17.76 7.57
N GLN A 79 -17.12 -18.44 7.61
CA GLN A 79 -18.29 -18.07 6.83
C GLN A 79 -19.46 -17.73 7.75
N PRO A 80 -20.49 -17.04 7.25
CA PRO A 80 -21.58 -16.59 8.14
C PRO A 80 -22.21 -17.69 8.99
N ASP A 81 -22.43 -18.88 8.44
CA ASP A 81 -23.07 -19.94 9.21
C ASP A 81 -22.12 -20.64 10.18
N ASP A 82 -20.83 -20.30 10.17
CA ASP A 82 -19.86 -20.93 11.05
C ASP A 82 -19.82 -20.30 12.44
N PHE A 83 -20.49 -19.18 12.65
CA PHE A 83 -20.42 -18.45 13.93
C PHE A 83 -21.39 -19.07 14.95
N VAL A 84 -21.14 -20.33 15.27
CA VAL A 84 -21.89 -21.06 16.29
C VAL A 84 -20.92 -21.54 17.36
N THR A 85 -21.28 -22.61 18.06
CA THR A 85 -20.44 -23.17 19.10
C THR A 85 -19.83 -24.50 18.64
N TYR A 86 -18.68 -24.84 19.20
CA TYR A 86 -17.92 -26.02 18.81
C TYR A 86 -17.45 -26.76 20.06
N TYR A 87 -17.63 -28.07 20.07
CA TYR A 87 -17.25 -28.93 21.18
C TYR A 87 -16.18 -29.92 20.75
N CYS A 88 -15.31 -30.28 21.71
CA CYS A 88 -14.39 -31.39 21.53
C CYS A 88 -14.82 -32.56 22.40
N LEU A 89 -14.56 -33.77 21.93
CA LEU A 89 -15.03 -34.99 22.58
C LEU A 89 -13.98 -36.07 22.45
N GLN A 90 -13.70 -36.76 23.56
CA GLN A 90 -12.82 -37.92 23.55
C GLN A 90 -13.66 -39.20 23.46
N ASN A 91 -13.16 -40.17 22.71
CA ASN A 91 -13.83 -41.46 22.54
C ASN A 91 -12.87 -42.61 22.80
N MET A 92 -12.03 -42.48 23.82
CA MET A 92 -11.13 -43.56 24.23
C MET A 92 -11.80 -44.40 25.31
N ARG A 93 -11.98 -43.82 26.50
CA ARG A 93 -12.66 -44.47 27.61
C ARG A 93 -13.95 -43.69 27.87
N TYR A 94 -15.09 -44.28 27.49
CA TYR A 94 -16.40 -43.65 27.58
C TYR A 94 -16.37 -42.39 26.69
N TRP A 95 -17.12 -41.35 27.07
CA TRP A 95 -17.23 -40.15 26.24
C TRP A 95 -17.33 -38.93 27.15
N THR A 96 -16.34 -38.05 27.06
CA THR A 96 -16.30 -36.81 27.84
C THR A 96 -16.27 -35.63 26.88
N PHE A 97 -17.30 -34.79 26.95
CA PHE A 97 -17.42 -33.64 26.06
C PHE A 97 -16.62 -32.45 26.60
N GLY A 98 -16.26 -31.57 25.68
CA GLY A 98 -15.66 -30.30 26.05
C GLY A 98 -16.71 -29.32 26.55
N GLN A 99 -16.25 -28.10 26.83
CA GLN A 99 -17.12 -27.07 27.37
C GLN A 99 -17.72 -26.16 26.30
N GLY A 100 -17.19 -26.20 25.08
CA GLY A 100 -17.76 -25.42 24.00
C GLY A 100 -17.10 -24.07 23.82
N THR A 101 -16.91 -23.68 22.56
CA THR A 101 -16.34 -22.38 22.21
C THR A 101 -17.33 -21.63 21.33
N LYS A 102 -17.75 -20.45 21.78
CA LYS A 102 -18.68 -19.62 21.04
C LYS A 102 -17.90 -18.71 20.10
N VAL A 103 -18.17 -18.82 18.81
CA VAL A 103 -17.53 -17.99 17.78
C VAL A 103 -18.52 -16.91 17.39
N GLU A 104 -18.21 -15.66 17.74
CA GLU A 104 -19.06 -14.52 17.43
C GLU A 104 -18.45 -13.68 16.33
N ILE A 105 -19.24 -12.73 15.84
CA ILE A 105 -18.80 -11.83 14.78
C ILE A 105 -18.22 -10.57 15.41
N LYS A 106 -16.94 -10.31 15.15
CA LYS A 106 -16.29 -9.10 15.65
C LYS A 106 -16.70 -7.92 14.79
N ARG A 107 -17.16 -6.85 15.44
CA ARG A 107 -17.57 -5.64 14.75
C ARG A 107 -17.11 -4.43 15.55
N THR A 108 -17.38 -3.24 15.02
CA THR A 108 -17.00 -2.00 15.68
C THR A 108 -17.86 -1.76 16.92
N VAL A 109 -17.31 -0.98 17.84
CA VAL A 109 -17.99 -0.70 19.11
C VAL A 109 -19.25 0.10 18.86
N ALA A 110 -20.31 -0.23 19.59
CA ALA A 110 -21.59 0.47 19.49
C ALA A 110 -22.12 0.72 20.90
N ALA A 111 -22.39 1.98 21.21
CA ALA A 111 -22.88 2.33 22.53
C ALA A 111 -24.35 1.94 22.66
N PRO A 112 -24.78 1.48 23.83
CA PRO A 112 -26.18 1.07 24.01
C PRO A 112 -27.11 2.27 24.15
N SER A 113 -28.39 2.02 23.86
CA SER A 113 -29.45 2.97 24.11
C SER A 113 -30.15 2.53 25.39
N VAL A 114 -29.99 3.32 26.45
CA VAL A 114 -30.48 2.95 27.78
C VAL A 114 -31.89 3.50 27.97
N PHE A 115 -32.80 2.62 28.37
CA PHE A 115 -34.17 2.98 28.73
C PHE A 115 -34.47 2.45 30.11
N ILE A 116 -35.42 3.09 30.80
CA ILE A 116 -35.84 2.66 32.13
C ILE A 116 -37.36 2.63 32.17
N PHE A 117 -37.91 1.65 32.89
CA PHE A 117 -39.35 1.42 32.95
C PHE A 117 -39.79 1.39 34.41
N PRO A 118 -40.77 2.19 34.80
CA PRO A 118 -41.29 2.13 36.17
C PRO A 118 -42.15 0.91 36.38
N PRO A 119 -42.44 0.55 37.63
CA PRO A 119 -43.37 -0.56 37.88
C PRO A 119 -44.79 -0.20 37.45
N SER A 120 -45.44 -1.15 36.79
CA SER A 120 -46.82 -0.94 36.35
C SER A 120 -47.76 -0.86 37.54
N ASP A 121 -48.85 -0.10 37.37
CA ASP A 121 -49.83 0.04 38.43
C ASP A 121 -50.58 -1.26 38.67
N GLU A 122 -50.77 -2.07 37.63
CA GLU A 122 -51.39 -3.38 37.82
C GLU A 122 -50.53 -4.27 38.71
N GLN A 123 -49.20 -4.14 38.58
CA GLN A 123 -48.29 -4.96 39.38
C GLN A 123 -48.22 -4.49 40.82
N LEU A 124 -48.28 -3.17 41.05
CA LEU A 124 -48.23 -2.64 42.40
C LEU A 124 -49.45 -3.05 43.22
N LYS A 125 -50.54 -3.44 42.57
CA LYS A 125 -51.68 -4.01 43.28
C LYS A 125 -51.31 -5.33 43.96
N SER A 126 -50.25 -5.99 43.51
CA SER A 126 -49.86 -7.30 44.00
C SER A 126 -48.92 -7.25 45.20
N GLY A 127 -48.21 -6.13 45.39
CA GLY A 127 -47.27 -6.01 46.48
C GLY A 127 -45.82 -6.18 46.10
N THR A 128 -45.49 -6.17 44.81
CA THR A 128 -44.11 -6.25 44.36
C THR A 128 -43.92 -5.27 43.20
N ALA A 129 -42.80 -4.55 43.23
CA ALA A 129 -42.46 -3.59 42.19
C ALA A 129 -41.25 -4.11 41.42
N SER A 130 -41.32 -4.03 40.09
CA SER A 130 -40.21 -4.43 39.22
C SER A 130 -39.80 -3.24 38.37
N VAL A 131 -38.52 -2.88 38.45
CA VAL A 131 -37.95 -1.80 37.65
C VAL A 131 -37.08 -2.44 36.57
N VAL A 132 -37.36 -2.10 35.31
CA VAL A 132 -36.70 -2.71 34.15
C VAL A 132 -35.80 -1.66 33.50
N CYS A 133 -34.56 -2.03 33.24
CA CYS A 133 -33.62 -1.18 32.51
C CYS A 133 -33.14 -1.92 31.27
N LEU A 134 -33.18 -1.25 30.13
CA LEU A 134 -32.89 -1.84 28.83
C LEU A 134 -31.61 -1.25 28.24
N LEU A 135 -30.76 -2.12 27.72
CA LEU A 135 -29.59 -1.72 26.93
C LEU A 135 -29.75 -2.34 25.55
N ASN A 136 -29.99 -1.51 24.54
CA ASN A 136 -30.44 -1.97 23.23
C ASN A 136 -29.32 -1.83 22.21
N ASN A 137 -28.98 -2.94 21.55
CA ASN A 137 -28.08 -2.98 20.40
C ASN A 137 -26.72 -2.35 20.67
N PHE A 138 -25.84 -3.09 21.35
CA PHE A 138 -24.50 -2.61 21.67
C PHE A 138 -23.48 -3.69 21.41
N TYR A 139 -22.21 -3.28 21.32
CA TYR A 139 -21.10 -4.19 21.08
C TYR A 139 -19.84 -3.59 21.68
N PRO A 140 -19.02 -4.38 22.39
CA PRO A 140 -19.20 -5.82 22.65
C PRO A 140 -20.20 -6.11 23.78
N ARG A 141 -20.28 -7.39 24.17
CA ARG A 141 -21.29 -7.81 25.14
C ARG A 141 -21.00 -7.28 26.54
N GLU A 142 -19.72 -7.01 26.86
CA GLU A 142 -19.34 -6.60 28.21
C GLU A 142 -19.96 -5.24 28.55
N ALA A 143 -20.80 -5.21 29.58
CA ALA A 143 -21.43 -3.98 30.03
C ALA A 143 -21.82 -4.13 31.49
N LYS A 144 -21.57 -3.07 32.27
CA LYS A 144 -21.82 -3.07 33.70
C LYS A 144 -23.04 -2.20 34.00
N VAL A 145 -24.04 -2.78 34.65
CA VAL A 145 -25.25 -2.08 35.05
C VAL A 145 -25.29 -2.02 36.57
N GLN A 146 -25.53 -0.82 37.10
CA GLN A 146 -25.67 -0.62 38.53
C GLN A 146 -26.97 0.12 38.81
N TRP A 147 -27.58 -0.21 39.94
CA TRP A 147 -28.85 0.37 40.35
C TRP A 147 -28.65 1.24 41.59
N LYS A 148 -29.27 2.42 41.58
CA LYS A 148 -29.21 3.36 42.69
C LYS A 148 -30.63 3.79 43.04
N VAL A 149 -31.05 3.50 44.26
CA VAL A 149 -32.34 3.93 44.78
C VAL A 149 -32.07 5.05 45.77
N ASP A 150 -32.40 6.28 45.40
CA ASP A 150 -32.04 7.48 46.15
C ASP A 150 -30.52 7.59 46.29
N ASN A 151 -29.82 7.33 45.19
CA ASN A 151 -28.35 7.34 45.13
C ASN A 151 -27.71 6.30 46.03
N ALA A 152 -28.48 5.31 46.47
CA ALA A 152 -27.98 4.21 47.29
C ALA A 152 -27.79 3.00 46.38
N LEU A 153 -26.53 2.58 46.19
CA LEU A 153 -26.23 1.49 45.29
C LEU A 153 -26.88 0.19 45.76
N GLN A 154 -27.46 -0.54 44.82
CA GLN A 154 -28.11 -1.82 45.10
C GLN A 154 -27.16 -2.94 44.70
N SER A 155 -26.70 -3.72 45.68
CA SER A 155 -25.79 -4.82 45.40
C SER A 155 -26.55 -6.06 44.94
N GLY A 156 -27.41 -6.58 45.79
CA GLY A 156 -28.22 -7.73 45.47
C GLY A 156 -29.53 -7.35 44.79
N ASN A 157 -30.51 -8.23 44.91
CA ASN A 157 -31.87 -8.05 44.38
C ASN A 157 -31.87 -7.48 42.96
N SER A 158 -31.05 -8.07 42.09
CA SER A 158 -31.07 -7.72 40.68
C SER A 158 -30.67 -8.95 39.86
N GLN A 159 -31.24 -9.04 38.66
CA GLN A 159 -30.94 -10.12 37.73
C GLN A 159 -30.89 -9.58 36.31
N GLU A 160 -29.87 -9.98 35.57
CA GLU A 160 -29.66 -9.54 34.19
C GLU A 160 -30.04 -10.66 33.22
N SER A 161 -30.12 -10.29 31.95
CA SER A 161 -30.46 -11.22 30.89
C SER A 161 -30.00 -10.62 29.57
N VAL A 162 -29.26 -11.39 28.79
CA VAL A 162 -28.67 -10.92 27.54
C VAL A 162 -29.16 -11.77 26.38
N THR A 163 -29.49 -11.12 25.28
CA THR A 163 -29.90 -11.81 24.07
C THR A 163 -28.67 -12.38 23.35
N GLU A 164 -28.94 -13.30 22.42
CA GLU A 164 -27.88 -13.78 21.55
C GLU A 164 -27.50 -12.69 20.56
N GLN A 165 -26.35 -12.88 19.90
CA GLN A 165 -25.87 -11.87 18.97
C GLN A 165 -26.81 -11.73 17.79
N ASP A 166 -27.03 -10.49 17.37
CA ASP A 166 -27.97 -10.22 16.28
C ASP A 166 -27.38 -10.68 14.95
N SER A 167 -28.25 -11.21 14.08
CA SER A 167 -27.82 -11.64 12.75
C SER A 167 -27.78 -10.51 11.75
N LYS A 168 -28.23 -9.32 12.12
CA LYS A 168 -28.20 -8.14 11.25
C LYS A 168 -27.16 -7.12 11.69
N ASP A 169 -27.21 -6.69 12.94
CA ASP A 169 -26.29 -5.67 13.46
C ASP A 169 -25.08 -6.28 14.17
N SER A 170 -25.10 -7.59 14.44
CA SER A 170 -24.06 -8.24 15.25
C SER A 170 -23.93 -7.61 16.63
N THR A 171 -25.02 -7.05 17.14
CA THR A 171 -25.05 -6.37 18.42
C THR A 171 -25.72 -7.24 19.47
N TYR A 172 -25.64 -6.79 20.72
CA TYR A 172 -26.25 -7.48 21.85
C TYR A 172 -27.25 -6.55 22.53
N SER A 173 -28.11 -7.15 23.36
CA SER A 173 -29.07 -6.39 24.15
C SER A 173 -29.14 -7.00 25.55
N LEU A 174 -29.28 -6.13 26.55
CA LEU A 174 -29.32 -6.54 27.94
C LEU A 174 -30.54 -5.92 28.62
N SER A 175 -31.10 -6.65 29.59
CA SER A 175 -32.23 -6.15 30.37
C SER A 175 -32.04 -6.58 31.82
N SER A 176 -31.88 -5.61 32.70
CA SER A 176 -31.73 -5.85 34.13
C SER A 176 -33.04 -5.55 34.84
N THR A 177 -33.35 -6.35 35.86
CA THR A 177 -34.61 -6.23 36.59
C THR A 177 -34.31 -6.03 38.07
N LEU A 178 -34.72 -4.89 38.61
CA LEU A 178 -34.57 -4.58 40.03
C LEU A 178 -35.86 -4.96 40.74
N THR A 179 -35.76 -5.93 41.66
CA THR A 179 -36.94 -6.49 42.35
C THR A 179 -37.00 -5.95 43.78
N LEU A 180 -38.04 -5.17 44.06
CA LEU A 180 -38.26 -4.60 45.38
C LEU A 180 -39.70 -4.83 45.80
N SER A 181 -39.94 -4.81 47.11
CA SER A 181 -41.30 -4.91 47.63
C SER A 181 -42.01 -3.57 47.49
N LYS A 182 -43.35 -3.65 47.45
CA LYS A 182 -44.14 -2.43 47.27
C LYS A 182 -43.92 -1.44 48.42
N ALA A 183 -43.79 -1.95 49.64
CA ALA A 183 -43.49 -1.07 50.77
C ALA A 183 -42.12 -0.45 50.63
N ASP A 184 -41.14 -1.23 50.16
CA ASP A 184 -39.80 -0.68 49.95
C ASP A 184 -39.76 0.28 48.77
N TYR A 185 -40.65 0.08 47.78
CA TYR A 185 -40.70 0.96 46.63
C TYR A 185 -41.31 2.31 46.98
N GLU A 186 -42.22 2.35 47.96
CA GLU A 186 -42.83 3.60 48.38
C GLU A 186 -41.93 4.44 49.27
N LYS A 187 -40.90 3.83 49.89
CA LYS A 187 -40.06 4.56 50.83
C LYS A 187 -39.16 5.56 50.13
N HIS A 188 -38.82 5.32 48.87
CA HIS A 188 -37.85 6.14 48.15
C HIS A 188 -38.47 6.71 46.89
N LYS A 189 -37.81 7.73 46.34
CA LYS A 189 -38.34 8.52 45.23
C LYS A 189 -37.63 8.26 43.91
N VAL A 190 -36.30 8.36 43.87
CA VAL A 190 -35.54 8.32 42.63
C VAL A 190 -35.05 6.90 42.37
N TYR A 191 -35.15 6.46 41.11
CA TYR A 191 -34.69 5.13 40.69
C TYR A 191 -33.88 5.30 39.42
N ALA A 192 -32.56 5.11 39.53
CA ALA A 192 -31.63 5.34 38.43
C ALA A 192 -31.01 4.05 37.96
N CYS A 193 -30.56 4.06 36.69
CA CYS A 193 -29.88 2.93 36.07
C CYS A 193 -28.57 3.45 35.46
N GLU A 194 -27.47 3.20 36.15
CA GLU A 194 -26.15 3.63 35.66
C GLU A 194 -25.54 2.53 34.80
N VAL A 195 -25.10 2.90 33.60
CA VAL A 195 -24.63 1.95 32.60
C VAL A 195 -23.20 2.28 32.23
N THR A 196 -22.33 1.28 32.31
CA THR A 196 -20.92 1.41 31.93
C THR A 196 -20.65 0.53 30.73
N HIS A 197 -20.10 1.13 29.67
CA HIS A 197 -19.80 0.41 28.44
C HIS A 197 -18.67 1.11 27.71
N GLN A 198 -17.99 0.35 26.84
CA GLN A 198 -16.84 0.89 26.11
C GLN A 198 -17.25 2.02 25.18
N GLY A 199 -18.45 1.95 24.61
CA GLY A 199 -18.93 3.01 23.73
C GLY A 199 -19.26 4.30 24.44
N LEU A 200 -19.21 4.32 25.76
CA LEU A 200 -19.54 5.50 26.56
C LEU A 200 -18.29 6.01 27.25
N SER A 201 -17.89 7.24 26.93
CA SER A 201 -16.73 7.84 27.60
C SER A 201 -17.00 8.04 29.08
N SER A 202 -18.26 8.27 29.45
CA SER A 202 -18.69 8.45 30.83
C SER A 202 -20.00 7.70 31.00
N PRO A 203 -20.26 7.10 32.16
CA PRO A 203 -21.46 6.28 32.32
C PRO A 203 -22.73 7.09 32.11
N VAL A 204 -23.70 6.48 31.44
CA VAL A 204 -25.00 7.09 31.17
C VAL A 204 -25.99 6.58 32.21
N THR A 205 -26.76 7.51 32.80
CA THR A 205 -27.70 7.19 33.87
C THR A 205 -29.09 7.67 33.47
N LYS A 206 -30.01 6.73 33.32
CA LYS A 206 -31.42 7.03 33.14
C LYS A 206 -32.14 6.82 34.48
N SER A 207 -33.07 7.72 34.79
CA SER A 207 -33.73 7.68 36.08
C SER A 207 -35.17 8.15 35.94
N PHE A 208 -35.92 8.06 37.04
CA PHE A 208 -37.29 8.53 37.10
C PHE A 208 -37.70 8.65 38.57
N ASN A 209 -38.59 9.60 38.85
CA ASN A 209 -39.17 9.75 40.17
C ASN A 209 -40.58 9.16 40.18
N ARG A 210 -41.05 8.83 41.38
CA ARG A 210 -42.40 8.28 41.51
C ARG A 210 -43.48 9.31 41.21
N GLY A 211 -43.12 10.57 41.00
CA GLY A 211 -44.07 11.60 40.62
C GLY A 211 -43.76 12.19 39.26
N GLU A 212 -44.33 11.59 38.20
CA GLU A 212 -44.12 12.06 36.85
C GLU A 212 -45.38 11.94 36.01
N ASP B 1 14.69 21.00 -6.94
CA ASP B 1 15.16 20.86 -5.57
C ASP B 1 14.25 21.58 -4.59
N ILE B 2 14.49 21.41 -3.30
CA ILE B 2 13.74 22.07 -2.25
C ILE B 2 14.63 23.12 -1.60
N GLN B 3 14.14 24.36 -1.53
CA GLN B 3 14.88 25.45 -0.93
C GLN B 3 14.52 25.61 0.54
N MET B 4 15.49 26.05 1.33
CA MET B 4 15.31 26.31 2.75
C MET B 4 15.78 27.72 3.07
N THR B 5 14.91 28.50 3.72
CA THR B 5 15.22 29.88 4.09
C THR B 5 14.89 30.09 5.56
N GLN B 6 15.84 30.64 6.29
CA GLN B 6 15.66 30.94 7.71
C GLN B 6 15.45 32.43 7.92
N SER B 7 14.67 32.77 8.94
CA SER B 7 14.36 34.15 9.27
C SER B 7 14.44 34.30 10.79
N PRO B 8 15.22 35.26 11.31
CA PRO B 8 16.04 36.21 10.56
C PRO B 8 17.44 35.67 10.26
N SER B 9 18.24 36.44 9.53
CA SER B 9 19.63 36.05 9.30
C SER B 9 20.49 36.28 10.53
N THR B 10 20.18 37.31 11.33
CA THR B 10 20.94 37.63 12.51
C THR B 10 19.98 37.93 13.65
N LEU B 11 20.21 37.32 14.80
CA LEU B 11 19.38 37.50 15.99
C LEU B 11 20.20 38.19 17.07
N SER B 12 19.61 39.19 17.70
CA SER B 12 20.28 39.96 18.75
C SER B 12 19.49 39.84 20.04
N ALA B 13 20.11 39.26 21.06
CA ALA B 13 19.45 39.02 22.33
C ALA B 13 20.51 38.97 23.44
N SER B 14 20.05 38.85 24.68
CA SER B 14 20.91 38.74 25.83
C SER B 14 20.76 37.36 26.48
N VAL B 15 21.72 37.04 27.36
CA VAL B 15 21.66 35.77 28.08
C VAL B 15 20.39 35.71 28.90
N GLY B 16 19.66 34.60 28.77
CA GLY B 16 18.40 34.40 29.46
C GLY B 16 17.19 34.66 28.60
N ASP B 17 17.37 35.21 27.40
CA ASP B 17 16.25 35.49 26.52
C ASP B 17 15.67 34.21 25.94
N ARG B 18 14.46 34.32 25.41
CA ARG B 18 13.82 33.27 24.64
C ARG B 18 13.73 33.75 23.19
N VAL B 19 14.39 33.05 22.29
CA VAL B 19 14.44 33.45 20.89
C VAL B 19 13.94 32.31 20.02
N THR B 20 13.44 32.67 18.84
CA THR B 20 12.87 31.70 17.90
C THR B 20 13.42 31.96 16.51
N ILE B 21 13.93 30.90 15.87
CA ILE B 21 14.37 30.93 14.49
C ILE B 21 13.35 30.18 13.65
N THR B 22 12.93 30.77 12.53
CA THR B 22 11.90 30.20 11.69
C THR B 22 12.50 29.76 10.36
N CYS B 23 12.11 28.56 9.91
CA CYS B 23 12.64 27.93 8.71
C CYS B 23 11.47 27.56 7.81
N ARG B 24 11.47 28.08 6.59
CA ARG B 24 10.38 27.82 5.66
C ARG B 24 10.87 27.06 4.43
N ALA B 25 10.09 26.07 4.01
CA ALA B 25 10.39 25.20 2.89
C ALA B 25 9.67 25.65 1.63
N SER B 26 10.30 25.39 0.48
CA SER B 26 9.69 25.73 -0.80
C SER B 26 8.58 24.78 -1.21
N GLN B 27 8.50 23.61 -0.58
CA GLN B 27 7.39 22.69 -0.77
C GLN B 27 7.19 21.91 0.53
N SER B 28 6.00 21.31 0.67
CA SER B 28 5.67 20.60 1.89
C SER B 28 6.61 19.41 2.08
N ILE B 29 7.18 19.30 3.28
CA ILE B 29 8.13 18.23 3.58
C ILE B 29 7.71 17.52 4.85
N SER B 30 6.45 17.69 5.24
CA SER B 30 5.86 16.98 6.38
C SER B 30 6.62 17.37 7.64
N SER B 31 7.32 16.45 8.31
CA SER B 31 8.10 16.76 9.50
C SER B 31 9.57 16.42 9.32
N TRP B 32 10.03 16.29 8.08
CA TRP B 32 11.43 15.95 7.79
C TRP B 32 12.28 17.21 7.89
N VAL B 33 12.51 17.65 9.12
CA VAL B 33 13.33 18.83 9.40
C VAL B 33 14.21 18.54 10.60
N ALA B 34 15.51 18.79 10.46
CA ALA B 34 16.46 18.73 11.55
C ALA B 34 17.07 20.11 11.76
N TRP B 35 17.70 20.29 12.93
CA TRP B 35 18.33 21.56 13.29
C TRP B 35 19.75 21.28 13.76
N TYR B 36 20.72 21.93 13.13
CA TYR B 36 22.13 21.80 13.50
C TYR B 36 22.65 23.13 14.04
N GLN B 37 23.64 23.03 14.91
CA GLN B 37 24.31 24.19 15.50
C GLN B 37 25.80 24.12 15.18
N GLN B 38 26.35 25.20 14.66
CA GLN B 38 27.76 25.25 14.30
C GLN B 38 28.45 26.34 15.11
N LYS B 39 29.48 25.97 15.83
CA LYS B 39 30.34 26.91 16.49
C LYS B 39 31.50 27.27 15.58
N PRO B 40 32.04 28.49 15.72
CA PRO B 40 33.13 28.93 14.84
C PRO B 40 34.28 27.93 14.82
N GLY B 41 34.68 27.55 13.60
CA GLY B 41 35.79 26.65 13.40
C GLY B 41 35.51 25.18 13.70
N LYS B 42 34.32 24.85 14.18
CA LYS B 42 33.96 23.47 14.49
C LYS B 42 32.85 22.99 13.54
N ALA B 43 32.60 21.70 13.58
CA ALA B 43 31.63 21.07 12.70
C ALA B 43 30.21 21.25 13.23
N PRO B 44 29.20 21.04 12.39
CA PRO B 44 27.82 21.14 12.87
C PRO B 44 27.49 20.04 13.87
N LYS B 45 26.52 20.34 14.74
CA LYS B 45 26.10 19.45 15.81
C LYS B 45 24.59 19.30 15.75
N LEU B 46 24.12 18.05 15.83
CA LEU B 46 22.69 17.78 15.76
C LEU B 46 22.00 18.15 17.08
N LEU B 47 20.89 18.87 16.98
CA LEU B 47 20.12 19.29 18.14
C LEU B 47 18.69 18.75 18.12
N ILE B 48 17.99 18.92 17.00
CA ILE B 48 16.62 18.47 16.84
C ILE B 48 16.54 17.67 15.54
N TYR B 49 15.76 16.60 15.56
CA TYR B 49 15.42 15.88 14.33
C TYR B 49 13.92 15.65 14.32
N LYS B 50 13.39 15.40 13.12
CA LYS B 50 11.96 15.14 12.92
C LYS B 50 11.13 16.31 13.46
N ALA B 51 11.57 17.53 13.13
CA ALA B 51 10.90 18.78 13.51
C ALA B 51 10.96 19.06 15.00
N SER B 52 10.60 18.08 15.84
CA SER B 52 10.41 18.36 17.26
C SER B 52 11.04 17.34 18.19
N ASP B 53 11.89 16.43 17.71
CA ASP B 53 12.50 15.43 18.58
C ASP B 53 13.89 15.91 19.00
N LEU B 54 14.12 15.96 20.31
CA LEU B 54 15.39 16.43 20.85
C LEU B 54 16.43 15.32 20.81
N GLU B 55 17.59 15.62 20.25
CA GLU B 55 18.68 14.66 20.20
C GLU B 55 19.23 14.41 21.60
N THR B 56 19.66 13.17 21.85
CA THR B 56 20.22 12.79 23.14
C THR B 56 21.34 13.74 23.54
N GLY B 57 21.34 14.13 24.82
CA GLY B 57 22.40 14.95 25.37
C GLY B 57 22.24 16.44 25.14
N VAL B 58 21.35 16.87 24.27
CA VAL B 58 21.16 18.30 24.00
C VAL B 58 20.34 18.90 25.15
N PRO B 59 20.74 20.06 25.67
CA PRO B 59 19.98 20.67 26.77
C PRO B 59 18.53 20.92 26.39
N SER B 60 17.67 20.95 27.42
CA SER B 60 16.24 21.05 27.21
C SER B 60 15.78 22.46 26.82
N ARG B 61 16.63 23.47 26.94
CA ARG B 61 16.23 24.81 26.52
C ARG B 61 15.99 24.87 25.02
N PHE B 62 16.65 24.00 24.27
CA PHE B 62 16.42 23.90 22.84
C PHE B 62 15.12 23.14 22.56
N SER B 63 14.39 23.59 21.55
CA SER B 63 13.05 23.09 21.28
C SER B 63 12.68 23.43 19.84
N GLY B 64 12.00 22.52 19.17
CA GLY B 64 11.61 22.73 17.79
C GLY B 64 10.17 22.33 17.56
N SER B 65 9.56 22.98 16.57
CA SER B 65 8.18 22.72 16.21
C SER B 65 8.00 22.97 14.72
N GLY B 66 6.87 22.51 14.19
CA GLY B 66 6.53 22.77 12.80
C GLY B 66 6.11 21.55 12.00
N SER B 67 5.34 21.80 10.94
CA SER B 67 4.90 20.75 10.05
C SER B 67 4.50 21.39 8.72
N GLY B 68 4.73 20.65 7.63
CA GLY B 68 4.42 21.16 6.32
C GLY B 68 5.54 21.98 5.72
N THR B 69 5.42 23.31 5.79
CA THR B 69 6.38 24.21 5.18
C THR B 69 7.13 25.09 6.17
N GLU B 70 6.51 25.47 7.29
CA GLU B 70 7.13 26.36 8.27
C GLU B 70 7.57 25.57 9.49
N PHE B 71 8.76 25.90 10.01
CA PHE B 71 9.36 25.21 11.14
C PHE B 71 10.09 26.22 12.01
N THR B 72 10.05 26.01 13.33
CA THR B 72 10.61 26.95 14.28
C THR B 72 11.54 26.24 15.25
N LEU B 73 12.71 26.84 15.49
CA LEU B 73 13.61 26.44 16.56
C LEU B 73 13.55 27.51 17.65
N THR B 74 13.43 27.08 18.91
CA THR B 74 13.29 27.99 20.02
C THR B 74 14.30 27.67 21.10
N ILE B 75 14.92 28.71 21.66
CA ILE B 75 15.85 28.58 22.78
C ILE B 75 15.28 29.41 23.92
N SER B 76 14.77 28.72 24.95
CA SER B 76 14.15 29.38 26.09
C SER B 76 15.22 29.55 27.17
N GLY B 77 15.74 30.76 27.29
CA GLY B 77 16.84 31.03 28.21
C GLY B 77 18.17 30.83 27.53
N LEU B 78 18.60 31.82 26.74
CA LEU B 78 19.86 31.73 26.04
C LEU B 78 21.03 31.68 27.02
N GLN B 79 21.93 30.74 26.81
CA GLN B 79 23.16 30.59 27.56
C GLN B 79 24.32 31.25 26.82
N PRO B 80 25.39 31.63 27.53
CA PRO B 80 26.54 32.24 26.84
C PRO B 80 27.09 31.42 25.69
N ASP B 81 27.14 30.08 25.83
CA ASP B 81 27.70 29.22 24.80
C ASP B 81 26.77 29.03 23.61
N ASP B 82 25.64 29.73 23.55
CA ASP B 82 24.65 29.53 22.50
C ASP B 82 24.67 30.60 21.43
N PHE B 83 25.54 31.62 21.56
CA PHE B 83 25.57 32.72 20.59
C PHE B 83 26.44 32.33 19.41
N VAL B 84 25.91 31.41 18.60
CA VAL B 84 26.58 30.87 17.43
C VAL B 84 25.61 30.84 16.26
N THR B 85 25.82 29.93 15.32
CA THR B 85 25.03 29.84 14.11
C THR B 85 24.20 28.56 14.11
N TYR B 86 22.96 28.67 13.60
CA TYR B 86 22.01 27.56 13.63
C TYR B 86 21.43 27.36 12.23
N TYR B 87 21.47 26.11 11.76
CA TYR B 87 20.96 25.74 10.44
C TYR B 87 19.79 24.76 10.58
N CYS B 88 18.83 24.87 9.68
CA CYS B 88 17.79 23.86 9.52
C CYS B 88 18.08 23.04 8.27
N LEU B 89 17.75 21.75 8.35
CA LEU B 89 17.99 20.80 7.27
C LEU B 89 16.72 20.04 6.95
N GLN B 90 16.45 19.84 5.67
CA GLN B 90 15.38 18.96 5.23
C GLN B 90 15.97 17.61 4.84
N ASN B 91 15.28 16.54 5.22
CA ASN B 91 15.70 15.18 4.86
C ASN B 91 14.51 14.39 4.33
N MET B 92 13.77 15.01 3.41
CA MET B 92 12.72 14.29 2.65
C MET B 92 13.33 13.72 1.37
N ARG B 93 13.66 14.59 0.42
CA ARG B 93 14.33 14.20 -0.81
C ARG B 93 15.73 14.82 -0.80
N TYR B 94 16.74 13.96 -0.58
CA TYR B 94 18.13 14.38 -0.43
C TYR B 94 18.27 15.26 0.81
N TRP B 95 19.13 16.28 0.75
CA TRP B 95 19.38 17.12 1.93
C TRP B 95 19.66 18.55 1.50
N THR B 96 18.94 19.50 2.11
CA THR B 96 19.14 20.92 1.86
C THR B 96 19.15 21.68 3.17
N PHE B 97 20.18 22.49 3.37
CA PHE B 97 20.30 23.33 4.55
C PHE B 97 19.75 24.73 4.29
N GLY B 98 19.41 25.42 5.37
CA GLY B 98 19.14 26.84 5.30
C GLY B 98 20.42 27.63 5.21
N GLN B 99 20.27 28.96 5.17
CA GLN B 99 21.46 29.81 5.05
C GLN B 99 22.17 30.00 6.39
N GLY B 100 21.48 29.78 7.49
CA GLY B 100 22.09 29.94 8.80
C GLY B 100 21.61 31.21 9.49
N THR B 101 21.61 31.17 10.82
CA THR B 101 21.24 32.32 11.65
C THR B 101 22.28 32.48 12.74
N LYS B 102 22.95 33.63 12.74
CA LYS B 102 23.89 33.96 13.81
C LYS B 102 23.11 34.58 14.97
N VAL B 103 23.27 34.00 16.16
CA VAL B 103 22.72 34.59 17.38
C VAL B 103 23.81 35.47 17.99
N GLU B 104 23.51 36.76 18.13
CA GLU B 104 24.47 37.77 18.51
C GLU B 104 24.08 38.39 19.86
N ILE B 105 25.09 38.75 20.64
CA ILE B 105 24.86 39.33 21.96
C ILE B 105 24.47 40.80 21.77
N LYS B 106 23.31 41.18 22.31
CA LYS B 106 22.89 42.57 22.25
C LYS B 106 23.58 43.38 23.35
N ARG B 107 23.98 44.59 22.98
CA ARG B 107 24.84 45.44 23.80
C ARG B 107 24.40 46.88 23.61
N THR B 108 24.78 47.75 24.54
CA THR B 108 24.52 49.16 24.34
C THR B 108 25.33 49.68 23.16
N VAL B 109 24.80 50.73 22.52
CA VAL B 109 25.47 51.31 21.37
C VAL B 109 26.84 51.83 21.78
N ALA B 110 27.84 51.60 20.91
CA ALA B 110 29.20 52.03 21.17
C ALA B 110 29.78 52.57 19.88
N ALA B 111 30.22 53.83 19.90
CA ALA B 111 30.77 54.46 18.71
C ALA B 111 32.17 53.93 18.44
N PRO B 112 32.58 53.89 17.17
CA PRO B 112 33.92 53.41 16.84
C PRO B 112 35.01 54.43 17.13
N SER B 113 36.22 53.92 17.39
CA SER B 113 37.41 54.74 17.54
C SER B 113 38.16 54.69 16.21
N VAL B 114 38.10 55.78 15.47
CA VAL B 114 38.56 55.81 14.08
C VAL B 114 40.03 56.20 14.03
N PHE B 115 40.80 55.45 13.25
CA PHE B 115 42.23 55.71 13.05
C PHE B 115 42.57 55.52 11.58
N ILE B 116 43.42 56.40 11.06
CA ILE B 116 43.87 56.35 9.67
C ILE B 116 45.38 56.16 9.67
N PHE B 117 45.87 55.39 8.70
CA PHE B 117 47.29 55.02 8.64
C PHE B 117 47.85 55.34 7.26
N PRO B 118 48.87 56.17 7.16
CA PRO B 118 49.50 56.44 5.86
C PRO B 118 50.22 55.21 5.32
N PRO B 119 50.53 55.18 4.03
CA PRO B 119 51.24 54.02 3.47
C PRO B 119 52.67 53.94 3.97
N SER B 120 53.10 52.73 4.30
CA SER B 120 54.47 52.50 4.70
C SER B 120 55.43 52.89 3.58
N ASP B 121 56.60 53.39 3.96
CA ASP B 121 57.58 53.82 2.97
C ASP B 121 58.18 52.63 2.22
N GLU B 122 58.39 51.52 2.91
CA GLU B 122 58.85 50.31 2.24
C GLU B 122 57.88 49.86 1.16
N GLN B 123 56.58 50.11 1.37
CA GLN B 123 55.58 49.80 0.35
C GLN B 123 55.58 50.81 -0.79
N LEU B 124 55.86 52.09 -0.48
CA LEU B 124 55.85 53.11 -1.51
C LEU B 124 56.94 52.86 -2.55
N LYS B 125 58.14 52.48 -2.12
CA LYS B 125 59.21 52.17 -3.07
C LYS B 125 58.93 50.89 -3.83
N SER B 126 57.91 50.11 -3.44
CA SER B 126 57.57 48.88 -4.14
C SER B 126 56.58 49.10 -5.28
N GLY B 127 55.88 50.24 -5.31
CA GLY B 127 54.99 50.54 -6.41
C GLY B 127 53.55 50.84 -6.00
N THR B 128 53.05 50.13 -5.00
CA THR B 128 51.68 50.29 -4.55
C THR B 128 51.61 51.06 -3.25
N ALA B 129 50.42 51.58 -2.95
CA ALA B 129 50.17 52.36 -1.75
C ALA B 129 48.88 51.87 -1.10
N SER B 130 48.98 51.48 0.18
CA SER B 130 47.82 51.03 0.94
C SER B 130 47.56 52.00 2.09
N VAL B 131 46.32 52.41 2.25
CA VAL B 131 45.90 53.33 3.30
C VAL B 131 44.82 52.64 4.12
N VAL B 132 45.09 52.40 5.40
CA VAL B 132 44.23 51.60 6.27
C VAL B 132 43.46 52.53 7.19
N CYS B 133 42.15 52.33 7.27
CA CYS B 133 41.30 53.01 8.23
C CYS B 133 40.76 51.99 9.23
N LEU B 134 40.96 52.26 10.51
CA LEU B 134 40.61 51.33 11.60
C LEU B 134 39.42 51.87 12.37
N LEU B 135 38.38 51.06 12.47
CA LEU B 135 37.19 51.35 13.28
C LEU B 135 37.20 50.35 14.42
N ASN B 136 37.56 50.81 15.62
CA ASN B 136 37.83 49.90 16.73
C ASN B 136 36.64 49.86 17.70
N ASN B 137 36.22 48.65 18.05
CA ASN B 137 35.27 48.37 19.13
C ASN B 137 34.01 49.22 19.04
N PHE B 138 33.09 48.85 18.16
CA PHE B 138 31.81 49.52 18.04
C PHE B 138 30.68 48.51 18.08
N TYR B 139 29.49 49.01 18.39
CA TYR B 139 28.27 48.22 18.36
C TYR B 139 27.12 49.17 18.07
N PRO B 140 26.17 48.78 17.21
CA PRO B 140 26.07 47.51 16.48
C PRO B 140 27.06 47.35 15.34
N ARG B 141 26.95 46.24 14.62
CA ARG B 141 27.92 45.90 13.58
C ARG B 141 27.77 46.78 12.32
N GLU B 142 26.58 47.31 12.08
CA GLU B 142 26.34 48.09 10.87
C GLU B 142 27.16 49.37 10.89
N ALA B 143 27.99 49.55 9.87
CA ALA B 143 28.84 50.74 9.77
C ALA B 143 29.08 51.05 8.30
N LYS B 144 29.42 52.32 8.03
CA LYS B 144 29.67 52.79 6.68
C LYS B 144 31.00 53.55 6.67
N VAL B 145 31.87 53.20 5.73
CA VAL B 145 33.17 53.85 5.56
C VAL B 145 33.26 54.36 4.13
N GLN B 146 33.72 55.60 3.98
CA GLN B 146 33.90 56.21 2.67
C GLN B 146 35.28 56.87 2.62
N TRP B 147 36.01 56.58 1.55
CA TRP B 147 37.35 57.14 1.35
C TRP B 147 37.28 58.41 0.52
N LYS B 148 37.97 59.45 0.99
CA LYS B 148 38.03 60.73 0.30
C LYS B 148 39.48 61.11 0.03
N VAL B 149 39.80 61.38 -1.22
CA VAL B 149 41.12 61.83 -1.64
C VAL B 149 40.95 63.22 -2.22
N ASP B 150 41.47 64.23 -1.51
CA ASP B 150 41.31 65.64 -1.88
C ASP B 150 39.83 65.97 -2.08
N ASN B 151 39.01 65.51 -1.14
CA ASN B 151 37.56 65.68 -1.18
C ASN B 151 36.97 65.11 -2.48
N ALA B 152 37.19 63.81 -2.66
CA ALA B 152 36.66 63.09 -3.81
C ALA B 152 36.45 61.63 -3.41
N LEU B 153 35.21 61.15 -3.55
CA LEU B 153 34.88 59.80 -3.15
C LEU B 153 35.70 58.79 -3.95
N GLN B 154 35.87 57.59 -3.37
CA GLN B 154 36.64 56.52 -3.98
C GLN B 154 35.78 55.27 -4.04
N SER B 155 35.48 54.81 -5.25
CA SER B 155 34.67 53.63 -5.47
C SER B 155 35.49 52.52 -6.11
N GLY B 156 35.28 51.29 -5.67
CA GLY B 156 35.90 50.14 -6.30
C GLY B 156 37.38 50.00 -6.09
N ASN B 157 37.95 50.68 -5.10
CA ASN B 157 39.39 50.60 -4.83
C ASN B 157 39.67 50.41 -3.35
N SER B 158 38.74 49.82 -2.62
CA SER B 158 38.93 49.55 -1.20
C SER B 158 38.22 48.27 -0.81
N GLN B 159 38.76 47.59 0.20
CA GLN B 159 38.18 46.37 0.74
C GLN B 159 38.23 46.43 2.26
N GLU B 160 37.26 45.78 2.89
CA GLU B 160 37.15 45.82 4.35
C GLU B 160 36.77 44.44 4.88
N SER B 161 37.02 44.25 6.17
CA SER B 161 36.55 43.07 6.89
C SER B 161 36.22 43.48 8.32
N VAL B 162 35.39 42.67 8.96
CA VAL B 162 34.95 42.91 10.33
C VAL B 162 35.28 41.68 11.16
N THR B 163 35.77 41.91 12.39
CA THR B 163 36.12 40.81 13.27
C THR B 163 34.86 40.14 13.81
N GLU B 164 35.08 39.03 14.52
CA GLU B 164 34.00 38.41 15.26
C GLU B 164 33.64 39.26 16.47
N GLN B 165 32.40 39.14 16.91
CA GLN B 165 31.96 39.87 18.09
C GLN B 165 32.84 39.50 19.29
N ASP B 166 33.27 40.51 20.03
CA ASP B 166 34.27 40.31 21.07
C ASP B 166 33.67 39.55 22.25
N SER B 167 34.42 38.57 22.75
CA SER B 167 33.97 37.78 23.90
C SER B 167 34.03 38.57 25.20
N LYS B 168 34.65 39.74 25.21
CA LYS B 168 34.76 40.56 26.40
C LYS B 168 34.06 41.92 26.28
N ASP B 169 33.90 42.44 25.07
CA ASP B 169 33.19 43.70 24.86
C ASP B 169 31.85 43.52 24.15
N SER B 170 31.66 42.43 23.42
CA SER B 170 30.53 42.26 22.49
C SER B 170 30.50 43.38 21.46
N THR B 171 31.66 43.90 21.10
CA THR B 171 31.79 44.95 20.10
C THR B 171 32.38 44.37 18.82
N TYR B 172 32.51 45.23 17.81
CA TYR B 172 33.04 44.85 16.51
C TYR B 172 34.15 45.82 16.13
N SER B 173 35.02 45.37 15.23
CA SER B 173 36.08 46.22 14.71
C SER B 173 36.17 46.01 13.20
N LEU B 174 36.41 47.11 12.48
CA LEU B 174 36.45 47.12 11.03
C LEU B 174 37.79 47.70 10.57
N SER B 175 38.28 47.20 9.44
CA SER B 175 39.48 47.73 8.82
C SER B 175 39.29 47.76 7.32
N SER B 176 39.40 48.94 6.72
CA SER B 176 39.26 49.14 5.30
C SER B 176 40.60 49.56 4.71
N THR B 177 40.98 48.94 3.59
CA THR B 177 42.26 49.21 2.95
C THR B 177 42.02 49.84 1.58
N LEU B 178 42.46 51.08 1.43
CA LEU B 178 42.40 51.78 0.14
C LEU B 178 43.72 51.56 -0.60
N THR B 179 43.64 50.99 -1.79
CA THR B 179 44.81 50.57 -2.55
C THR B 179 44.93 51.45 -3.79
N LEU B 180 45.99 52.25 -3.85
CA LEU B 180 46.25 53.15 -4.97
C LEU B 180 47.68 52.96 -5.45
N SER B 181 47.92 53.35 -6.70
CA SER B 181 49.26 53.31 -7.25
C SER B 181 50.10 54.45 -6.68
N LYS B 182 51.42 54.29 -6.79
CA LYS B 182 52.32 55.34 -6.30
C LYS B 182 52.15 56.63 -7.09
N ALA B 183 51.89 56.52 -8.39
CA ALA B 183 51.64 57.72 -9.19
C ALA B 183 50.35 58.41 -8.76
N ASP B 184 49.29 57.64 -8.55
CA ASP B 184 48.03 58.21 -8.09
C ASP B 184 48.12 58.68 -6.65
N TYR B 185 49.02 58.10 -5.86
CA TYR B 185 49.14 58.48 -4.45
C TYR B 185 49.83 59.83 -4.29
N GLU B 186 51.00 59.99 -4.88
CA GLU B 186 51.76 61.23 -4.78
C GLU B 186 51.18 62.33 -5.66
N LYS B 187 50.04 62.09 -6.32
CA LYS B 187 49.38 63.14 -7.07
C LYS B 187 48.53 64.04 -6.17
N HIS B 188 48.05 63.50 -5.05
CA HIS B 188 47.16 64.21 -4.14
C HIS B 188 47.80 64.30 -2.75
N LYS B 189 47.08 64.94 -1.82
CA LYS B 189 47.65 65.23 -0.51
C LYS B 189 46.73 64.90 0.66
N VAL B 190 45.43 65.19 0.55
CA VAL B 190 44.49 65.04 1.65
C VAL B 190 43.77 63.71 1.50
N TYR B 191 44.14 62.73 2.34
CA TYR B 191 43.50 61.42 2.37
C TYR B 191 42.71 61.30 3.65
N ALA B 192 41.39 61.11 3.52
CA ALA B 192 40.47 61.13 4.65
C ALA B 192 39.60 59.89 4.65
N CYS B 193 39.13 59.53 5.84
CA CYS B 193 38.26 58.38 6.05
C CYS B 193 37.02 58.85 6.81
N GLU B 194 35.86 58.78 6.16
CA GLU B 194 34.60 59.21 6.76
C GLU B 194 33.81 57.98 7.23
N VAL B 195 33.35 58.03 8.48
CA VAL B 195 32.68 56.90 9.11
C VAL B 195 31.30 57.34 9.58
N THR B 196 30.29 56.54 9.25
CA THR B 196 28.92 56.75 9.72
C THR B 196 28.52 55.55 10.56
N HIS B 197 28.16 55.81 11.82
CA HIS B 197 27.71 54.76 12.73
C HIS B 197 26.62 55.32 13.62
N GLN B 198 25.80 54.41 14.16
CA GLN B 198 24.66 54.82 14.97
C GLN B 198 25.10 55.56 16.23
N GLY B 199 26.24 55.18 16.81
CA GLY B 199 26.73 55.87 17.98
C GLY B 199 27.23 57.26 17.71
N LEU B 200 27.53 57.58 16.46
CA LEU B 200 28.02 58.90 16.08
C LEU B 200 26.83 59.81 15.76
N SER B 201 26.72 60.92 16.49
CA SER B 201 25.71 61.92 16.18
C SER B 201 26.05 62.69 14.91
N SER B 202 27.27 62.53 14.39
CA SER B 202 27.69 63.15 13.14
C SER B 202 28.82 62.32 12.57
N PRO B 203 28.94 62.22 11.24
CA PRO B 203 30.06 61.46 10.65
C PRO B 203 31.41 62.01 11.11
N VAL B 204 32.34 61.08 11.33
CA VAL B 204 33.68 61.41 11.80
C VAL B 204 34.68 61.18 10.67
N THR B 205 35.68 62.04 10.58
CA THR B 205 36.70 61.95 9.55
C THR B 205 38.08 62.14 10.16
N LYS B 206 38.98 61.19 9.89
CA LYS B 206 40.38 61.26 10.30
C LYS B 206 41.22 61.41 9.04
N SER B 207 41.89 62.55 8.89
CA SER B 207 42.66 62.88 7.69
C SER B 207 44.15 62.78 7.98
N PHE B 208 44.93 62.84 6.90
CA PHE B 208 46.39 62.83 7.00
C PHE B 208 46.95 63.46 5.74
N ASN B 209 47.59 64.62 5.88
CA ASN B 209 48.25 65.25 4.74
C ASN B 209 49.46 64.44 4.31
N ARG B 210 49.56 64.16 3.01
CA ARG B 210 50.65 63.35 2.50
C ARG B 210 51.99 64.00 2.78
N GLY B 211 52.89 63.25 3.43
CA GLY B 211 54.20 63.76 3.77
C GLY B 211 55.14 62.68 4.24
N ASP C 1 13.46 3.74 -19.56
CA ASP C 1 12.75 2.77 -18.73
C ASP C 1 13.47 1.42 -18.73
N ILE C 2 13.11 0.56 -17.78
CA ILE C 2 13.64 -0.80 -17.76
C ILE C 2 13.03 -1.58 -18.91
N GLN C 3 13.84 -2.39 -19.57
CA GLN C 3 13.44 -3.11 -20.78
C GLN C 3 13.40 -4.61 -20.50
N MET C 4 12.32 -5.25 -20.94
CA MET C 4 12.14 -6.69 -20.78
C MET C 4 11.97 -7.32 -22.15
N THR C 5 12.92 -8.19 -22.52
CA THR C 5 12.92 -8.87 -23.81
C THR C 5 12.90 -10.36 -23.55
N GLN C 6 11.82 -11.03 -23.97
CA GLN C 6 11.68 -12.46 -23.75
C GLN C 6 11.83 -13.22 -25.07
N SER C 7 12.27 -14.47 -24.95
CA SER C 7 12.50 -15.37 -26.06
C SER C 7 12.04 -16.75 -25.62
N PRO C 8 11.47 -17.55 -26.54
CA PRO C 8 11.26 -17.27 -27.96
C PRO C 8 9.98 -16.49 -28.23
N SER C 9 9.81 -16.04 -29.48
CA SER C 9 8.53 -15.44 -29.86
C SER C 9 7.47 -16.53 -30.04
N THR C 10 7.83 -17.63 -30.70
CA THR C 10 6.92 -18.75 -30.87
C THR C 10 7.55 -20.00 -30.29
N LEU C 11 6.69 -20.94 -29.88
CA LEU C 11 7.13 -22.16 -29.23
C LEU C 11 6.20 -23.29 -29.66
N SER C 12 6.76 -24.31 -30.31
CA SER C 12 6.00 -25.43 -30.83
C SER C 12 6.31 -26.66 -29.99
N ALA C 13 5.29 -27.24 -29.37
CA ALA C 13 5.48 -28.39 -28.50
C ALA C 13 4.21 -29.24 -28.52
N SER C 14 4.20 -30.28 -27.68
CA SER C 14 3.08 -31.20 -27.60
C SER C 14 2.68 -31.40 -26.15
N VAL C 15 1.46 -31.92 -25.96
CA VAL C 15 0.94 -32.19 -24.63
C VAL C 15 1.92 -33.09 -23.89
N GLY C 16 2.23 -32.73 -22.64
CA GLY C 16 3.15 -33.48 -21.83
C GLY C 16 4.61 -33.09 -21.97
N ASP C 17 4.91 -32.03 -22.70
CA ASP C 17 6.26 -31.53 -22.83
C ASP C 17 6.59 -30.54 -21.71
N ARG C 18 7.88 -30.36 -21.46
CA ARG C 18 8.37 -29.35 -20.54
C ARG C 18 9.04 -28.25 -21.36
N VAL C 19 8.50 -27.04 -21.28
CA VAL C 19 8.95 -25.92 -22.11
C VAL C 19 9.44 -24.79 -21.21
N THR C 20 10.28 -23.94 -21.78
CA THR C 20 10.97 -22.89 -21.03
C THR C 20 10.96 -21.58 -21.80
N ILE C 21 10.50 -20.52 -21.15
CA ILE C 21 10.48 -19.18 -21.73
C ILE C 21 11.42 -18.30 -20.90
N THR C 22 12.49 -17.83 -21.53
CA THR C 22 13.46 -16.96 -20.89
C THR C 22 13.12 -15.50 -21.18
N CYS C 23 13.37 -14.64 -20.19
CA CYS C 23 13.09 -13.22 -20.30
C CYS C 23 14.20 -12.44 -19.62
N ARG C 24 14.71 -11.42 -20.30
CA ARG C 24 15.91 -10.71 -19.90
C ARG C 24 15.59 -9.25 -19.58
N ALA C 25 16.23 -8.73 -18.54
CA ALA C 25 16.04 -7.35 -18.10
C ALA C 25 17.26 -6.51 -18.47
N SER C 26 17.02 -5.23 -18.76
CA SER C 26 18.09 -4.32 -19.16
C SER C 26 18.96 -3.90 -17.98
N GLN C 27 18.46 -4.02 -16.76
CA GLN C 27 19.24 -3.76 -15.56
C GLN C 27 18.75 -4.68 -14.46
N SER C 28 19.54 -4.80 -13.39
CA SER C 28 19.16 -5.68 -12.30
C SER C 28 17.87 -5.20 -11.66
N ILE C 29 16.87 -6.07 -11.65
CA ILE C 29 15.57 -5.80 -11.06
C ILE C 29 15.30 -6.73 -9.89
N SER C 30 16.35 -7.36 -9.35
CA SER C 30 16.25 -8.29 -8.24
C SER C 30 15.31 -9.44 -8.56
N SER C 31 14.13 -9.44 -7.94
CA SER C 31 13.17 -10.52 -8.12
C SER C 31 11.76 -9.99 -8.41
N TRP C 32 11.66 -8.78 -8.95
CA TRP C 32 10.36 -8.17 -9.22
C TRP C 32 9.92 -8.51 -10.66
N VAL C 33 9.59 -9.78 -10.85
CA VAL C 33 9.17 -10.30 -12.15
C VAL C 33 7.89 -11.09 -11.98
N ALA C 34 6.90 -10.78 -12.81
CA ALA C 34 5.64 -11.53 -12.86
C ALA C 34 5.45 -12.14 -14.24
N TRP C 35 4.68 -13.21 -14.30
CA TRP C 35 4.34 -13.86 -15.56
C TRP C 35 2.82 -13.90 -15.70
N TYR C 36 2.34 -13.47 -16.86
CA TYR C 36 0.92 -13.46 -17.17
C TYR C 36 0.63 -14.40 -18.34
N GLN C 37 -0.59 -14.91 -18.37
CA GLN C 37 -1.08 -15.74 -19.46
C GLN C 37 -2.33 -15.11 -20.05
N GLN C 38 -2.38 -15.03 -21.37
CA GLN C 38 -3.53 -14.46 -22.08
C GLN C 38 -4.08 -15.52 -23.03
N LYS C 39 -5.29 -15.95 -22.77
CA LYS C 39 -6.00 -16.83 -23.69
C LYS C 39 -6.79 -15.99 -24.70
N PRO C 40 -6.92 -16.47 -25.93
CA PRO C 40 -7.46 -15.63 -27.00
C PRO C 40 -8.85 -15.10 -26.68
N GLY C 41 -8.98 -13.77 -26.65
CA GLY C 41 -10.23 -13.12 -26.38
C GLY C 41 -10.56 -12.90 -24.92
N LYS C 42 -9.73 -13.42 -24.01
CA LYS C 42 -9.95 -13.26 -22.58
C LYS C 42 -8.87 -12.37 -21.98
N ALA C 43 -9.16 -11.81 -20.81
CA ALA C 43 -8.23 -10.91 -20.16
C ALA C 43 -7.01 -11.67 -19.64
N PRO C 44 -5.86 -11.01 -19.51
CA PRO C 44 -4.68 -11.68 -18.97
C PRO C 44 -4.91 -12.14 -17.53
N LYS C 45 -4.24 -13.23 -17.16
CA LYS C 45 -4.36 -13.80 -15.83
C LYS C 45 -2.97 -14.00 -15.24
N LEU C 46 -2.83 -13.67 -13.96
CA LEU C 46 -1.54 -13.74 -13.28
C LEU C 46 -1.18 -15.18 -12.97
N LEU C 47 0.06 -15.56 -13.30
CA LEU C 47 0.56 -16.91 -13.08
C LEU C 47 1.59 -16.96 -11.96
N ILE C 48 2.71 -16.25 -12.11
CA ILE C 48 3.77 -16.20 -11.11
C ILE C 48 4.00 -14.74 -10.73
N TYR C 49 4.23 -14.49 -9.45
CA TYR C 49 4.65 -13.17 -8.99
C TYR C 49 5.90 -13.31 -8.14
N LYS C 50 6.65 -12.22 -8.04
CA LYS C 50 7.93 -12.19 -7.32
C LYS C 50 8.86 -13.29 -7.83
N ALA C 51 8.85 -13.49 -9.15
CA ALA C 51 9.71 -14.43 -9.86
C ALA C 51 9.41 -15.90 -9.57
N SER C 52 9.04 -16.24 -8.35
CA SER C 52 8.95 -17.65 -7.97
C SER C 52 7.59 -18.05 -7.40
N ASP C 53 6.87 -17.10 -6.82
CA ASP C 53 5.66 -17.43 -6.07
C ASP C 53 4.51 -17.76 -7.00
N LEU C 54 3.88 -18.91 -6.77
CA LEU C 54 2.78 -19.39 -7.61
C LEU C 54 1.46 -18.83 -7.11
N GLU C 55 0.73 -18.14 -8.00
CA GLU C 55 -0.55 -17.56 -7.65
C GLU C 55 -1.55 -18.64 -7.26
N THR C 56 -2.47 -18.28 -6.37
CA THR C 56 -3.49 -19.21 -5.90
C THR C 56 -4.41 -19.60 -7.06
N GLY C 57 -4.68 -20.90 -7.17
CA GLY C 57 -5.52 -21.42 -8.22
C GLY C 57 -4.78 -21.82 -9.48
N VAL C 58 -3.65 -21.20 -9.75
CA VAL C 58 -2.84 -21.57 -10.93
C VAL C 58 -2.26 -22.96 -10.71
N PRO C 59 -2.33 -23.85 -11.71
CA PRO C 59 -1.80 -25.21 -11.51
C PRO C 59 -0.30 -25.22 -11.29
N SER C 60 0.15 -26.24 -10.54
CA SER C 60 1.55 -26.40 -10.20
C SER C 60 2.44 -26.77 -11.39
N ARG C 61 1.85 -27.02 -12.57
CA ARG C 61 2.66 -27.19 -13.76
C ARG C 61 3.51 -25.94 -14.01
N PHE C 62 2.96 -24.77 -13.71
CA PHE C 62 3.66 -23.51 -13.92
C PHE C 62 4.60 -23.23 -12.75
N SER C 63 5.77 -22.69 -13.07
CA SER C 63 6.77 -22.36 -12.07
C SER C 63 7.75 -21.38 -12.67
N GLY C 64 8.28 -20.49 -11.82
CA GLY C 64 9.22 -19.49 -12.26
C GLY C 64 10.47 -19.51 -11.41
N SER C 65 11.54 -18.97 -11.99
CA SER C 65 12.82 -18.85 -11.30
C SER C 65 13.60 -17.70 -11.92
N GLY C 66 14.65 -17.29 -11.22
CA GLY C 66 15.50 -16.21 -11.72
C GLY C 66 15.60 -15.03 -10.79
N SER C 67 16.76 -14.37 -10.78
CA SER C 67 16.99 -13.23 -9.92
C SER C 67 18.05 -12.35 -10.58
N GLY C 68 17.82 -11.04 -10.59
CA GLY C 68 18.75 -10.12 -11.20
C GLY C 68 18.31 -9.66 -12.58
N THR C 69 18.75 -10.36 -13.62
CA THR C 69 18.48 -9.95 -15.00
C THR C 69 17.89 -11.03 -15.89
N GLU C 70 18.04 -12.31 -15.55
CA GLU C 70 17.49 -13.40 -16.35
C GLU C 70 16.44 -14.14 -15.54
N PHE C 71 15.26 -14.37 -16.15
CA PHE C 71 14.15 -15.04 -15.50
C PHE C 71 13.52 -16.00 -16.48
N THR C 72 13.15 -17.19 -16.00
CA THR C 72 12.57 -18.23 -16.84
C THR C 72 11.22 -18.69 -16.27
N LEU C 73 10.27 -18.93 -17.16
CA LEU C 73 9.03 -19.61 -16.85
C LEU C 73 9.10 -21.04 -17.39
N THR C 74 8.65 -21.99 -16.59
CA THR C 74 8.70 -23.40 -16.95
C THR C 74 7.33 -24.02 -16.79
N ILE C 75 6.83 -24.64 -17.86
CA ILE C 75 5.59 -25.42 -17.82
C ILE C 75 5.99 -26.88 -17.91
N SER C 76 5.84 -27.61 -16.81
CA SER C 76 6.22 -29.02 -16.74
C SER C 76 4.99 -29.86 -17.06
N GLY C 77 4.94 -30.38 -18.28
CA GLY C 77 3.79 -31.13 -18.73
C GLY C 77 2.69 -30.23 -19.27
N LEU C 78 2.79 -29.90 -20.55
CA LEU C 78 1.78 -29.06 -21.18
C LEU C 78 0.44 -29.78 -21.23
N GLN C 79 -0.63 -29.03 -20.97
CA GLN C 79 -2.00 -29.49 -21.10
C GLN C 79 -2.66 -28.80 -22.29
N PRO C 80 -3.77 -29.34 -22.80
CA PRO C 80 -4.37 -28.75 -24.01
C PRO C 80 -4.71 -27.28 -23.89
N ASP C 81 -5.15 -26.81 -22.72
CA ASP C 81 -5.55 -25.43 -22.54
C ASP C 81 -4.37 -24.49 -22.28
N ASP C 82 -3.13 -24.97 -22.34
CA ASP C 82 -1.96 -24.16 -22.08
C ASP C 82 -1.38 -23.51 -23.33
N PHE C 83 -1.80 -23.94 -24.52
CA PHE C 83 -1.20 -23.48 -25.78
C PHE C 83 -1.75 -22.09 -26.12
N VAL C 84 -1.25 -21.10 -25.40
CA VAL C 84 -1.65 -19.71 -25.61
C VAL C 84 -0.41 -18.82 -25.54
N THR C 85 -0.58 -17.56 -25.14
CA THR C 85 0.49 -16.58 -25.09
C THR C 85 0.84 -16.23 -23.65
N TYR C 86 2.14 -16.00 -23.40
CA TYR C 86 2.65 -15.73 -22.07
C TYR C 86 3.57 -14.51 -22.11
N TYR C 87 3.43 -13.63 -21.11
CA TYR C 87 4.22 -12.40 -21.01
C TYR C 87 4.99 -12.39 -19.70
N CYS C 88 6.22 -11.88 -19.75
CA CYS C 88 6.93 -11.50 -18.54
C CYS C 88 6.73 -10.02 -18.28
N LEU C 89 6.87 -9.64 -17.01
CA LEU C 89 6.62 -8.27 -16.59
C LEU C 89 7.50 -7.94 -15.41
N GLN C 90 8.30 -6.88 -15.54
CA GLN C 90 9.02 -6.34 -14.38
C GLN C 90 8.16 -5.27 -13.73
N ASN C 91 8.14 -5.28 -12.40
CA ASN C 91 7.38 -4.28 -11.64
C ASN C 91 8.21 -3.66 -10.53
N MET C 92 9.52 -3.55 -10.73
CA MET C 92 10.36 -2.85 -9.76
C MET C 92 10.21 -1.34 -9.92
N ARG C 93 10.63 -0.80 -11.07
CA ARG C 93 10.50 0.61 -11.39
C ARG C 93 9.55 0.73 -12.57
N TYR C 94 8.33 1.18 -12.30
CA TYR C 94 7.27 1.24 -13.31
C TYR C 94 6.99 -0.18 -13.80
N TRP C 95 6.58 -0.34 -15.05
CA TRP C 95 6.17 -1.64 -15.58
C TRP C 95 6.62 -1.80 -17.01
N THR C 96 7.15 -2.99 -17.34
CA THR C 96 7.58 -3.30 -18.69
C THR C 96 7.15 -4.72 -19.03
N PHE C 97 6.33 -4.87 -20.05
CA PHE C 97 5.95 -6.18 -20.55
C PHE C 97 7.00 -6.72 -21.49
N GLY C 98 7.16 -8.04 -21.49
CA GLY C 98 7.92 -8.70 -22.53
C GLY C 98 7.14 -8.72 -23.83
N GLN C 99 7.82 -9.13 -24.89
CA GLN C 99 7.18 -9.16 -26.20
C GLN C 99 6.18 -10.30 -26.33
N GLY C 100 6.24 -11.30 -25.47
CA GLY C 100 5.28 -12.38 -25.47
C GLY C 100 5.82 -13.63 -26.15
N THR C 101 5.24 -14.77 -25.76
CA THR C 101 5.55 -16.06 -26.37
C THR C 101 4.26 -16.79 -26.67
N LYS C 102 3.99 -17.02 -27.95
CA LYS C 102 2.85 -17.83 -28.36
C LYS C 102 3.29 -19.28 -28.46
N VAL C 103 2.50 -20.18 -27.88
CA VAL C 103 2.82 -21.61 -27.82
C VAL C 103 1.87 -22.35 -28.75
N GLU C 104 2.44 -22.97 -29.79
CA GLU C 104 1.70 -23.75 -30.76
C GLU C 104 1.86 -25.25 -30.49
N ILE C 105 0.95 -26.04 -31.06
CA ILE C 105 0.92 -27.48 -30.85
C ILE C 105 1.44 -28.17 -32.11
N LYS C 106 2.05 -29.34 -31.91
CA LYS C 106 2.62 -30.13 -32.99
C LYS C 106 1.64 -31.21 -33.44
N ARG C 107 1.75 -31.60 -34.70
CA ARG C 107 0.96 -32.68 -35.26
C ARG C 107 1.69 -33.26 -36.46
N THR C 108 1.04 -34.22 -37.12
CA THR C 108 1.64 -34.86 -38.28
C THR C 108 1.57 -33.94 -39.50
N VAL C 109 2.43 -34.23 -40.48
CA VAL C 109 2.51 -33.40 -41.69
C VAL C 109 1.20 -33.49 -42.45
N ALA C 110 0.69 -32.34 -42.88
CA ALA C 110 -0.51 -32.27 -43.69
C ALA C 110 -0.25 -31.33 -44.86
N ALA C 111 -0.37 -31.86 -46.07
CA ALA C 111 -0.10 -31.07 -47.26
C ALA C 111 -1.23 -30.08 -47.52
N PRO C 112 -0.92 -28.90 -48.05
CA PRO C 112 -1.98 -27.93 -48.34
C PRO C 112 -2.73 -28.29 -49.61
N SER C 113 -4.05 -28.11 -49.58
CA SER C 113 -4.85 -28.10 -50.79
C SER C 113 -4.79 -26.70 -51.39
N VAL C 114 -4.42 -26.61 -52.65
CA VAL C 114 -4.13 -25.33 -53.30
C VAL C 114 -5.24 -25.00 -54.28
N PHE C 115 -5.78 -23.78 -54.16
CA PHE C 115 -6.78 -23.25 -55.07
C PHE C 115 -6.33 -21.90 -55.57
N ILE C 116 -6.71 -21.56 -56.82
CA ILE C 116 -6.39 -20.28 -57.40
C ILE C 116 -7.68 -19.64 -57.91
N PHE C 117 -7.83 -18.34 -57.70
CA PHE C 117 -9.02 -17.60 -58.05
C PHE C 117 -8.66 -16.44 -58.98
N PRO C 118 -9.26 -16.34 -60.17
CA PRO C 118 -9.01 -15.19 -61.04
C PRO C 118 -9.72 -13.96 -60.51
N PRO C 119 -9.42 -12.77 -61.05
CA PRO C 119 -10.17 -11.58 -60.65
C PRO C 119 -11.60 -11.65 -61.14
N SER C 120 -12.50 -11.07 -60.35
CA SER C 120 -13.88 -10.95 -60.79
C SER C 120 -13.98 -9.95 -61.94
N ASP C 121 -15.02 -10.12 -62.76
CA ASP C 121 -15.29 -9.13 -63.79
C ASP C 121 -15.67 -7.79 -63.17
N GLU C 122 -16.35 -7.82 -62.03
CA GLU C 122 -16.74 -6.58 -61.36
C GLU C 122 -15.52 -5.76 -60.95
N GLN C 123 -14.53 -6.42 -60.33
CA GLN C 123 -13.32 -5.72 -59.92
C GLN C 123 -12.60 -5.13 -61.13
N LEU C 124 -12.64 -5.82 -62.26
CA LEU C 124 -11.98 -5.33 -63.47
C LEU C 124 -12.58 -4.02 -63.96
N LYS C 125 -13.84 -3.73 -63.63
CA LYS C 125 -14.42 -2.44 -63.97
C LYS C 125 -13.66 -1.28 -63.32
N SER C 126 -13.08 -1.52 -62.15
CA SER C 126 -12.35 -0.48 -61.41
C SER C 126 -10.91 -0.33 -61.87
N GLY C 127 -10.46 -1.11 -62.85
CA GLY C 127 -9.10 -0.99 -63.33
C GLY C 127 -8.04 -1.57 -62.40
N THR C 128 -8.38 -2.67 -61.71
CA THR C 128 -7.45 -3.33 -60.81
C THR C 128 -7.79 -4.80 -60.78
N ALA C 129 -6.77 -5.66 -60.74
CA ALA C 129 -6.95 -7.10 -60.75
C ALA C 129 -6.26 -7.71 -59.54
N SER C 130 -7.03 -8.42 -58.72
CA SER C 130 -6.48 -9.21 -57.63
C SER C 130 -6.63 -10.69 -57.98
N VAL C 131 -5.53 -11.43 -57.88
CA VAL C 131 -5.52 -12.87 -58.08
C VAL C 131 -5.17 -13.51 -56.75
N VAL C 132 -6.03 -14.38 -56.25
CA VAL C 132 -5.90 -14.97 -54.93
C VAL C 132 -5.49 -16.43 -55.06
N CYS C 133 -4.54 -16.85 -54.22
CA CYS C 133 -4.14 -18.24 -54.11
C CYS C 133 -4.37 -18.70 -52.66
N LEU C 134 -5.01 -19.85 -52.50
CA LEU C 134 -5.43 -20.36 -51.21
C LEU C 134 -4.67 -21.64 -50.88
N LEU C 135 -4.09 -21.70 -49.69
CA LEU C 135 -3.47 -22.91 -49.16
C LEU C 135 -4.28 -23.34 -47.95
N ASN C 136 -5.02 -24.43 -48.09
CA ASN C 136 -6.06 -24.80 -47.14
C ASN C 136 -5.58 -25.95 -46.24
N ASN C 137 -5.55 -25.69 -44.93
CA ASN C 137 -5.35 -26.71 -43.90
C ASN C 137 -4.07 -27.51 -44.07
N PHE C 138 -2.94 -26.94 -43.67
CA PHE C 138 -1.66 -27.62 -43.75
C PHE C 138 -0.92 -27.52 -42.42
N TYR C 139 0.14 -28.33 -42.30
CA TYR C 139 1.07 -28.28 -41.17
C TYR C 139 2.35 -28.95 -41.62
N PRO C 140 3.54 -28.44 -41.26
CA PRO C 140 3.82 -27.26 -40.43
C PRO C 140 3.47 -25.93 -41.08
N ARG C 141 3.69 -24.83 -40.34
CA ARG C 141 3.26 -23.51 -40.80
C ARG C 141 4.08 -23.01 -41.96
N GLU C 142 5.34 -23.44 -42.06
CA GLU C 142 6.23 -22.93 -43.10
C GLU C 142 5.78 -23.40 -44.48
N ALA C 143 5.40 -22.46 -45.33
CA ALA C 143 5.08 -22.75 -46.72
C ALA C 143 5.69 -21.66 -47.59
N LYS C 144 5.91 -22.00 -48.86
CA LYS C 144 6.48 -21.07 -49.83
C LYS C 144 5.50 -20.91 -50.98
N VAL C 145 5.09 -19.67 -51.25
CA VAL C 145 4.20 -19.35 -52.36
C VAL C 145 4.98 -18.50 -53.35
N GLN C 146 4.90 -18.86 -54.63
CA GLN C 146 5.50 -18.09 -55.70
C GLN C 146 4.44 -17.80 -56.76
N TRP C 147 4.42 -16.55 -57.21
CA TRP C 147 3.52 -16.12 -58.28
C TRP C 147 4.30 -16.05 -59.58
N LYS C 148 3.77 -16.65 -60.64
CA LYS C 148 4.38 -16.65 -61.95
C LYS C 148 3.33 -16.28 -62.99
N VAL C 149 3.53 -15.15 -63.67
CA VAL C 149 2.68 -14.74 -64.78
C VAL C 149 3.44 -15.01 -66.08
N ASP C 150 2.81 -15.77 -66.97
CA ASP C 150 3.46 -16.24 -68.20
C ASP C 150 4.85 -16.84 -67.91
N ASN C 151 4.92 -17.62 -66.83
CA ASN C 151 6.15 -18.27 -66.38
C ASN C 151 7.25 -17.24 -66.08
N ALA C 152 6.88 -16.19 -65.36
CA ALA C 152 7.82 -15.17 -64.90
C ALA C 152 7.60 -14.95 -63.42
N LEU C 153 8.64 -15.19 -62.61
CA LEU C 153 8.51 -15.08 -61.17
C LEU C 153 8.25 -13.62 -60.77
N GLN C 154 7.21 -13.42 -59.97
CA GLN C 154 6.84 -12.08 -59.51
C GLN C 154 7.50 -11.79 -58.17
N SER C 155 7.64 -10.49 -57.89
CA SER C 155 8.17 -10.04 -56.62
C SER C 155 7.70 -8.62 -56.37
N GLY C 156 7.40 -8.30 -55.12
CA GLY C 156 7.01 -6.97 -54.73
C GLY C 156 5.55 -6.62 -54.97
N ASN C 157 4.79 -7.45 -55.66
CA ASN C 157 3.37 -7.20 -55.92
C ASN C 157 2.49 -8.27 -55.27
N SER C 158 2.99 -8.90 -54.21
CA SER C 158 2.28 -9.97 -53.51
C SER C 158 2.22 -9.66 -52.03
N GLN C 159 1.07 -9.94 -51.42
CA GLN C 159 0.91 -9.91 -49.97
C GLN C 159 0.17 -11.17 -49.56
N GLU C 160 0.52 -11.69 -48.38
CA GLU C 160 -0.08 -12.93 -47.90
C GLU C 160 -0.45 -12.80 -46.44
N SER C 161 -1.20 -13.78 -45.96
CA SER C 161 -1.69 -13.79 -44.59
C SER C 161 -2.01 -15.23 -44.20
N VAL C 162 -1.79 -15.54 -42.92
CA VAL C 162 -1.98 -16.89 -42.38
C VAL C 162 -2.97 -16.81 -41.23
N THR C 163 -3.82 -17.83 -41.12
CA THR C 163 -4.77 -17.91 -40.01
C THR C 163 -4.06 -18.39 -38.74
N GLU C 164 -4.75 -18.26 -37.62
CA GLU C 164 -4.28 -18.89 -36.40
C GLU C 164 -4.44 -20.40 -36.51
N GLN C 165 -3.65 -21.13 -35.72
CA GLN C 165 -3.70 -22.58 -35.75
C GLN C 165 -5.10 -23.06 -35.38
N ASP C 166 -5.64 -23.95 -36.21
CA ASP C 166 -7.02 -24.38 -36.04
C ASP C 166 -7.20 -25.15 -34.74
N SER C 167 -8.29 -24.85 -34.03
CA SER C 167 -8.50 -25.48 -32.73
C SER C 167 -8.93 -26.94 -32.83
N LYS C 168 -9.42 -27.37 -34.00
CA LYS C 168 -9.93 -28.72 -34.19
C LYS C 168 -8.90 -29.68 -34.76
N ASP C 169 -8.15 -29.27 -35.77
CA ASP C 169 -7.16 -30.13 -36.41
C ASP C 169 -5.75 -29.58 -36.36
N SER C 170 -5.51 -28.44 -35.71
CA SER C 170 -4.18 -27.89 -35.48
C SER C 170 -3.44 -27.57 -36.77
N THR C 171 -4.17 -27.21 -37.83
CA THR C 171 -3.54 -26.85 -39.09
C THR C 171 -3.47 -25.34 -39.26
N TYR C 172 -2.96 -24.92 -40.40
CA TYR C 172 -2.88 -23.52 -40.77
C TYR C 172 -3.47 -23.36 -42.17
N SER C 173 -3.85 -22.13 -42.50
CA SER C 173 -4.31 -21.80 -43.84
C SER C 173 -3.68 -20.49 -44.26
N LEU C 174 -3.41 -20.37 -45.57
CA LEU C 174 -2.68 -19.23 -46.11
C LEU C 174 -3.44 -18.65 -47.29
N SER C 175 -3.49 -17.33 -47.35
CA SER C 175 -4.10 -16.58 -48.45
C SER C 175 -3.03 -15.67 -49.04
N SER C 176 -2.91 -15.67 -50.37
CA SER C 176 -1.95 -14.81 -51.05
C SER C 176 -2.63 -14.07 -52.18
N THR C 177 -2.46 -12.75 -52.21
CA THR C 177 -3.11 -11.89 -53.19
C THR C 177 -2.06 -11.26 -54.08
N LEU C 178 -2.13 -11.56 -55.38
CA LEU C 178 -1.31 -10.90 -56.39
C LEU C 178 -2.11 -9.73 -56.95
N THR C 179 -1.51 -8.54 -56.95
CA THR C 179 -2.21 -7.32 -57.34
C THR C 179 -1.54 -6.73 -58.57
N LEU C 180 -2.31 -6.55 -59.64
CA LEU C 180 -1.87 -5.89 -60.86
C LEU C 180 -2.93 -4.89 -61.29
N SER C 181 -2.52 -3.94 -62.12
CA SER C 181 -3.49 -3.11 -62.79
C SER C 181 -4.19 -3.90 -63.88
N LYS C 182 -5.37 -3.42 -64.30
CA LYS C 182 -6.09 -4.09 -65.37
C LYS C 182 -5.27 -4.12 -66.66
N ALA C 183 -4.43 -3.10 -66.87
CA ALA C 183 -3.59 -3.06 -68.06
C ALA C 183 -2.57 -4.19 -68.05
N ASP C 184 -1.82 -4.32 -66.96
CA ASP C 184 -0.85 -5.41 -66.85
C ASP C 184 -1.54 -6.77 -66.89
N TYR C 185 -2.71 -6.88 -66.25
CA TYR C 185 -3.41 -8.15 -66.19
C TYR C 185 -3.74 -8.67 -67.59
N GLU C 186 -4.30 -7.80 -68.43
CA GLU C 186 -4.70 -8.22 -69.77
C GLU C 186 -3.54 -8.26 -70.75
N LYS C 187 -2.31 -8.00 -70.29
CA LYS C 187 -1.11 -8.17 -71.11
C LYS C 187 -0.50 -9.56 -70.99
N HIS C 188 -1.13 -10.47 -70.24
CA HIS C 188 -0.58 -11.79 -70.01
C HIS C 188 -1.69 -12.83 -70.02
N LYS C 189 -1.29 -14.09 -70.24
CA LYS C 189 -2.23 -15.18 -70.43
C LYS C 189 -2.24 -16.16 -69.26
N VAL C 190 -1.09 -16.71 -68.91
CA VAL C 190 -1.01 -17.77 -67.89
C VAL C 190 -0.72 -17.14 -66.54
N TYR C 191 -1.61 -17.37 -65.57
CA TYR C 191 -1.43 -16.95 -64.19
C TYR C 191 -1.35 -18.21 -63.33
N ALA C 192 -0.22 -18.38 -62.63
CA ALA C 192 0.04 -19.61 -61.90
C ALA C 192 0.47 -19.29 -60.47
N CYS C 193 0.13 -20.21 -59.57
CA CYS C 193 0.53 -20.14 -58.16
C CYS C 193 1.24 -21.44 -57.82
N GLU C 194 2.54 -21.35 -57.58
CA GLU C 194 3.36 -22.52 -57.27
C GLU C 194 3.61 -22.57 -55.76
N VAL C 195 3.42 -23.75 -55.18
CA VAL C 195 3.41 -23.93 -53.73
C VAL C 195 4.46 -24.94 -53.34
N THR C 196 5.27 -24.60 -52.33
CA THR C 196 6.32 -25.45 -51.82
C THR C 196 6.05 -25.71 -50.34
N HIS C 197 5.88 -26.98 -49.97
CA HIS C 197 5.59 -27.32 -48.59
C HIS C 197 6.14 -28.71 -48.29
N GLN C 198 6.41 -28.95 -47.00
CA GLN C 198 7.00 -30.22 -46.57
C GLN C 198 6.13 -31.41 -46.95
N GLY C 199 4.81 -31.24 -46.95
CA GLY C 199 3.91 -32.32 -47.31
C GLY C 199 3.94 -32.70 -48.77
N LEU C 200 4.50 -31.87 -49.62
CA LEU C 200 4.56 -32.12 -51.07
C LEU C 200 5.98 -32.56 -51.43
N SER C 201 6.10 -33.76 -52.01
CA SER C 201 7.40 -34.20 -52.52
C SER C 201 7.83 -33.38 -53.73
N SER C 202 6.89 -32.74 -54.42
CA SER C 202 7.16 -31.87 -55.55
C SER C 202 6.19 -30.71 -55.48
N PRO C 203 6.64 -29.50 -55.86
CA PRO C 203 5.76 -28.33 -55.73
C PRO C 203 4.51 -28.46 -56.57
N VAL C 204 3.39 -28.00 -56.00
CA VAL C 204 2.09 -28.04 -56.67
C VAL C 204 1.82 -26.67 -57.29
N THR C 205 1.50 -26.67 -58.58
CA THR C 205 1.19 -25.46 -59.30
C THR C 205 -0.29 -25.48 -59.70
N LYS C 206 -1.02 -24.45 -59.31
CA LYS C 206 -2.37 -24.22 -59.78
C LYS C 206 -2.37 -22.99 -60.68
N SER C 207 -3.11 -23.06 -61.78
CA SER C 207 -3.04 -21.99 -62.77
C SER C 207 -4.34 -21.91 -63.54
N PHE C 208 -4.50 -20.79 -64.25
CA PHE C 208 -5.59 -20.60 -65.18
C PHE C 208 -5.10 -19.72 -66.32
N ASN C 209 -5.82 -19.77 -67.44
CA ASN C 209 -5.58 -18.86 -68.56
C ASN C 209 -6.64 -17.77 -68.53
N ARG C 210 -6.23 -16.55 -68.87
CA ARG C 210 -7.13 -15.41 -68.77
C ARG C 210 -8.35 -15.54 -69.68
N GLY C 211 -8.27 -16.35 -70.73
CA GLY C 211 -9.40 -16.58 -71.60
C GLY C 211 -10.07 -17.92 -71.34
N GLU C 212 -10.76 -18.05 -70.20
CA GLU C 212 -11.39 -19.30 -69.83
C GLU C 212 -12.90 -19.16 -69.71
N GLN D 1 -35.84 -40.50 5.47
CA GLN D 1 -34.81 -39.82 6.25
C GLN D 1 -34.72 -40.37 7.68
N VAL D 2 -33.50 -40.46 8.20
CA VAL D 2 -33.29 -40.92 9.57
C VAL D 2 -33.86 -39.90 10.54
N GLN D 3 -34.62 -40.38 11.52
CA GLN D 3 -35.34 -39.46 12.40
C GLN D 3 -35.47 -40.05 13.80
N LEU D 4 -35.22 -39.22 14.81
CA LEU D 4 -35.36 -39.58 16.21
C LEU D 4 -36.16 -38.51 16.92
N VAL D 5 -37.19 -38.91 17.65
CA VAL D 5 -38.12 -37.99 18.32
C VAL D 5 -38.22 -38.40 19.78
N GLU D 6 -37.74 -37.54 20.68
CA GLU D 6 -37.86 -37.80 22.11
C GLU D 6 -39.27 -37.49 22.58
N SER D 7 -39.73 -38.28 23.55
CA SER D 7 -41.08 -38.15 24.09
C SER D 7 -40.97 -38.06 25.61
N GLY D 8 -42.11 -37.80 26.26
CA GLY D 8 -42.10 -37.65 27.69
C GLY D 8 -41.42 -36.35 28.11
N GLY D 9 -40.91 -36.36 29.34
CA GLY D 9 -40.25 -35.19 29.88
C GLY D 9 -41.22 -34.15 30.41
N GLY D 10 -40.79 -33.40 31.41
CA GLY D 10 -41.63 -32.42 32.05
C GLY D 10 -41.09 -32.11 33.44
N VAL D 11 -42.00 -31.77 34.34
CA VAL D 11 -41.65 -31.36 35.69
C VAL D 11 -41.71 -32.58 36.62
N VAL D 12 -40.64 -32.79 37.37
CA VAL D 12 -40.55 -33.87 38.35
C VAL D 12 -40.23 -33.26 39.70
N GLN D 13 -40.90 -33.75 40.74
CA GLN D 13 -40.56 -33.33 42.09
C GLN D 13 -39.27 -34.03 42.54
N PRO D 14 -38.42 -33.33 43.29
CA PRO D 14 -37.14 -33.94 43.71
C PRO D 14 -37.34 -35.24 44.47
N GLY D 15 -36.72 -36.31 43.98
CA GLY D 15 -36.82 -37.62 44.58
C GLY D 15 -37.76 -38.57 43.86
N ARG D 16 -38.57 -38.07 42.93
CA ARG D 16 -39.54 -38.87 42.21
C ARG D 16 -38.95 -39.31 40.86
N SER D 17 -39.79 -39.93 40.03
CA SER D 17 -39.32 -40.61 38.83
C SER D 17 -39.93 -39.99 37.57
N LEU D 18 -39.33 -40.36 36.43
CA LEU D 18 -39.78 -39.94 35.11
C LEU D 18 -39.22 -40.93 34.09
N ARG D 19 -39.95 -41.12 32.99
CA ARG D 19 -39.57 -42.06 31.95
C ARG D 19 -39.57 -41.36 30.60
N LEU D 20 -38.41 -41.31 29.96
CA LEU D 20 -38.26 -40.71 28.64
C LEU D 20 -38.33 -41.79 27.56
N SER D 21 -38.72 -41.36 26.36
CA SER D 21 -38.83 -42.25 25.20
C SER D 21 -38.12 -41.63 24.01
N CYS D 22 -37.92 -42.45 22.97
CA CYS D 22 -37.30 -41.97 21.75
C CYS D 22 -37.75 -42.87 20.59
N ALA D 23 -38.59 -42.34 19.72
CA ALA D 23 -39.03 -43.08 18.55
C ALA D 23 -37.99 -43.01 17.44
N ALA D 24 -37.89 -44.09 16.67
CA ALA D 24 -36.90 -44.20 15.62
C ALA D 24 -37.57 -44.56 14.29
N SER D 25 -37.08 -43.96 13.22
CA SER D 25 -37.57 -44.22 11.87
C SER D 25 -36.50 -43.85 10.87
N GLY D 26 -36.67 -44.35 9.65
CA GLY D 26 -35.71 -44.10 8.59
C GLY D 26 -34.48 -44.98 8.62
N PHE D 27 -34.39 -45.91 9.56
CA PHE D 27 -33.24 -46.82 9.65
C PHE D 27 -33.66 -48.01 10.49
N THR D 28 -32.94 -49.12 10.30
CA THR D 28 -33.19 -50.34 11.08
C THR D 28 -32.70 -50.10 12.50
N PHE D 29 -33.64 -49.81 13.41
CA PHE D 29 -33.29 -49.53 14.80
C PHE D 29 -32.54 -50.69 15.44
N SER D 30 -32.86 -51.93 15.05
CA SER D 30 -32.30 -53.12 15.66
C SER D 30 -30.83 -53.36 15.30
N ASN D 31 -30.24 -52.55 14.42
CA ASN D 31 -28.86 -52.75 13.99
C ASN D 31 -27.90 -51.71 14.53
N PHE D 32 -28.35 -50.81 15.42
CA PHE D 32 -27.51 -49.73 15.91
C PHE D 32 -27.62 -49.62 17.42
N GLY D 33 -26.49 -49.29 18.07
CA GLY D 33 -26.53 -48.93 19.46
C GLY D 33 -27.07 -47.53 19.66
N MET D 34 -27.58 -47.27 20.86
CA MET D 34 -28.22 -45.99 21.16
C MET D 34 -27.62 -45.41 22.43
N HIS D 35 -27.76 -44.09 22.57
CA HIS D 35 -27.21 -43.33 23.68
C HIS D 35 -28.27 -42.41 24.27
N TRP D 36 -27.95 -41.89 25.46
CA TRP D 36 -28.64 -40.75 26.04
C TRP D 36 -27.60 -39.72 26.43
N VAL D 37 -27.71 -38.52 25.86
CA VAL D 37 -26.83 -37.40 26.19
C VAL D 37 -27.71 -36.25 26.67
N ARG D 38 -27.34 -35.66 27.81
CA ARG D 38 -28.07 -34.53 28.34
C ARG D 38 -27.21 -33.27 28.28
N GLN D 39 -27.87 -32.12 28.16
CA GLN D 39 -27.20 -30.82 28.08
C GLN D 39 -27.76 -29.93 29.17
N THR D 40 -26.96 -29.69 30.21
CA THR D 40 -27.38 -28.88 31.33
C THR D 40 -27.58 -27.42 30.89
N PRO D 41 -28.33 -26.63 31.67
CA PRO D 41 -28.68 -25.27 31.23
C PRO D 41 -27.48 -24.38 30.92
N ASP D 42 -26.29 -24.68 31.42
CA ASP D 42 -25.10 -23.90 31.08
C ASP D 42 -24.47 -24.33 29.75
N ARG D 43 -25.22 -25.04 28.91
CA ARG D 43 -24.77 -25.48 27.58
C ARG D 43 -23.60 -26.46 27.69
N GLY D 44 -23.64 -27.31 28.72
CA GLY D 44 -22.62 -28.32 28.92
C GLY D 44 -23.17 -29.70 28.60
N LEU D 45 -22.49 -30.40 27.70
CA LEU D 45 -22.90 -31.73 27.27
C LEU D 45 -22.31 -32.79 28.19
N GLU D 46 -23.13 -33.77 28.54
CA GLU D 46 -22.72 -34.84 29.44
C GLU D 46 -23.36 -36.13 28.99
N TRP D 47 -22.53 -37.15 28.72
CA TRP D 47 -23.04 -38.45 28.33
C TRP D 47 -23.63 -39.17 29.53
N VAL D 48 -24.75 -39.85 29.32
CA VAL D 48 -25.51 -40.50 30.40
C VAL D 48 -25.36 -42.02 30.36
N ALA D 49 -25.74 -42.65 29.24
CA ALA D 49 -25.74 -44.10 29.15
C ALA D 49 -25.67 -44.53 27.70
N ILE D 50 -25.24 -45.78 27.50
CA ILE D 50 -25.21 -46.41 26.18
C ILE D 50 -25.77 -47.82 26.31
N ILE D 51 -26.49 -48.26 25.28
CA ILE D 51 -27.00 -49.62 25.21
C ILE D 51 -26.64 -50.21 23.86
N TRP D 52 -26.35 -51.51 23.86
CA TRP D 52 -26.01 -52.24 22.64
C TRP D 52 -27.23 -52.38 21.73
N PHE D 53 -27.00 -52.93 20.54
CA PHE D 53 -28.08 -53.08 19.57
C PHE D 53 -29.10 -54.12 20.02
N ASP D 54 -28.67 -55.12 20.78
CA ASP D 54 -29.56 -56.17 21.29
C ASP D 54 -29.76 -56.08 22.79
N GLY D 55 -29.25 -55.03 23.43
CA GLY D 55 -29.38 -54.89 24.87
C GLY D 55 -28.50 -55.80 25.68
N SER D 56 -27.55 -56.49 25.05
CA SER D 56 -26.71 -57.44 25.77
C SER D 56 -25.76 -56.73 26.73
N ASN D 57 -25.21 -55.59 26.32
CA ASN D 57 -24.29 -54.82 27.15
C ASN D 57 -24.84 -53.41 27.35
N THR D 58 -24.57 -52.84 28.52
CA THR D 58 -25.09 -51.54 28.87
C THR D 58 -24.14 -50.87 29.86
N PHE D 59 -23.82 -49.60 29.60
CA PHE D 59 -22.92 -48.84 30.47
C PHE D 59 -23.54 -47.50 30.81
N TYR D 60 -23.25 -47.02 32.02
CA TYR D 60 -23.82 -45.79 32.53
C TYR D 60 -22.71 -44.87 33.04
N ALA D 61 -23.05 -43.59 33.20
CA ALA D 61 -22.17 -42.65 33.88
C ALA D 61 -22.29 -42.83 35.39
N ASP D 62 -21.21 -42.50 36.09
CA ASP D 62 -21.20 -42.64 37.54
C ASP D 62 -22.28 -41.78 38.19
N SER D 63 -22.66 -40.67 37.55
CA SER D 63 -23.64 -39.76 38.13
C SER D 63 -25.04 -40.40 38.19
N VAL D 64 -25.34 -41.32 37.28
CA VAL D 64 -26.66 -41.90 37.16
C VAL D 64 -26.71 -43.36 37.57
N LYS D 65 -25.56 -43.96 37.89
CA LYS D 65 -25.55 -45.38 38.26
C LYS D 65 -26.36 -45.62 39.52
N GLY D 66 -27.18 -46.67 39.48
CA GLY D 66 -28.09 -46.98 40.56
C GLY D 66 -29.46 -46.32 40.45
N ARG D 67 -29.61 -45.30 39.61
CA ARG D 67 -30.85 -44.55 39.48
C ARG D 67 -31.47 -44.61 38.10
N PHE D 68 -30.68 -44.66 37.04
CA PHE D 68 -31.19 -44.64 35.68
C PHE D 68 -31.15 -46.04 35.07
N THR D 69 -32.05 -46.29 34.12
CA THR D 69 -32.10 -47.55 33.41
C THR D 69 -32.44 -47.27 31.95
N ILE D 70 -31.55 -47.67 31.05
CA ILE D 70 -31.76 -47.53 29.61
C ILE D 70 -32.16 -48.89 29.05
N SER D 71 -33.09 -48.88 28.10
CA SER D 71 -33.58 -50.11 27.49
C SER D 71 -34.08 -49.80 26.08
N ARG D 72 -34.33 -50.87 25.33
CA ARG D 72 -34.85 -50.75 23.97
C ARG D 72 -36.11 -51.59 23.83
N ASP D 73 -36.93 -51.21 22.85
CA ASP D 73 -38.05 -52.00 22.38
C ASP D 73 -37.82 -52.23 20.88
N ASN D 74 -36.99 -53.23 20.57
CA ASN D 74 -36.57 -53.47 19.18
C ASN D 74 -37.68 -53.97 18.29
N TYR D 75 -38.93 -54.07 18.76
CA TYR D 75 -40.07 -54.31 17.89
C TYR D 75 -40.81 -53.02 17.55
N LYS D 76 -40.98 -52.13 18.52
CA LYS D 76 -41.61 -50.84 18.30
C LYS D 76 -40.60 -49.74 17.97
N ASN D 77 -39.30 -50.09 17.94
CA ASN D 77 -38.23 -49.16 17.55
C ASN D 77 -38.26 -47.92 18.44
N THR D 78 -38.18 -48.15 19.75
CA THR D 78 -38.27 -47.11 20.74
C THR D 78 -37.16 -47.30 21.78
N LEU D 79 -36.46 -46.21 22.09
CA LEU D 79 -35.46 -46.20 23.15
C LEU D 79 -36.03 -45.51 24.37
N TYR D 80 -35.83 -46.13 25.54
CA TYR D 80 -36.40 -45.62 26.78
C TYR D 80 -35.29 -45.27 27.77
N LEU D 81 -35.63 -44.37 28.70
CA LEU D 81 -34.75 -44.03 29.82
C LEU D 81 -35.63 -43.87 31.06
N GLN D 82 -35.52 -44.80 32.00
CA GLN D 82 -36.27 -44.76 33.25
C GLN D 82 -35.39 -44.14 34.33
N MET D 83 -35.83 -43.00 34.85
CA MET D 83 -35.04 -42.19 35.77
C MET D 83 -35.70 -42.19 37.14
N ASN D 84 -35.04 -42.78 38.13
CA ASN D 84 -35.53 -42.82 39.50
C ASN D 84 -34.74 -41.85 40.37
N SER D 85 -35.41 -41.33 41.40
CA SER D 85 -34.79 -40.49 42.43
C SER D 85 -34.04 -39.32 41.81
N LEU D 86 -34.78 -38.53 41.03
CA LEU D 86 -34.17 -37.46 40.25
C LEU D 86 -33.68 -36.33 41.16
N ARG D 87 -32.44 -35.90 40.93
CA ARG D 87 -31.81 -34.82 41.66
C ARG D 87 -31.93 -33.51 40.87
N ALA D 88 -31.54 -32.41 41.54
CA ALA D 88 -31.56 -31.11 40.87
C ALA D 88 -30.52 -31.02 39.77
N GLU D 89 -29.42 -31.78 39.88
CA GLU D 89 -28.41 -31.83 38.85
C GLU D 89 -28.89 -32.54 37.58
N ASP D 90 -29.99 -33.28 37.65
CA ASP D 90 -30.54 -33.96 36.49
C ASP D 90 -31.32 -33.02 35.59
N THR D 91 -31.65 -31.81 36.05
CA THR D 91 -32.33 -30.83 35.22
C THR D 91 -31.48 -30.49 34.00
N ALA D 92 -31.92 -30.92 32.84
CA ALA D 92 -31.18 -30.71 31.59
C ALA D 92 -32.11 -31.04 30.42
N VAL D 93 -31.58 -30.87 29.22
CA VAL D 93 -32.26 -31.29 28.00
C VAL D 93 -31.66 -32.64 27.59
N TYR D 94 -32.47 -33.68 27.61
CA TYR D 94 -32.01 -35.03 27.34
C TYR D 94 -32.14 -35.34 25.85
N PHE D 95 -31.00 -35.62 25.21
CA PHE D 95 -30.96 -35.96 23.80
C PHE D 95 -30.86 -37.47 23.61
N CYS D 96 -31.40 -37.93 22.49
CA CYS D 96 -31.38 -39.33 22.09
C CYS D 96 -30.51 -39.44 20.83
N ALA D 97 -29.37 -40.11 20.95
CA ALA D 97 -28.34 -40.10 19.91
C ALA D 97 -28.03 -41.51 19.44
N ARG D 98 -27.91 -41.66 18.11
CA ARG D 98 -27.56 -42.94 17.51
C ARG D 98 -26.05 -43.11 17.50
N SER D 99 -25.61 -44.37 17.59
CA SER D 99 -24.20 -44.69 17.71
C SER D 99 -23.59 -44.93 16.34
N PHE D 100 -22.41 -44.35 16.13
CA PHE D 100 -21.62 -44.54 14.91
C PHE D 100 -20.29 -45.19 15.31
N TYR D 101 -19.94 -46.28 14.64
CA TYR D 101 -18.70 -46.99 14.94
C TYR D 101 -17.97 -47.35 13.67
N SER D 102 -16.68 -47.07 13.64
CA SER D 102 -15.78 -47.55 12.60
C SER D 102 -14.46 -47.90 13.25
N ASP D 103 -13.67 -48.72 12.55
CA ASP D 103 -12.38 -49.14 13.10
C ASP D 103 -11.35 -48.01 13.14
N SER D 104 -11.66 -46.85 12.56
CA SER D 104 -10.77 -45.69 12.61
C SER D 104 -11.22 -44.62 13.58
N ALA D 105 -12.53 -44.50 13.82
CA ALA D 105 -13.06 -43.47 14.71
C ALA D 105 -13.43 -43.98 16.08
N GLY D 106 -13.81 -45.24 16.20
CA GLY D 106 -14.30 -45.75 17.47
C GLY D 106 -15.79 -45.47 17.64
N SER D 107 -16.23 -45.55 18.90
CA SER D 107 -17.63 -45.32 19.22
C SER D 107 -17.89 -43.82 19.29
N LEU D 108 -18.93 -43.36 18.59
CA LEU D 108 -19.24 -41.95 18.49
C LEU D 108 -20.75 -41.78 18.34
N PHE D 109 -21.18 -40.54 18.11
CA PHE D 109 -22.56 -40.21 17.82
C PHE D 109 -22.63 -39.55 16.45
N ASP D 110 -23.63 -39.93 15.64
CA ASP D 110 -23.85 -39.30 14.35
C ASP D 110 -25.22 -38.64 14.26
N TYR D 111 -26.29 -39.37 14.50
CA TYR D 111 -27.65 -38.83 14.45
C TYR D 111 -28.15 -38.54 15.86
N TRP D 112 -28.84 -37.41 16.02
CA TRP D 112 -29.39 -37.00 17.30
C TRP D 112 -30.87 -36.66 17.12
N GLY D 113 -31.56 -36.54 18.25
CA GLY D 113 -32.92 -36.07 18.29
C GLY D 113 -33.01 -34.61 18.71
N GLN D 114 -34.24 -34.10 18.75
CA GLN D 114 -34.43 -32.69 19.08
C GLN D 114 -34.27 -32.43 20.58
N GLY D 115 -34.54 -33.43 21.41
CA GLY D 115 -34.40 -33.30 22.85
C GLY D 115 -35.69 -32.89 23.54
N THR D 116 -35.85 -33.35 24.78
CA THR D 116 -36.93 -32.91 25.65
C THR D 116 -36.35 -32.43 26.97
N LEU D 117 -36.97 -31.38 27.51
CA LEU D 117 -36.50 -30.77 28.75
C LEU D 117 -37.05 -31.54 29.95
N VAL D 118 -36.17 -31.83 30.91
CA VAL D 118 -36.56 -32.41 32.19
C VAL D 118 -36.19 -31.41 33.28
N THR D 119 -37.20 -30.96 34.04
CA THR D 119 -37.01 -29.95 35.07
C THR D 119 -37.30 -30.59 36.42
N VAL D 120 -36.25 -30.79 37.22
CA VAL D 120 -36.38 -31.36 38.56
C VAL D 120 -36.49 -30.18 39.52
N SER D 121 -37.73 -29.78 39.81
CA SER D 121 -37.98 -28.62 40.67
C SER D 121 -39.10 -28.94 41.64
N SER D 122 -39.18 -28.10 42.68
CA SER D 122 -40.28 -28.16 43.64
C SER D 122 -41.40 -27.19 43.30
N ALA D 123 -41.26 -26.41 42.23
CA ALA D 123 -42.25 -25.42 41.86
C ALA D 123 -43.48 -26.08 41.21
N SER D 124 -44.59 -25.38 41.29
CA SER D 124 -45.85 -25.81 40.68
C SER D 124 -46.03 -25.12 39.33
N THR D 125 -46.74 -25.81 38.43
CA THR D 125 -47.06 -25.22 37.14
C THR D 125 -47.98 -24.02 37.32
N LYS D 126 -47.53 -22.86 36.87
CA LYS D 126 -48.29 -21.62 37.02
C LYS D 126 -48.14 -20.77 35.76
N GLY D 127 -49.24 -20.20 35.30
CA GLY D 127 -49.23 -19.31 34.18
C GLY D 127 -48.75 -17.93 34.58
N PRO D 128 -48.18 -17.20 33.63
CA PRO D 128 -47.59 -15.89 33.95
C PRO D 128 -48.64 -14.80 34.08
N SER D 129 -48.20 -13.70 34.70
CA SER D 129 -48.95 -12.45 34.73
C SER D 129 -48.16 -11.43 33.93
N VAL D 130 -48.80 -10.85 32.92
CA VAL D 130 -48.13 -9.97 31.96
C VAL D 130 -48.33 -8.53 32.41
N PHE D 131 -47.24 -7.88 32.79
CA PHE D 131 -47.34 -6.46 33.13
C PHE D 131 -46.76 -5.62 31.99
N PRO D 132 -47.31 -4.43 31.77
CA PRO D 132 -46.82 -3.59 30.67
C PRO D 132 -45.61 -2.78 31.08
N LEU D 133 -44.77 -2.48 30.08
CA LEU D 133 -43.65 -1.56 30.22
C LEU D 133 -43.97 -0.31 29.42
N ALA D 134 -44.16 0.81 30.12
CA ALA D 134 -44.68 2.02 29.49
C ALA D 134 -43.69 2.55 28.45
N PRO D 135 -44.18 3.01 27.30
CA PRO D 135 -43.26 3.54 26.28
C PRO D 135 -42.48 4.76 26.74
N SER D 136 -43.13 5.67 27.46
CA SER D 136 -42.49 6.89 27.95
C SER D 136 -41.84 7.70 26.83
N THR D 144 -37.13 7.78 18.89
CA THR D 144 -37.07 6.34 19.12
C THR D 144 -37.47 5.98 20.55
N ALA D 145 -38.67 5.43 20.70
CA ALA D 145 -39.19 5.02 22.01
C ALA D 145 -39.03 3.52 22.19
N ALA D 146 -39.27 3.06 23.42
CA ALA D 146 -39.12 1.66 23.76
C ALA D 146 -40.26 1.23 24.68
N LEU D 147 -40.94 0.15 24.31
CA LEU D 147 -42.02 -0.43 25.09
C LEU D 147 -41.81 -1.94 25.18
N GLY D 148 -42.56 -2.59 26.07
CA GLY D 148 -42.39 -4.02 26.23
C GLY D 148 -43.38 -4.60 27.21
N CYS D 149 -43.24 -5.90 27.44
CA CYS D 149 -44.09 -6.66 28.36
C CYS D 149 -43.23 -7.44 29.33
N LEU D 150 -43.64 -7.45 30.60
CA LEU D 150 -42.92 -8.16 31.66
C LEU D 150 -43.67 -9.45 31.96
N VAL D 151 -43.07 -10.57 31.58
CA VAL D 151 -43.67 -11.90 31.74
C VAL D 151 -43.10 -12.48 33.03
N LYS D 152 -43.77 -12.23 34.14
CA LYS D 152 -43.23 -12.52 35.47
C LYS D 152 -44.00 -13.65 36.14
N ASP D 153 -43.27 -14.49 36.89
CA ASP D 153 -43.82 -15.52 37.76
C ASP D 153 -44.57 -16.59 36.99
N TYR D 154 -43.82 -17.47 36.30
CA TYR D 154 -44.42 -18.60 35.60
C TYR D 154 -43.48 -19.79 35.71
N PHE D 155 -44.05 -20.99 35.59
CA PHE D 155 -43.29 -22.23 35.65
C PHE D 155 -44.12 -23.33 35.02
N PRO D 156 -43.52 -24.26 34.28
CA PRO D 156 -42.10 -24.29 33.91
C PRO D 156 -41.82 -23.48 32.65
N GLU D 157 -40.61 -23.60 32.13
CA GLU D 157 -40.31 -23.02 30.85
C GLU D 157 -40.80 -23.94 29.72
N PRO D 158 -41.09 -23.39 28.53
CA PRO D 158 -40.94 -21.98 28.16
C PRO D 158 -42.26 -21.24 27.95
N VAL D 159 -42.14 -19.96 27.58
CA VAL D 159 -43.27 -19.16 27.11
C VAL D 159 -42.98 -18.71 25.68
N THR D 160 -44.01 -18.17 25.04
CA THR D 160 -43.91 -17.67 23.67
C THR D 160 -44.48 -16.26 23.64
N VAL D 161 -43.63 -15.28 23.36
CA VAL D 161 -44.02 -13.88 23.33
C VAL D 161 -43.83 -13.35 21.90
N SER D 162 -44.92 -12.92 21.29
CA SER D 162 -44.90 -12.24 20.00
C SER D 162 -45.58 -10.89 20.15
N TRP D 163 -45.43 -10.05 19.12
CA TRP D 163 -45.97 -8.69 19.15
C TRP D 163 -46.92 -8.50 17.99
N ASN D 164 -48.18 -8.18 18.31
CA ASN D 164 -49.24 -7.96 17.33
C ASN D 164 -49.41 -9.16 16.40
N SER D 165 -49.39 -10.36 16.99
CA SER D 165 -49.64 -11.61 16.27
C SER D 165 -48.64 -11.82 15.15
N GLY D 166 -47.38 -11.45 15.39
CA GLY D 166 -46.34 -11.59 14.41
C GLY D 166 -46.28 -10.50 13.36
N ALA D 167 -47.19 -9.53 13.40
CA ALA D 167 -47.15 -8.43 12.44
C ALA D 167 -46.06 -7.42 12.80
N LEU D 168 -45.68 -7.34 14.07
CA LEU D 168 -44.57 -6.49 14.52
C LEU D 168 -43.44 -7.42 14.95
N THR D 169 -42.43 -7.54 14.08
CA THR D 169 -41.24 -8.34 14.37
C THR D 169 -39.95 -7.55 14.36
N SER D 170 -39.91 -6.41 13.67
CA SER D 170 -38.70 -5.61 13.60
C SER D 170 -38.47 -4.86 14.91
N GLY D 171 -37.26 -4.92 15.43
CA GLY D 171 -36.93 -4.25 16.67
C GLY D 171 -37.39 -4.96 17.92
N VAL D 172 -37.73 -6.24 17.83
CA VAL D 172 -38.18 -7.01 18.98
C VAL D 172 -36.98 -7.70 19.61
N HIS D 173 -36.93 -7.68 20.95
CA HIS D 173 -35.90 -8.36 21.71
C HIS D 173 -36.59 -9.08 22.86
N THR D 174 -36.82 -10.38 22.72
CA THR D 174 -37.37 -11.21 23.78
C THR D 174 -36.21 -11.86 24.52
N PHE D 175 -35.94 -11.39 25.73
CA PHE D 175 -34.77 -11.79 26.49
C PHE D 175 -34.94 -13.19 27.07
N PRO D 176 -33.83 -13.88 27.33
CA PRO D 176 -33.93 -15.18 28.02
C PRO D 176 -34.53 -15.04 29.40
N ALA D 177 -35.39 -15.99 29.75
CA ALA D 177 -35.96 -16.02 31.08
C ALA D 177 -34.89 -16.28 32.13
N VAL D 178 -35.09 -15.71 33.31
CA VAL D 178 -34.17 -15.86 34.43
C VAL D 178 -34.95 -16.44 35.60
N LEU D 179 -34.40 -17.49 36.20
CA LEU D 179 -35.08 -18.20 37.29
C LEU D 179 -34.95 -17.39 38.59
N GLN D 180 -36.08 -16.91 39.09
CA GLN D 180 -36.10 -16.10 40.30
C GLN D 180 -35.90 -16.98 41.54
N SER D 181 -35.56 -16.32 42.65
CA SER D 181 -35.32 -17.02 43.91
C SER D 181 -36.59 -17.60 44.54
N SER D 182 -37.75 -17.38 43.91
CA SER D 182 -38.99 -17.99 44.34
C SER D 182 -39.27 -19.32 43.65
N GLY D 183 -38.44 -19.70 42.68
CA GLY D 183 -38.68 -20.89 41.90
C GLY D 183 -39.50 -20.67 40.65
N LEU D 184 -39.90 -19.43 40.36
CA LEU D 184 -40.65 -19.08 39.17
C LEU D 184 -39.78 -18.28 38.22
N TYR D 185 -40.15 -18.30 36.94
CA TYR D 185 -39.37 -17.61 35.92
C TYR D 185 -39.94 -16.24 35.62
N SER D 186 -39.08 -15.34 35.18
CA SER D 186 -39.45 -13.99 34.75
C SER D 186 -38.75 -13.68 33.44
N LEU D 187 -39.45 -12.99 32.54
CA LEU D 187 -38.96 -12.77 31.19
C LEU D 187 -39.34 -11.38 30.70
N SER D 188 -38.46 -10.80 29.90
CA SER D 188 -38.68 -9.48 29.29
C SER D 188 -38.80 -9.63 27.78
N SER D 189 -39.65 -8.81 27.18
CA SER D 189 -39.74 -8.71 25.73
C SER D 189 -40.02 -7.24 25.39
N VAL D 190 -39.02 -6.57 24.81
CA VAL D 190 -39.10 -5.15 24.52
C VAL D 190 -39.18 -4.95 23.02
N VAL D 191 -39.74 -3.80 22.63
CA VAL D 191 -39.83 -3.39 21.23
C VAL D 191 -39.53 -1.91 21.14
N THR D 192 -38.57 -1.55 20.29
CA THR D 192 -38.35 -0.15 19.97
C THR D 192 -39.17 0.24 18.75
N VAL D 193 -39.83 1.40 18.85
CA VAL D 193 -40.64 1.93 17.75
C VAL D 193 -40.38 3.42 17.62
N PRO D 194 -40.60 3.97 16.43
CA PRO D 194 -40.43 5.42 16.26
C PRO D 194 -41.30 6.19 17.24
N SER D 195 -40.76 7.29 17.75
CA SER D 195 -41.47 8.10 18.74
C SER D 195 -42.81 8.60 18.19
N SER D 196 -42.89 8.86 16.89
CA SER D 196 -44.09 9.43 16.29
C SER D 196 -45.25 8.44 16.20
N SER D 197 -45.03 7.18 16.56
CA SER D 197 -46.04 6.15 16.39
C SER D 197 -46.73 5.75 17.70
N LEU D 198 -46.37 6.37 18.82
CA LEU D 198 -46.91 5.95 20.11
C LEU D 198 -48.39 6.31 20.26
N GLY D 199 -48.91 7.22 19.44
CA GLY D 199 -50.30 7.62 19.57
C GLY D 199 -51.21 7.00 18.53
N THR D 200 -50.71 6.84 17.31
CA THR D 200 -51.51 6.35 16.19
C THR D 200 -51.47 4.84 16.02
N GLN D 201 -50.56 4.14 16.70
CA GLN D 201 -50.38 2.72 16.52
C GLN D 201 -50.60 1.98 17.84
N THR D 202 -51.31 0.86 17.76
CA THR D 202 -51.58 0.02 18.92
C THR D 202 -50.54 -1.10 19.00
N TYR D 203 -50.03 -1.34 20.22
CA TYR D 203 -49.03 -2.36 20.46
C TYR D 203 -49.54 -3.32 21.53
N ILE D 204 -49.64 -4.60 21.18
CA ILE D 204 -50.12 -5.64 22.06
C ILE D 204 -49.17 -6.83 21.97
N CYS D 205 -48.72 -7.31 23.13
CA CYS D 205 -47.87 -8.50 23.19
C CYS D 205 -48.73 -9.75 23.38
N ASN D 206 -48.35 -10.82 22.71
CA ASN D 206 -49.10 -12.08 22.74
C ASN D 206 -48.25 -13.10 23.49
N VAL D 207 -48.63 -13.39 24.73
CA VAL D 207 -47.91 -14.35 25.57
C VAL D 207 -48.69 -15.65 25.61
N ASN D 208 -47.98 -16.76 25.44
CA ASN D 208 -48.57 -18.09 25.47
C ASN D 208 -47.71 -18.98 26.35
N HIS D 209 -48.35 -19.67 27.30
CA HIS D 209 -47.67 -20.59 28.21
C HIS D 209 -48.38 -21.94 28.08
N LYS D 210 -47.89 -22.77 27.17
CA LYS D 210 -48.51 -24.07 26.93
C LYS D 210 -48.54 -24.99 28.16
N PRO D 211 -47.53 -25.02 29.04
CA PRO D 211 -47.60 -25.92 30.20
C PRO D 211 -48.81 -25.69 31.10
N SER D 212 -49.43 -24.52 31.08
CA SER D 212 -50.61 -24.25 31.90
C SER D 212 -51.83 -23.84 31.08
N ASN D 213 -51.74 -23.92 29.74
CA ASN D 213 -52.81 -23.47 28.86
C ASN D 213 -53.17 -22.00 29.12
N THR D 214 -52.14 -21.20 29.35
CA THR D 214 -52.29 -19.77 29.63
C THR D 214 -51.95 -18.98 28.38
N LYS D 215 -52.92 -18.18 27.91
CA LYS D 215 -52.73 -17.31 26.75
C LYS D 215 -53.20 -15.91 27.13
N VAL D 216 -52.26 -15.01 27.35
CA VAL D 216 -52.55 -13.66 27.82
C VAL D 216 -52.10 -12.66 26.76
N ASP D 217 -52.98 -11.72 26.43
CA ASP D 217 -52.67 -10.61 25.53
C ASP D 217 -52.88 -9.31 26.29
N LYS D 218 -51.82 -8.51 26.39
CA LYS D 218 -51.85 -7.24 27.11
C LYS D 218 -51.40 -6.13 26.18
N LYS D 219 -52.18 -5.04 26.14
CA LYS D 219 -51.83 -3.88 25.33
C LYS D 219 -50.91 -2.95 26.12
N VAL D 220 -49.86 -2.48 25.46
CA VAL D 220 -48.91 -1.56 26.06
C VAL D 220 -49.28 -0.15 25.60
N GLU D 221 -49.70 0.68 26.55
CA GLU D 221 -50.19 2.01 26.26
C GLU D 221 -49.40 3.06 27.02
N PRO D 222 -49.06 4.19 26.37
CA PRO D 222 -48.33 5.29 27.02
C PRO D 222 -49.14 5.95 28.13
N GLN E 1 36.43 6.81 21.19
CA GLN E 1 35.31 7.54 20.59
C GLN E 1 35.43 7.61 19.06
N VAL E 2 34.32 8.01 18.42
CA VAL E 2 34.30 8.16 16.98
C VAL E 2 35.29 9.25 16.57
N GLN E 3 36.02 9.00 15.48
CA GLN E 3 36.98 9.95 14.95
C GLN E 3 36.94 9.89 13.43
N LEU E 4 36.70 11.04 12.79
CA LEU E 4 36.82 11.19 11.35
C LEU E 4 37.86 12.28 11.08
N VAL E 5 38.86 11.95 10.27
CA VAL E 5 39.97 12.85 9.99
C VAL E 5 40.09 13.00 8.49
N GLU E 6 39.84 14.22 7.98
CA GLU E 6 40.00 14.51 6.57
C GLU E 6 41.44 14.88 6.26
N SER E 7 41.85 14.64 5.01
CA SER E 7 43.15 15.02 4.52
C SER E 7 43.07 15.19 3.01
N GLY E 8 44.13 15.72 2.43
CA GLY E 8 44.22 15.89 0.99
C GLY E 8 43.82 17.24 0.45
N GLY E 9 43.45 18.19 1.32
CA GLY E 9 43.13 19.52 0.85
C GLY E 9 44.35 20.24 0.32
N GLY E 10 44.09 21.29 -0.45
CA GLY E 10 45.17 22.09 -1.01
C GLY E 10 44.68 22.94 -2.16
N VAL E 11 45.65 23.56 -2.83
CA VAL E 11 45.38 24.47 -3.94
C VAL E 11 45.37 23.68 -5.23
N VAL E 12 44.31 23.87 -6.02
CA VAL E 12 44.13 23.18 -7.30
C VAL E 12 43.94 24.21 -8.39
N GLN E 13 44.63 24.03 -9.51
CA GLN E 13 44.42 24.89 -10.66
C GLN E 13 43.08 24.55 -11.31
N PRO E 14 42.31 25.55 -11.73
CA PRO E 14 41.00 25.28 -12.34
C PRO E 14 41.09 24.28 -13.49
N GLY E 15 40.19 23.30 -13.49
CA GLY E 15 40.18 22.26 -14.49
C GLY E 15 40.97 21.01 -14.12
N ARG E 16 41.89 21.11 -13.16
CA ARG E 16 42.68 19.96 -12.71
C ARG E 16 41.86 19.16 -11.69
N SER E 17 42.51 18.17 -11.07
CA SER E 17 41.85 17.22 -10.18
C SER E 17 42.47 17.26 -8.80
N LEU E 18 41.88 16.48 -7.89
CA LEU E 18 42.28 16.38 -6.49
C LEU E 18 41.46 15.27 -5.86
N ARG E 19 42.04 14.58 -4.88
CA ARG E 19 41.35 13.52 -4.14
C ARG E 19 41.45 13.79 -2.65
N LEU E 20 40.33 13.66 -1.95
CA LEU E 20 40.26 13.83 -0.51
C LEU E 20 40.06 12.49 0.17
N SER E 21 40.69 12.32 1.33
CA SER E 21 40.56 11.11 2.12
C SER E 21 39.97 11.44 3.49
N CYS E 22 39.43 10.40 4.14
CA CYS E 22 38.83 10.56 5.45
C CYS E 22 39.05 9.26 6.21
N ALA E 23 39.90 9.29 7.23
CA ALA E 23 40.22 8.11 8.03
C ALA E 23 39.23 7.96 9.16
N ALA E 24 38.46 6.89 9.14
CA ALA E 24 37.46 6.62 10.17
C ALA E 24 38.00 5.64 11.20
N SER E 25 37.62 5.84 12.46
CA SER E 25 38.04 4.95 13.54
C SER E 25 37.06 5.11 14.69
N GLY E 26 37.10 4.15 15.61
CA GLY E 26 36.25 4.20 16.78
C GLY E 26 34.87 3.63 16.59
N PHE E 27 34.58 3.07 15.43
CA PHE E 27 33.31 2.39 15.17
C PHE E 27 33.52 1.41 14.02
N THR E 28 32.48 0.67 13.68
CA THR E 28 32.54 -0.25 12.55
C THR E 28 32.22 0.53 11.28
N PHE E 29 33.27 0.91 10.55
CA PHE E 29 33.11 1.72 9.35
C PHE E 29 32.25 1.02 8.30
N SER E 30 32.31 -0.31 8.24
CA SER E 30 31.65 -1.07 7.19
C SER E 30 30.13 -1.11 7.34
N ASN E 31 29.58 -0.60 8.45
CA ASN E 31 28.15 -0.69 8.71
C ASN E 31 27.40 0.62 8.49
N PHE E 32 28.10 1.72 8.25
CA PHE E 32 27.46 3.04 8.17
C PHE E 32 27.65 3.63 6.78
N GLY E 33 26.58 4.20 6.23
CA GLY E 33 26.74 5.05 5.07
C GLY E 33 27.53 6.30 5.42
N MET E 34 28.21 6.84 4.41
CA MET E 34 29.06 8.01 4.60
C MET E 34 28.67 9.11 3.63
N HIS E 35 28.86 10.35 4.09
CA HIS E 35 28.55 11.55 3.31
C HIS E 35 29.80 12.40 3.12
N TRP E 36 29.76 13.23 2.08
CA TRP E 36 30.63 14.39 1.96
C TRP E 36 29.75 15.64 1.93
N VAL E 37 30.09 16.64 2.75
CA VAL E 37 29.37 17.90 2.80
C VAL E 37 30.39 19.03 2.81
N ARG E 38 30.12 20.08 2.02
CA ARG E 38 31.05 21.19 1.91
C ARG E 38 30.40 22.48 2.41
N GLN E 39 31.25 23.47 2.71
CA GLN E 39 30.79 24.75 3.25
C GLN E 39 31.63 25.87 2.67
N THR E 40 30.96 26.86 2.09
CA THR E 40 31.41 28.11 1.49
C THR E 40 31.17 29.27 2.44
N PRO E 41 32.08 30.26 2.49
CA PRO E 41 31.83 31.42 3.37
C PRO E 41 30.53 32.14 3.07
N ASP E 42 30.08 32.15 1.81
CA ASP E 42 28.91 32.95 1.43
C ASP E 42 27.82 32.13 0.73
N ARG E 43 27.91 30.81 0.74
CA ARG E 43 26.85 29.97 0.18
C ARG E 43 26.22 29.03 1.18
N GLY E 44 26.87 28.74 2.30
CA GLY E 44 26.28 27.92 3.34
C GLY E 44 26.73 26.47 3.32
N LEU E 45 25.88 25.57 3.80
CA LEU E 45 26.18 24.14 3.84
C LEU E 45 25.53 23.45 2.65
N GLU E 46 26.35 22.78 1.84
CA GLU E 46 25.90 22.16 0.61
C GLU E 46 26.26 20.68 0.63
N TRP E 47 25.25 19.82 0.57
CA TRP E 47 25.49 18.38 0.52
C TRP E 47 26.06 17.99 -0.84
N VAL E 48 27.08 17.12 -0.82
CA VAL E 48 27.81 16.73 -2.02
C VAL E 48 27.43 15.32 -2.48
N ALA E 49 27.73 14.31 -1.66
CA ALA E 49 27.51 12.94 -2.07
C ALA E 49 27.27 12.05 -0.84
N ILE E 50 26.62 10.90 -1.09
CA ILE E 50 26.41 9.88 -0.08
C ILE E 50 26.73 8.52 -0.69
N ILE E 51 27.37 7.65 0.09
CA ILE E 51 27.66 6.30 -0.33
C ILE E 51 27.10 5.34 0.72
N TRP E 52 26.58 4.20 0.27
CA TRP E 52 26.04 3.19 1.15
C TRP E 52 27.17 2.53 1.96
N PHE E 53 26.77 1.81 3.00
CA PHE E 53 27.74 1.12 3.85
C PHE E 53 28.53 0.10 3.05
N ASP E 54 27.86 -0.66 2.18
CA ASP E 54 28.51 -1.64 1.33
C ASP E 54 28.89 -1.08 -0.04
N GLY E 55 28.74 0.24 -0.24
CA GLY E 55 29.07 0.86 -1.50
C GLY E 55 28.15 0.54 -2.65
N SER E 56 27.00 -0.08 -2.39
CA SER E 56 26.13 -0.52 -3.47
C SER E 56 25.43 0.65 -4.14
N ASN E 57 24.94 1.61 -3.37
CA ASN E 57 24.27 2.78 -3.89
C ASN E 57 25.10 4.03 -3.64
N THR E 58 24.80 5.07 -4.41
CA THR E 58 25.62 6.28 -4.42
C THR E 58 24.89 7.39 -5.17
N PHE E 59 24.79 8.57 -4.55
CA PHE E 59 24.06 9.70 -5.12
C PHE E 59 24.87 10.97 -4.94
N TYR E 60 24.75 11.87 -5.91
CA TYR E 60 25.51 13.11 -5.93
C TYR E 60 24.57 14.31 -6.05
N ALA E 61 25.04 15.46 -5.56
CA ALA E 61 24.37 16.71 -5.84
C ALA E 61 24.53 17.04 -7.32
N ASP E 62 23.55 17.77 -7.86
CA ASP E 62 23.55 18.06 -9.29
C ASP E 62 24.76 18.87 -9.72
N SER E 63 25.27 19.75 -8.84
CA SER E 63 26.38 20.61 -9.21
C SER E 63 27.69 19.87 -9.39
N VAL E 64 27.74 18.57 -9.08
CA VAL E 64 28.97 17.80 -9.19
C VAL E 64 28.80 16.53 -10.02
N LYS E 65 27.59 16.26 -10.52
CA LYS E 65 27.36 15.03 -11.29
C LYS E 65 28.22 15.01 -12.55
N GLY E 66 29.05 13.99 -12.67
CA GLY E 66 29.96 13.86 -13.78
C GLY E 66 31.39 14.26 -13.46
N ARG E 67 31.59 15.08 -12.44
CA ARG E 67 32.91 15.54 -12.05
C ARG E 67 33.44 14.84 -10.80
N PHE E 68 32.58 14.58 -9.82
CA PHE E 68 32.98 14.01 -8.55
C PHE E 68 32.64 12.51 -8.50
N THR E 69 33.37 11.80 -7.65
CA THR E 69 33.15 10.36 -7.46
C THR E 69 33.44 10.03 -6.01
N ILE E 70 32.48 9.42 -5.33
CA ILE E 70 32.64 9.02 -3.93
C ILE E 70 32.90 7.51 -3.90
N SER E 71 34.00 7.13 -3.26
CA SER E 71 34.37 5.73 -3.09
C SER E 71 34.57 5.44 -1.61
N ARG E 72 35.02 4.22 -1.31
CA ARG E 72 35.06 3.72 0.05
C ARG E 72 35.98 2.51 0.09
N ASP E 73 36.75 2.39 1.16
CA ASP E 73 37.60 1.22 1.42
C ASP E 73 37.20 0.65 2.76
N ASN E 74 36.43 -0.44 2.75
CA ASN E 74 35.96 -1.06 3.97
C ASN E 74 37.00 -1.97 4.62
N TYR E 75 38.26 -1.89 4.21
CA TYR E 75 39.35 -2.57 4.88
C TYR E 75 40.31 -1.61 5.56
N LYS E 76 40.80 -0.61 4.82
CA LYS E 76 41.57 0.46 5.43
C LYS E 76 40.69 1.47 6.16
N ASN E 77 39.37 1.30 6.10
CA ASN E 77 38.40 2.17 6.77
C ASN E 77 38.64 3.63 6.41
N THR E 78 38.47 3.92 5.12
CA THR E 78 38.74 5.24 4.58
C THR E 78 37.69 5.60 3.54
N LEU E 79 37.17 6.82 3.64
CA LEU E 79 36.29 7.39 2.63
C LEU E 79 37.11 8.25 1.67
N TYR E 80 36.73 8.22 0.40
CA TYR E 80 37.46 8.97 -0.62
C TYR E 80 36.49 9.81 -1.44
N LEU E 81 37.03 10.88 -2.05
CA LEU E 81 36.27 11.72 -2.95
C LEU E 81 37.20 12.16 -4.08
N GLN E 82 36.97 11.63 -5.28
CA GLN E 82 37.74 12.00 -6.47
C GLN E 82 37.06 13.18 -7.15
N MET E 83 37.80 14.28 -7.28
CA MET E 83 37.25 15.54 -7.79
C MET E 83 37.95 15.89 -9.10
N ASN E 84 37.23 15.77 -10.22
CA ASN E 84 37.74 16.12 -11.53
C ASN E 84 37.11 17.42 -12.00
N SER E 85 37.80 18.11 -12.92
CA SER E 85 37.30 19.33 -13.56
C SER E 85 36.86 20.35 -12.53
N LEU E 86 37.74 20.66 -11.59
CA LEU E 86 37.39 21.53 -10.48
C LEU E 86 37.14 22.97 -10.97
N ARG E 87 36.04 23.55 -10.51
CA ARG E 87 35.69 24.93 -10.81
C ARG E 87 35.96 25.81 -9.60
N ALA E 88 35.78 27.12 -9.77
CA ALA E 88 35.92 28.03 -8.64
C ALA E 88 34.79 27.84 -7.64
N GLU E 89 33.61 27.46 -8.11
CA GLU E 89 32.47 27.21 -7.23
C GLU E 89 32.75 26.08 -6.24
N ASP E 90 33.74 25.24 -6.53
CA ASP E 90 34.08 24.12 -5.65
C ASP E 90 34.96 24.50 -4.47
N THR E 91 35.51 25.72 -4.46
CA THR E 91 36.33 26.17 -3.34
C THR E 91 35.48 26.24 -2.08
N ALA E 92 35.87 25.48 -1.06
CA ALA E 92 35.11 25.36 0.19
C ALA E 92 35.87 24.42 1.12
N VAL E 93 35.35 24.30 2.34
CA VAL E 93 35.81 23.26 3.27
C VAL E 93 34.94 22.03 3.08
N TYR E 94 35.56 20.88 2.87
CA TYR E 94 34.85 19.63 2.62
C TYR E 94 34.83 18.81 3.90
N PHE E 95 33.64 18.47 4.37
CA PHE E 95 33.46 17.72 5.61
C PHE E 95 33.14 16.26 5.31
N CYS E 96 33.74 15.39 6.10
CA CYS E 96 33.35 14.00 6.19
C CYS E 96 32.21 13.88 7.20
N ALA E 97 31.20 13.07 6.89
CA ALA E 97 30.04 12.94 7.77
C ALA E 97 29.50 11.53 7.74
N ARG E 98 29.39 10.91 8.91
CA ARG E 98 28.79 9.59 9.04
C ARG E 98 27.27 9.70 9.03
N SER E 99 26.61 8.74 8.40
CA SER E 99 25.17 8.78 8.26
C SER E 99 24.50 8.16 9.48
N PHE E 100 23.41 8.77 9.91
CA PHE E 100 22.58 8.28 10.99
C PHE E 100 21.17 8.10 10.46
N TYR E 101 20.65 6.87 10.58
CA TYR E 101 19.29 6.59 10.17
C TYR E 101 18.51 5.95 11.31
N SER E 102 17.27 6.40 11.48
CA SER E 102 16.28 5.71 12.30
C SER E 102 14.94 5.81 11.59
N ASP E 103 13.98 5.02 12.06
CA ASP E 103 12.67 5.00 11.40
C ASP E 103 11.92 6.30 11.59
N SER E 104 12.16 7.01 12.70
CA SER E 104 11.53 8.30 12.94
C SER E 104 12.36 9.45 12.39
N ALA E 105 13.69 9.32 12.39
CA ALA E 105 14.56 10.43 12.01
C ALA E 105 14.89 10.44 10.52
N GLY E 106 14.94 9.29 9.87
CA GLY E 106 15.41 9.23 8.51
C GLY E 106 16.92 9.37 8.43
N SER E 107 17.40 9.60 7.22
CA SER E 107 18.83 9.72 6.99
C SER E 107 19.30 11.12 7.39
N LEU E 108 20.37 11.17 8.18
CA LEU E 108 20.89 12.43 8.72
C LEU E 108 22.40 12.32 8.88
N PHE E 109 22.97 13.30 9.58
CA PHE E 109 24.39 13.32 9.92
C PHE E 109 24.53 13.44 11.43
N ASP E 110 25.54 12.77 11.99
CA ASP E 110 25.77 12.89 13.43
C ASP E 110 27.24 13.20 13.75
N TYR E 111 28.16 12.34 13.32
CA TYR E 111 29.58 12.56 13.56
C TYR E 111 30.24 13.12 12.31
N TRP E 112 30.96 14.22 12.47
CA TRP E 112 31.63 14.90 11.38
C TRP E 112 33.14 14.87 11.59
N GLY E 113 33.88 15.16 10.52
CA GLY E 113 35.30 15.40 10.62
C GLY E 113 35.61 16.87 10.89
N GLN E 114 36.89 17.17 10.96
CA GLN E 114 37.31 18.54 11.23
C GLN E 114 37.25 19.43 10.00
N GLY E 115 37.02 18.85 8.82
CA GLY E 115 36.98 19.64 7.60
C GLY E 115 38.35 19.83 6.98
N THR E 116 38.40 19.99 5.66
CA THR E 116 39.65 20.24 4.96
C THR E 116 39.37 21.20 3.81
N LEU E 117 40.21 22.22 3.67
CA LEU E 117 39.97 23.31 2.73
C LEU E 117 40.52 22.97 1.35
N VAL E 118 39.72 23.23 0.32
CA VAL E 118 40.12 23.08 -1.06
C VAL E 118 39.99 24.45 -1.72
N THR E 119 41.10 24.96 -2.28
CA THR E 119 41.13 26.27 -2.90
C THR E 119 41.40 26.10 -4.39
N VAL E 120 40.41 26.41 -5.23
CA VAL E 120 40.55 26.32 -6.67
C VAL E 120 40.98 27.71 -7.17
N SER E 121 42.28 27.88 -7.36
CA SER E 121 42.84 29.16 -7.76
C SER E 121 43.97 28.93 -8.75
N SER E 122 44.34 30.00 -9.46
CA SER E 122 45.44 29.98 -10.41
C SER E 122 46.70 30.61 -9.85
N ALA E 123 46.75 30.85 -8.55
CA ALA E 123 47.86 31.55 -7.94
C ALA E 123 48.91 30.58 -7.43
N SER E 124 50.15 31.05 -7.35
CA SER E 124 51.26 30.29 -6.81
C SER E 124 51.50 30.68 -5.36
N THR E 125 52.11 29.78 -4.61
CA THR E 125 52.41 30.05 -3.21
C THR E 125 53.43 31.18 -3.11
N LYS E 126 53.15 32.15 -2.24
CA LYS E 126 54.00 33.32 -2.09
C LYS E 126 54.00 33.76 -0.64
N GLY E 127 55.17 34.21 -0.17
CA GLY E 127 55.29 34.74 1.16
C GLY E 127 54.74 36.15 1.26
N PRO E 128 54.29 36.53 2.46
CA PRO E 128 53.68 37.85 2.64
C PRO E 128 54.71 38.95 2.88
N SER E 129 54.39 40.14 2.38
CA SER E 129 55.15 41.34 2.69
C SER E 129 54.53 42.01 3.90
N VAL E 130 55.31 42.19 4.95
CA VAL E 130 54.83 42.75 6.22
C VAL E 130 55.26 44.21 6.29
N PHE E 131 54.29 45.12 6.18
CA PHE E 131 54.52 46.55 6.30
C PHE E 131 53.96 47.07 7.61
N PRO E 132 54.62 48.03 8.25
CA PRO E 132 54.15 48.52 9.55
C PRO E 132 53.07 49.59 9.43
N LEU E 133 52.18 49.59 10.41
CA LEU E 133 51.14 50.61 10.56
C LEU E 133 51.54 51.46 11.76
N ALA E 134 52.23 52.56 11.49
CA ALA E 134 52.80 53.38 12.55
C ALA E 134 51.75 54.31 13.16
N PRO E 135 51.88 54.64 14.45
CA PRO E 135 50.97 55.57 15.14
C PRO E 135 50.99 56.97 14.53
N THR E 144 44.61 54.76 23.84
CA THR E 144 44.28 55.92 23.02
C THR E 144 45.32 56.13 21.92
N ALA E 145 45.98 55.04 21.53
CA ALA E 145 46.98 55.08 20.45
C ALA E 145 46.96 53.76 19.71
N ALA E 146 46.88 53.82 18.38
CA ALA E 146 46.71 52.65 17.54
C ALA E 146 47.95 52.39 16.69
N LEU E 147 48.33 51.12 16.59
CA LEU E 147 49.42 50.69 15.72
C LEU E 147 49.15 49.25 15.30
N GLY E 148 49.82 48.83 14.24
CA GLY E 148 49.61 47.47 13.76
C GLY E 148 50.54 47.12 12.62
N CYS E 149 50.22 46.00 11.97
CA CYS E 149 50.98 45.48 10.86
C CYS E 149 50.06 45.17 9.69
N LEU E 150 50.60 45.26 8.47
CA LEU E 150 49.89 44.93 7.26
C LEU E 150 50.55 43.73 6.61
N VAL E 151 49.80 42.64 6.48
CA VAL E 151 50.27 41.42 5.84
C VAL E 151 49.67 41.40 4.44
N LYS E 152 50.49 41.72 3.44
CA LYS E 152 50.01 41.93 2.07
C LYS E 152 50.66 40.95 1.11
N ASP E 153 49.86 40.47 0.15
CA ASP E 153 50.33 39.68 -1.00
C ASP E 153 50.91 38.34 -0.57
N TYR E 154 50.02 37.47 -0.09
CA TYR E 154 50.41 36.10 0.24
C TYR E 154 49.36 35.13 -0.29
N PHE E 155 49.81 33.91 -0.55
CA PHE E 155 48.95 32.84 -1.04
C PHE E 155 49.66 31.53 -0.78
N PRO E 156 48.94 30.49 -0.31
CA PRO E 156 47.53 30.56 0.08
C PRO E 156 47.39 30.92 1.55
N GLU E 157 46.14 31.05 2.01
CA GLU E 157 45.89 31.18 3.44
C GLU E 157 46.20 29.87 4.13
N PRO E 158 46.49 29.90 5.45
CA PRO E 158 46.43 31.03 6.38
C PRO E 158 47.78 31.64 6.78
N VAL E 159 47.72 32.82 7.40
CA VAL E 159 48.85 33.41 8.08
C VAL E 159 48.53 33.45 9.57
N THR E 160 49.59 33.54 10.38
CA THR E 160 49.47 33.61 11.83
C THR E 160 50.23 34.83 12.32
N VAL E 161 49.51 35.75 12.97
CA VAL E 161 50.10 36.97 13.50
C VAL E 161 49.98 36.96 15.02
N SER E 162 51.10 37.21 15.70
CA SER E 162 51.11 37.39 17.13
C SER E 162 52.00 38.58 17.46
N TRP E 163 51.73 39.20 18.60
CA TRP E 163 52.44 40.41 19.03
C TRP E 163 53.29 40.10 20.24
N ASN E 164 54.58 40.48 20.17
CA ASN E 164 55.54 40.23 21.24
C ASN E 164 55.56 38.76 21.63
N SER E 165 55.49 37.89 20.62
CA SER E 165 55.62 36.45 20.78
C SER E 165 54.56 35.89 21.75
N GLY E 166 53.31 36.30 21.54
CA GLY E 166 52.20 35.78 22.31
C GLY E 166 51.97 36.44 23.65
N ALA E 167 52.66 37.54 23.95
CA ALA E 167 52.50 38.25 25.21
C ALA E 167 51.49 39.39 25.10
N LEU E 168 51.70 40.30 24.15
CA LEU E 168 50.80 41.43 23.94
C LEU E 168 49.53 40.89 23.29
N THR E 169 48.60 40.45 24.14
CA THR E 169 47.34 39.87 23.70
C THR E 169 46.16 40.81 23.87
N SER E 170 46.10 41.56 24.97
CA SER E 170 44.97 42.44 25.22
C SER E 170 44.88 43.54 24.16
N GLY E 171 43.67 43.81 23.72
CA GLY E 171 43.44 44.89 22.76
C GLY E 171 43.96 44.62 21.37
N VAL E 172 44.12 43.37 20.97
CA VAL E 172 44.62 43.00 19.65
C VAL E 172 43.44 42.61 18.77
N HIS E 173 43.49 43.00 17.51
CA HIS E 173 42.47 42.63 16.52
C HIS E 173 43.18 42.22 15.24
N THR E 174 43.27 40.91 15.01
CA THR E 174 43.72 40.38 13.73
C THR E 174 42.49 40.16 12.85
N PHE E 175 42.42 40.88 11.74
CA PHE E 175 41.22 40.90 10.93
C PHE E 175 41.17 39.73 9.95
N PRO E 176 39.99 39.38 9.47
CA PRO E 176 39.89 38.41 8.38
C PRO E 176 40.53 38.95 7.11
N ALA E 177 41.21 38.06 6.38
CA ALA E 177 41.89 38.47 5.16
C ALA E 177 40.89 38.78 4.05
N VAL E 178 41.38 39.46 3.03
CA VAL E 178 40.60 39.76 1.83
C VAL E 178 41.37 39.28 0.61
N LEU E 179 40.65 38.74 -0.36
CA LEU E 179 41.24 38.33 -1.62
C LEU E 179 41.27 39.52 -2.56
N GLN E 180 42.47 39.93 -2.96
CA GLN E 180 42.65 41.12 -3.77
C GLN E 180 42.42 40.79 -5.25
N SER E 181 42.55 41.82 -6.10
CA SER E 181 42.34 41.63 -7.54
C SER E 181 43.43 40.80 -8.18
N SER E 182 44.62 40.72 -7.56
CA SER E 182 45.69 39.88 -8.08
C SER E 182 45.49 38.41 -7.74
N GLY E 183 44.52 38.08 -6.90
CA GLY E 183 44.39 36.73 -6.40
C GLY E 183 45.25 36.44 -5.20
N LEU E 184 45.82 37.46 -4.57
CA LEU E 184 46.63 37.32 -3.37
C LEU E 184 45.89 37.91 -2.18
N TYR E 185 46.00 37.25 -1.03
CA TYR E 185 45.31 37.72 0.16
C TYR E 185 46.10 38.83 0.84
N SER E 186 45.38 39.65 1.60
CA SER E 186 45.97 40.71 2.40
C SER E 186 45.21 40.81 3.71
N LEU E 187 45.91 41.20 4.78
CA LEU E 187 45.37 41.07 6.12
C LEU E 187 45.93 42.16 7.03
N SER E 188 45.09 42.67 7.93
CA SER E 188 45.47 43.69 8.89
C SER E 188 45.42 43.12 10.30
N SER E 189 46.33 43.60 11.15
CA SER E 189 46.40 43.20 12.55
C SER E 189 46.75 44.43 13.37
N VAL E 190 45.83 44.89 14.21
CA VAL E 190 46.01 46.11 14.98
C VAL E 190 46.03 45.78 16.47
N VAL E 191 46.54 46.73 17.25
CA VAL E 191 46.61 46.62 18.70
C VAL E 191 46.63 48.03 19.28
N THR E 192 45.97 48.21 20.42
CA THR E 192 45.88 49.51 21.08
C THR E 192 46.85 49.56 22.24
N VAL E 193 47.60 50.65 22.34
CA VAL E 193 48.58 50.86 23.41
C VAL E 193 48.14 52.08 24.20
N PRO E 194 48.60 52.22 25.45
CA PRO E 194 48.13 53.34 26.28
C PRO E 194 48.81 54.66 25.97
N SER E 195 49.26 54.83 24.73
CA SER E 195 49.94 56.06 24.27
C SER E 195 51.30 56.24 24.93
N SER E 196 51.59 55.44 25.96
CA SER E 196 52.93 55.43 26.58
C SER E 196 53.79 54.41 25.83
N SER E 197 54.06 54.73 24.57
CA SER E 197 54.66 53.79 23.64
C SER E 197 56.07 53.40 24.10
N LEU E 198 56.27 52.11 24.33
CA LEU E 198 57.57 51.57 24.69
C LEU E 198 57.60 50.07 24.44
N ILE E 204 55.95 44.35 18.39
CA ILE E 204 56.48 43.67 17.21
C ILE E 204 55.57 42.52 16.81
N CYS E 205 55.04 42.57 15.59
CA CYS E 205 54.15 41.51 15.11
C CYS E 205 54.97 40.35 14.55
N ASN E 206 54.46 39.14 14.76
CA ASN E 206 55.13 37.91 14.36
C ASN E 206 54.27 37.22 13.31
N VAL E 207 54.54 37.54 12.05
CA VAL E 207 53.79 36.97 10.93
C VAL E 207 54.47 35.68 10.48
N ASN E 208 53.69 34.61 10.40
CA ASN E 208 54.20 33.30 10.01
C ASN E 208 53.28 32.69 8.96
N HIS E 209 53.81 32.47 7.76
CA HIS E 209 53.07 31.90 6.64
C HIS E 209 53.54 30.46 6.45
N LYS E 210 52.65 29.51 6.72
CA LYS E 210 53.02 28.10 6.66
C LYS E 210 53.43 27.64 5.26
N PRO E 211 52.67 27.90 4.19
CA PRO E 211 53.05 27.33 2.88
C PRO E 211 54.39 27.82 2.36
N SER E 212 54.69 29.11 2.48
CA SER E 212 55.94 29.66 1.98
C SER E 212 57.08 29.54 2.98
N ASN E 213 56.86 28.92 4.14
CA ASN E 213 57.88 28.78 5.18
C ASN E 213 58.50 30.12 5.52
N THR E 214 57.66 31.13 5.67
CA THR E 214 58.09 32.51 5.88
C THR E 214 57.78 32.93 7.31
N LYS E 215 58.79 33.46 8.00
CA LYS E 215 58.64 34.00 9.35
C LYS E 215 59.24 35.40 9.37
N VAL E 216 58.38 36.41 9.43
CA VAL E 216 58.80 37.80 9.41
C VAL E 216 58.40 38.44 10.75
N ASP E 217 59.32 39.20 11.33
CA ASP E 217 59.07 39.96 12.55
C ASP E 217 59.43 41.42 12.30
N LYS E 218 58.43 42.29 12.37
CA LYS E 218 58.59 43.70 12.04
C LYS E 218 58.33 44.56 13.27
N LYS E 219 59.15 45.59 13.45
CA LYS E 219 59.00 46.53 14.55
C LYS E 219 58.27 47.79 14.08
N VAL E 220 57.37 48.28 14.92
CA VAL E 220 56.53 49.43 14.59
C VAL E 220 56.88 50.55 15.57
N GLU E 221 57.61 51.55 15.08
CA GLU E 221 57.93 52.74 15.86
C GLU E 221 57.34 53.97 15.18
N PRO E 222 56.86 54.95 15.96
CA PRO E 222 56.29 56.18 15.40
C PRO E 222 57.31 57.03 14.66
N GLN F 1 -20.13 -7.42 -9.39
CA GLN F 1 -19.12 -7.87 -10.34
C GLN F 1 -18.39 -6.68 -10.97
N VAL F 2 -17.05 -6.72 -10.87
CA VAL F 2 -16.23 -5.63 -11.43
C VAL F 2 -16.47 -5.52 -12.93
N GLN F 3 -16.63 -4.29 -13.41
CA GLN F 3 -16.85 -4.04 -14.83
C GLN F 3 -16.12 -2.78 -15.24
N LEU F 4 -15.36 -2.88 -16.33
CA LEU F 4 -14.63 -1.75 -16.90
C LEU F 4 -14.93 -1.68 -18.39
N VAL F 5 -15.37 -0.51 -18.86
CA VAL F 5 -15.76 -0.33 -20.26
C VAL F 5 -15.02 0.87 -20.82
N GLU F 6 -14.08 0.61 -21.74
CA GLU F 6 -13.41 1.68 -22.47
C GLU F 6 -14.31 2.20 -23.58
N SER F 7 -14.07 3.45 -23.97
CA SER F 7 -14.76 4.05 -25.10
C SER F 7 -13.92 5.21 -25.63
N GLY F 8 -14.34 5.75 -26.78
CA GLY F 8 -13.67 6.87 -27.38
C GLY F 8 -12.70 6.53 -28.49
N GLY F 9 -12.55 5.26 -28.84
CA GLY F 9 -11.67 4.90 -29.93
C GLY F 9 -12.15 5.42 -31.26
N GLY F 10 -11.25 5.37 -32.24
CA GLY F 10 -11.60 5.83 -33.58
C GLY F 10 -10.35 6.17 -34.38
N VAL F 11 -10.57 6.92 -35.45
CA VAL F 11 -9.49 7.33 -36.36
C VAL F 11 -9.00 8.71 -35.96
N VAL F 12 -7.68 8.87 -35.94
CA VAL F 12 -7.05 10.14 -35.64
C VAL F 12 -6.00 10.44 -36.71
N GLN F 13 -6.00 11.68 -37.19
CA GLN F 13 -4.95 12.05 -38.13
C GLN F 13 -3.64 12.26 -37.37
N PRO F 14 -2.52 11.80 -37.91
CA PRO F 14 -1.24 11.90 -37.19
C PRO F 14 -0.95 13.34 -36.79
N GLY F 15 -0.57 13.51 -35.52
CA GLY F 15 -0.32 14.82 -34.96
C GLY F 15 -1.49 15.45 -34.24
N ARG F 16 -2.66 14.83 -34.26
CA ARG F 16 -3.86 15.37 -33.65
C ARG F 16 -4.19 14.61 -32.36
N SER F 17 -5.30 14.98 -31.73
CA SER F 17 -5.59 14.57 -30.37
C SER F 17 -6.84 13.69 -30.30
N LEU F 18 -7.01 13.05 -29.15
CA LEU F 18 -8.15 12.18 -28.87
C LEU F 18 -8.19 11.92 -27.36
N ARG F 19 -9.38 11.71 -26.83
CA ARG F 19 -9.57 11.36 -25.43
C ARG F 19 -10.33 10.04 -25.30
N LEU F 20 -9.91 9.22 -24.34
CA LEU F 20 -10.53 7.93 -24.06
C LEU F 20 -11.14 7.94 -22.66
N SER F 21 -12.23 7.20 -22.50
CA SER F 21 -12.90 7.04 -21.22
C SER F 21 -12.88 5.57 -20.82
N CYS F 22 -13.16 5.33 -19.53
CA CYS F 22 -13.20 3.98 -18.98
C CYS F 22 -14.20 4.01 -17.82
N ALA F 23 -15.40 3.48 -18.06
CA ALA F 23 -16.45 3.47 -17.05
C ALA F 23 -16.22 2.31 -16.08
N ALA F 24 -16.13 2.61 -14.79
CA ALA F 24 -15.90 1.62 -13.76
C ALA F 24 -17.13 1.44 -12.89
N SER F 25 -17.37 0.21 -12.47
CA SER F 25 -18.49 -0.12 -11.59
C SER F 25 -18.23 -1.50 -10.99
N GLY F 26 -18.99 -1.82 -9.95
CA GLY F 26 -18.79 -3.07 -9.25
C GLY F 26 -17.69 -3.05 -8.21
N PHE F 27 -17.13 -1.89 -7.91
CA PHE F 27 -16.13 -1.73 -6.86
C PHE F 27 -16.01 -0.23 -6.55
N THR F 28 -15.37 0.08 -5.43
CA THR F 28 -15.15 1.48 -5.07
C THR F 28 -13.99 2.00 -5.92
N PHE F 29 -14.35 2.69 -7.01
CA PHE F 29 -13.35 3.20 -7.96
C PHE F 29 -12.29 4.04 -7.26
N SER F 30 -12.72 4.89 -6.32
CA SER F 30 -11.82 5.84 -5.67
C SER F 30 -10.82 5.17 -4.73
N ASN F 31 -10.90 3.86 -4.51
CA ASN F 31 -9.96 3.18 -3.62
C ASN F 31 -8.78 2.56 -4.35
N PHE F 32 -8.77 2.55 -5.67
CA PHE F 32 -7.77 1.81 -6.44
C PHE F 32 -7.06 2.72 -7.43
N GLY F 33 -5.76 2.47 -7.61
CA GLY F 33 -5.06 3.06 -8.72
C GLY F 33 -5.49 2.42 -10.03
N MET F 34 -5.36 3.18 -11.12
CA MET F 34 -5.83 2.74 -12.43
C MET F 34 -4.72 2.91 -13.46
N HIS F 35 -4.66 1.97 -14.40
CA HIS F 35 -3.64 1.94 -15.44
C HIS F 35 -4.28 2.06 -16.81
N TRP F 36 -3.50 2.54 -17.76
CA TRP F 36 -3.79 2.39 -19.19
C TRP F 36 -2.72 1.49 -19.79
N VAL F 37 -3.16 0.45 -20.50
CA VAL F 37 -2.27 -0.48 -21.19
C VAL F 37 -2.77 -0.64 -22.61
N ARG F 38 -1.84 -0.60 -23.58
CA ARG F 38 -2.20 -0.76 -24.98
C ARG F 38 -1.55 -2.01 -25.55
N GLN F 39 -2.19 -2.56 -26.58
CA GLN F 39 -1.67 -3.71 -27.32
C GLN F 39 -1.61 -3.31 -28.79
N THR F 40 -0.40 -3.23 -29.33
CA THR F 40 -0.18 -2.84 -30.72
C THR F 40 -0.52 -4.01 -31.65
N PRO F 41 -0.69 -3.72 -32.95
CA PRO F 41 -1.02 -4.81 -33.90
C PRO F 41 -0.08 -6.01 -33.86
N ASP F 42 1.18 -5.83 -33.47
CA ASP F 42 2.04 -6.99 -33.29
C ASP F 42 1.67 -7.82 -32.06
N ARG F 43 0.67 -7.38 -31.30
CA ARG F 43 0.08 -8.13 -30.18
C ARG F 43 1.01 -8.18 -28.97
N GLY F 44 1.83 -7.15 -28.79
CA GLY F 44 2.68 -7.04 -27.61
C GLY F 44 2.10 -6.02 -26.65
N LEU F 45 1.90 -6.45 -25.41
CA LEU F 45 1.35 -5.56 -24.39
C LEU F 45 2.36 -4.48 -24.03
N GLU F 46 1.85 -3.31 -23.65
CA GLU F 46 2.69 -2.17 -23.36
C GLU F 46 2.01 -1.26 -22.34
N TRP F 47 2.68 -1.02 -21.22
CA TRP F 47 2.13 -0.12 -20.20
C TRP F 47 2.26 1.32 -20.64
N VAL F 48 1.25 2.12 -20.32
CA VAL F 48 1.16 3.52 -20.76
C VAL F 48 1.29 4.49 -19.59
N ALA F 49 0.40 4.39 -18.61
CA ALA F 49 0.40 5.34 -17.50
C ALA F 49 -0.35 4.75 -16.32
N ILE F 50 -0.10 5.31 -15.14
CA ILE F 50 -0.79 4.93 -13.91
C ILE F 50 -1.16 6.19 -13.14
N ILE F 51 -2.37 6.22 -12.59
CA ILE F 51 -2.81 7.29 -11.70
C ILE F 51 -3.13 6.67 -10.34
N TRP F 52 -2.66 7.31 -9.28
CA TRP F 52 -2.96 6.89 -7.92
C TRP F 52 -4.46 6.90 -7.67
N PHE F 53 -4.87 6.25 -6.58
CA PHE F 53 -6.29 6.18 -6.23
C PHE F 53 -6.89 7.57 -6.09
N ASP F 54 -6.21 8.45 -5.37
CA ASP F 54 -6.68 9.82 -5.15
C ASP F 54 -6.18 10.79 -6.22
N GLY F 55 -5.36 10.33 -7.15
CA GLY F 55 -4.80 11.18 -8.18
C GLY F 55 -3.55 11.93 -7.78
N SER F 56 -3.04 11.71 -6.57
CA SER F 56 -1.89 12.47 -6.09
C SER F 56 -0.62 12.18 -6.88
N ASN F 57 -0.58 11.08 -7.62
CA ASN F 57 0.61 10.72 -8.40
C ASN F 57 0.19 10.18 -9.75
N THR F 58 0.94 10.55 -10.79
CA THR F 58 0.79 9.98 -12.12
C THR F 58 2.17 9.70 -12.68
N PHE F 59 2.30 8.60 -13.42
CA PHE F 59 3.54 8.23 -14.05
C PHE F 59 3.25 7.71 -15.45
N TYR F 60 4.18 7.94 -16.37
CA TYR F 60 3.98 7.65 -17.77
C TYR F 60 5.17 6.88 -18.33
N ALA F 61 4.92 6.09 -19.37
CA ALA F 61 5.99 5.45 -20.10
C ALA F 61 6.73 6.49 -20.94
N ASP F 62 8.04 6.28 -21.11
CA ASP F 62 8.86 7.26 -21.81
C ASP F 62 8.36 7.53 -23.22
N SER F 63 7.75 6.55 -23.87
CA SER F 63 7.26 6.73 -25.22
C SER F 63 6.08 7.69 -25.31
N VAL F 64 5.43 8.01 -24.18
CA VAL F 64 4.24 8.86 -24.22
C VAL F 64 4.40 10.06 -23.30
N LYS F 65 5.47 10.09 -22.51
CA LYS F 65 5.64 11.15 -21.53
C LYS F 65 5.74 12.50 -22.23
N GLY F 66 4.86 13.43 -21.84
CA GLY F 66 4.78 14.75 -22.45
C GLY F 66 3.69 14.90 -23.47
N ARG F 67 3.15 13.78 -23.99
CA ARG F 67 2.05 13.81 -24.95
C ARG F 67 0.74 13.29 -24.40
N PHE F 68 0.78 12.37 -23.46
CA PHE F 68 -0.42 11.78 -22.86
C PHE F 68 -0.64 12.32 -21.46
N THR F 69 -1.90 12.36 -21.04
CA THR F 69 -2.27 12.81 -19.70
C THR F 69 -3.37 11.91 -19.18
N ILE F 70 -3.12 11.25 -18.05
CA ILE F 70 -4.10 10.37 -17.42
C ILE F 70 -4.81 11.14 -16.31
N SER F 71 -6.11 10.91 -16.18
CA SER F 71 -6.91 11.58 -15.16
C SER F 71 -8.08 10.70 -14.80
N ARG F 72 -8.69 11.01 -13.65
CA ARG F 72 -9.82 10.24 -13.15
C ARG F 72 -10.85 11.18 -12.53
N ASP F 73 -12.10 10.77 -12.59
CA ASP F 73 -13.22 11.47 -11.96
C ASP F 73 -13.78 10.53 -10.89
N ASN F 74 -13.42 10.76 -9.64
CA ASN F 74 -13.83 9.90 -8.54
C ASN F 74 -15.27 10.13 -8.10
N TYR F 75 -16.02 10.98 -8.80
CA TYR F 75 -17.44 11.15 -8.57
C TYR F 75 -18.28 10.44 -9.63
N LYS F 76 -18.00 10.70 -10.90
CA LYS F 76 -18.63 9.95 -11.99
C LYS F 76 -18.03 8.56 -12.15
N ASN F 77 -16.97 8.24 -11.40
CA ASN F 77 -16.30 6.94 -11.45
C ASN F 77 -15.90 6.60 -12.89
N THR F 78 -15.06 7.47 -13.44
CA THR F 78 -14.59 7.35 -14.81
C THR F 78 -13.09 7.63 -14.85
N LEU F 79 -12.36 6.79 -15.58
CA LEU F 79 -10.97 7.03 -15.89
C LEU F 79 -10.87 7.68 -17.26
N TYR F 80 -9.82 8.46 -17.47
CA TYR F 80 -9.65 9.20 -18.73
C TYR F 80 -8.20 9.09 -19.19
N LEU F 81 -8.02 9.21 -20.50
CA LEU F 81 -6.69 9.36 -21.10
C LEU F 81 -6.79 10.36 -22.22
N GLN F 82 -6.06 11.48 -22.09
CA GLN F 82 -5.98 12.50 -23.14
C GLN F 82 -4.69 12.30 -23.91
N MET F 83 -4.81 12.10 -25.22
CA MET F 83 -3.67 11.79 -26.08
C MET F 83 -3.47 12.93 -27.07
N ASN F 84 -2.34 13.63 -26.96
CA ASN F 84 -1.97 14.69 -27.88
C ASN F 84 -0.82 14.25 -28.76
N SER F 85 -0.65 14.95 -29.88
CA SER F 85 0.47 14.75 -30.81
C SER F 85 0.62 13.28 -31.19
N LEU F 86 -0.52 12.64 -31.48
CA LEU F 86 -0.53 11.20 -31.74
C LEU F 86 0.29 10.84 -32.97
N ARG F 87 1.10 9.79 -32.83
CA ARG F 87 1.93 9.27 -33.91
C ARG F 87 1.36 7.94 -34.39
N ALA F 88 1.91 7.46 -35.51
CA ALA F 88 1.45 6.18 -36.07
C ALA F 88 1.80 5.02 -35.15
N GLU F 89 2.94 5.10 -34.46
CA GLU F 89 3.35 4.07 -33.52
C GLU F 89 2.40 3.97 -32.32
N ASP F 90 1.46 4.90 -32.17
CA ASP F 90 0.47 4.85 -31.12
C ASP F 90 -0.79 4.10 -31.52
N THR F 91 -0.89 3.65 -32.77
CA THR F 91 -2.01 2.82 -33.18
C THR F 91 -2.02 1.53 -32.40
N ALA F 92 -3.11 1.27 -31.68
CA ALA F 92 -3.20 0.12 -30.80
C ALA F 92 -4.62 0.05 -30.24
N VAL F 93 -4.90 -1.05 -29.53
CA VAL F 93 -6.08 -1.17 -28.69
C VAL F 93 -5.69 -0.76 -27.29
N TYR F 94 -6.53 0.07 -26.66
CA TYR F 94 -6.22 0.63 -25.35
C TYR F 94 -7.13 0.03 -24.29
N PHE F 95 -6.53 -0.50 -23.23
CA PHE F 95 -7.25 -1.07 -22.09
C PHE F 95 -7.00 -0.24 -20.84
N CYS F 96 -8.01 -0.17 -19.98
CA CYS F 96 -7.81 0.26 -18.61
C CYS F 96 -7.71 -0.97 -17.72
N ALA F 97 -6.81 -0.92 -16.74
CA ALA F 97 -6.59 -2.02 -15.82
C ALA F 97 -6.60 -1.50 -14.40
N ARG F 98 -7.29 -2.23 -13.52
CA ARG F 98 -7.27 -1.90 -12.11
C ARG F 98 -5.95 -2.37 -11.48
N SER F 99 -5.47 -1.61 -10.51
CA SER F 99 -4.21 -1.92 -9.86
C SER F 99 -4.43 -2.92 -8.73
N PHE F 100 -3.51 -3.86 -8.60
CA PHE F 100 -3.46 -4.80 -7.50
C PHE F 100 -2.18 -4.56 -6.72
N TYR F 101 -2.26 -4.61 -5.39
CA TYR F 101 -1.06 -4.48 -4.58
C TYR F 101 -1.09 -5.43 -3.40
N SER F 102 0.03 -6.11 -3.18
CA SER F 102 0.35 -6.75 -1.92
C SER F 102 1.83 -6.55 -1.66
N ASP F 103 2.23 -6.66 -0.38
CA ASP F 103 3.63 -6.46 -0.03
C ASP F 103 4.53 -7.46 -0.75
N SER F 104 4.13 -8.72 -0.81
CA SER F 104 4.97 -9.75 -1.42
C SER F 104 4.98 -9.64 -2.93
N ALA F 105 3.85 -9.28 -3.55
CA ALA F 105 3.74 -9.24 -4.99
C ALA F 105 4.14 -7.88 -5.58
N GLY F 106 3.78 -6.80 -4.92
CA GLY F 106 4.02 -5.47 -5.43
C GLY F 106 2.82 -4.90 -6.17
N SER F 107 3.09 -3.93 -7.03
CA SER F 107 2.06 -3.26 -7.79
C SER F 107 1.85 -3.99 -9.11
N LEU F 108 0.65 -4.51 -9.32
CA LEU F 108 0.34 -5.33 -10.49
C LEU F 108 -1.05 -4.99 -10.99
N PHE F 109 -1.56 -5.81 -11.90
CA PHE F 109 -2.90 -5.66 -12.47
C PHE F 109 -3.75 -6.88 -12.13
N ASP F 110 -5.06 -6.67 -12.10
CA ASP F 110 -5.98 -7.80 -11.98
C ASP F 110 -7.09 -7.71 -13.03
N TYR F 111 -8.02 -6.77 -12.87
CA TYR F 111 -9.15 -6.65 -13.78
C TYR F 111 -8.81 -5.75 -14.96
N TRP F 112 -9.34 -6.11 -16.13
CA TRP F 112 -9.09 -5.39 -17.38
C TRP F 112 -10.41 -5.11 -18.08
N GLY F 113 -10.43 -4.02 -18.86
CA GLY F 113 -11.54 -3.76 -19.74
C GLY F 113 -11.46 -4.59 -21.02
N GLN F 114 -12.43 -4.37 -21.90
CA GLN F 114 -12.45 -5.09 -23.16
C GLN F 114 -11.61 -4.41 -24.25
N GLY F 115 -11.28 -3.14 -24.08
CA GLY F 115 -10.42 -2.44 -25.00
C GLY F 115 -11.20 -1.57 -25.98
N THR F 116 -10.50 -0.57 -26.53
CA THR F 116 -11.04 0.31 -27.54
C THR F 116 -9.92 0.62 -28.54
N LEU F 117 -10.24 0.58 -29.83
CA LEU F 117 -9.22 0.64 -30.87
C LEU F 117 -8.97 2.07 -31.32
N VAL F 118 -7.71 2.46 -31.38
CA VAL F 118 -7.28 3.78 -31.82
C VAL F 118 -6.36 3.61 -33.02
N THR F 119 -6.79 4.08 -34.18
CA THR F 119 -6.02 4.01 -35.41
C THR F 119 -5.56 5.41 -35.80
N VAL F 120 -4.24 5.63 -35.82
CA VAL F 120 -3.65 6.91 -36.18
C VAL F 120 -3.24 6.82 -37.64
N SER F 121 -4.04 7.38 -38.53
CA SER F 121 -3.73 7.33 -39.95
C SER F 121 -4.29 8.56 -40.66
N SER F 122 -3.77 8.79 -41.87
CA SER F 122 -4.29 9.81 -42.77
C SER F 122 -5.42 9.29 -43.66
N ALA F 123 -5.84 8.05 -43.46
CA ALA F 123 -6.86 7.44 -44.29
C ALA F 123 -8.25 7.90 -43.87
N SER F 124 -9.17 7.88 -44.83
CA SER F 124 -10.56 8.21 -44.58
C SER F 124 -11.36 6.94 -44.34
N THR F 125 -12.31 7.01 -43.42
CA THR F 125 -13.21 5.88 -43.18
C THR F 125 -13.94 5.53 -44.48
N LYS F 126 -13.80 4.27 -44.89
CA LYS F 126 -14.35 3.82 -46.16
C LYS F 126 -14.88 2.40 -46.01
N GLY F 127 -16.02 2.14 -46.63
CA GLY F 127 -16.56 0.81 -46.68
C GLY F 127 -15.78 -0.07 -47.63
N PRO F 128 -15.88 -1.38 -47.46
CA PRO F 128 -15.17 -2.30 -48.36
C PRO F 128 -15.94 -2.55 -49.64
N SER F 129 -15.20 -3.01 -50.64
CA SER F 129 -15.80 -3.58 -51.84
C SER F 129 -15.65 -5.10 -51.75
N VAL F 130 -16.74 -5.81 -52.04
CA VAL F 130 -16.78 -7.25 -51.86
C VAL F 130 -16.91 -7.90 -53.23
N PHE F 131 -15.84 -8.59 -53.65
CA PHE F 131 -15.79 -9.27 -54.93
C PHE F 131 -15.82 -10.79 -54.73
N PRO F 132 -16.44 -11.52 -55.66
CA PRO F 132 -16.55 -12.98 -55.49
C PRO F 132 -15.26 -13.69 -55.88
N LEU F 133 -14.87 -14.66 -55.06
CA LEU F 133 -13.86 -15.65 -55.44
C LEU F 133 -14.66 -16.88 -55.86
N ALA F 134 -14.96 -16.95 -57.15
CA ALA F 134 -15.88 -17.96 -57.67
C ALA F 134 -15.17 -19.31 -57.81
N PRO F 135 -15.89 -20.41 -57.56
CA PRO F 135 -15.37 -21.77 -57.80
C PRO F 135 -15.50 -22.18 -59.26
N THR F 144 -14.35 -31.96 -53.33
CA THR F 144 -14.72 -30.69 -52.70
C THR F 144 -14.09 -29.50 -53.42
N ALA F 145 -14.85 -28.41 -53.51
CA ALA F 145 -14.42 -27.17 -54.15
C ALA F 145 -14.34 -26.05 -53.14
N ALA F 146 -13.60 -25.01 -53.49
CA ALA F 146 -13.37 -23.88 -52.61
C ALA F 146 -13.86 -22.59 -53.26
N LEU F 147 -14.47 -21.72 -52.45
CA LEU F 147 -14.93 -20.42 -52.88
C LEU F 147 -14.72 -19.43 -51.74
N GLY F 148 -14.99 -18.16 -52.00
CA GLY F 148 -14.80 -17.18 -50.96
C GLY F 148 -15.22 -15.80 -51.40
N CYS F 149 -14.78 -14.80 -50.63
CA CYS F 149 -15.07 -13.40 -50.86
C CYS F 149 -13.80 -12.59 -50.66
N LEU F 150 -13.59 -11.60 -51.53
CA LEU F 150 -12.46 -10.68 -51.43
C LEU F 150 -12.98 -9.34 -50.91
N VAL F 151 -12.60 -9.01 -49.69
CA VAL F 151 -13.05 -7.79 -49.01
C VAL F 151 -11.92 -6.78 -49.13
N LYS F 152 -12.05 -5.83 -50.03
CA LYS F 152 -10.94 -4.97 -50.43
C LYS F 152 -11.24 -3.50 -50.21
N ASP F 153 -10.21 -2.76 -49.75
CA ASP F 153 -10.21 -1.30 -49.70
C ASP F 153 -11.20 -0.75 -48.67
N TYR F 154 -10.99 -1.07 -47.40
CA TYR F 154 -11.77 -0.50 -46.32
C TYR F 154 -10.84 0.09 -45.27
N PHE F 155 -11.39 0.97 -44.44
CA PHE F 155 -10.65 1.60 -43.37
C PHE F 155 -11.63 2.20 -42.38
N PRO F 156 -11.39 2.06 -41.06
CA PRO F 156 -10.31 1.26 -40.50
C PRO F 156 -10.76 -0.17 -40.18
N GLU F 157 -10.01 -0.84 -39.33
CA GLU F 157 -10.37 -2.16 -38.86
C GLU F 157 -11.47 -2.05 -37.79
N PRO F 158 -12.27 -3.11 -37.60
CA PRO F 158 -12.21 -4.38 -38.33
C PRO F 158 -13.38 -4.59 -39.27
N VAL F 159 -13.41 -5.75 -39.92
CA VAL F 159 -14.60 -6.28 -40.56
C VAL F 159 -14.85 -7.67 -40.01
N THR F 160 -16.10 -8.08 -40.02
CA THR F 160 -16.49 -9.43 -39.65
C THR F 160 -17.19 -10.08 -40.84
N VAL F 161 -16.82 -11.32 -41.13
CA VAL F 161 -17.36 -12.05 -42.27
C VAL F 161 -18.00 -13.34 -41.78
N SER F 162 -19.24 -13.57 -42.18
CA SER F 162 -19.94 -14.83 -41.94
C SER F 162 -20.51 -15.34 -43.26
N TRP F 163 -20.97 -16.58 -43.25
CA TRP F 163 -21.50 -17.22 -44.44
C TRP F 163 -22.92 -17.68 -44.18
N ASN F 164 -23.85 -17.24 -45.03
CA ASN F 164 -25.28 -17.50 -44.87
C ASN F 164 -25.75 -17.14 -43.46
N SER F 165 -25.45 -15.90 -43.07
CA SER F 165 -25.79 -15.32 -41.77
C SER F 165 -25.11 -16.02 -40.60
N GLY F 166 -24.21 -16.97 -40.87
CA GLY F 166 -23.62 -17.79 -39.83
C GLY F 166 -24.15 -19.19 -39.76
N ALA F 167 -25.15 -19.53 -40.59
CA ALA F 167 -25.67 -20.90 -40.66
C ALA F 167 -24.71 -21.84 -41.37
N LEU F 168 -23.59 -21.33 -41.88
CA LEU F 168 -22.54 -22.15 -42.47
C LEU F 168 -21.24 -21.78 -41.76
N THR F 169 -20.70 -22.73 -40.99
CA THR F 169 -19.47 -22.50 -40.24
C THR F 169 -18.36 -23.47 -40.58
N SER F 170 -18.69 -24.70 -41.00
CA SER F 170 -17.67 -25.71 -41.27
C SER F 170 -16.90 -25.37 -42.53
N GLY F 171 -15.57 -25.46 -42.45
CA GLY F 171 -14.72 -25.21 -43.59
C GLY F 171 -14.46 -23.75 -43.89
N VAL F 172 -14.92 -22.84 -43.05
CA VAL F 172 -14.76 -21.41 -43.27
C VAL F 172 -13.43 -20.95 -42.70
N HIS F 173 -12.72 -20.12 -43.47
CA HIS F 173 -11.49 -19.48 -43.01
C HIS F 173 -11.52 -18.02 -43.44
N THR F 174 -11.68 -17.12 -42.47
CA THR F 174 -11.53 -15.69 -42.69
C THR F 174 -10.13 -15.28 -42.28
N PHE F 175 -9.41 -14.65 -43.19
CA PHE F 175 -7.99 -14.41 -42.97
C PHE F 175 -7.74 -13.07 -42.30
N PRO F 176 -6.62 -12.93 -41.61
CA PRO F 176 -6.23 -11.62 -41.07
C PRO F 176 -6.11 -10.58 -42.18
N ALA F 177 -6.63 -9.39 -41.92
CA ALA F 177 -6.52 -8.29 -42.87
C ALA F 177 -5.05 -7.96 -43.13
N VAL F 178 -4.80 -7.41 -44.31
CA VAL F 178 -3.48 -6.94 -44.71
C VAL F 178 -3.58 -5.45 -45.01
N LEU F 179 -2.60 -4.68 -44.53
CA LEU F 179 -2.56 -3.25 -44.81
C LEU F 179 -1.89 -3.03 -46.16
N GLN F 180 -2.61 -2.40 -47.09
CA GLN F 180 -2.12 -2.19 -48.44
C GLN F 180 -1.31 -0.89 -48.52
N SER F 181 -0.53 -0.77 -49.60
CA SER F 181 0.28 0.42 -49.83
C SER F 181 -0.56 1.68 -50.02
N SER F 182 -1.87 1.53 -50.24
CA SER F 182 -2.78 2.67 -50.31
C SER F 182 -3.18 3.19 -48.93
N GLY F 183 -2.84 2.47 -47.86
CA GLY F 183 -3.34 2.79 -46.55
C GLY F 183 -4.68 2.19 -46.22
N LEU F 184 -5.23 1.37 -47.11
CA LEU F 184 -6.49 0.68 -46.90
C LEU F 184 -6.22 -0.79 -46.62
N TYR F 185 -7.18 -1.45 -45.98
CA TYR F 185 -7.07 -2.86 -45.65
C TYR F 185 -7.80 -3.72 -46.67
N SER F 186 -7.27 -4.92 -46.89
CA SER F 186 -7.91 -5.92 -47.73
C SER F 186 -7.90 -7.25 -46.99
N LEU F 187 -8.93 -8.05 -47.23
CA LEU F 187 -9.15 -9.24 -46.42
C LEU F 187 -9.83 -10.31 -47.26
N SER F 188 -9.48 -11.57 -46.98
CA SER F 188 -10.00 -12.72 -47.68
C SER F 188 -10.74 -13.63 -46.72
N SER F 189 -11.89 -14.15 -47.16
CA SER F 189 -12.65 -15.14 -46.40
C SER F 189 -13.11 -16.22 -47.37
N VAL F 190 -12.72 -17.46 -47.12
CA VAL F 190 -13.00 -18.57 -48.00
C VAL F 190 -13.79 -19.63 -47.25
N VAL F 191 -14.31 -20.60 -48.01
CA VAL F 191 -15.00 -21.76 -47.46
C VAL F 191 -14.89 -22.91 -48.45
N THR F 192 -14.55 -24.09 -47.96
CA THR F 192 -14.50 -25.29 -48.78
C THR F 192 -15.78 -26.09 -48.58
N VAL F 193 -16.45 -26.42 -49.69
CA VAL F 193 -17.75 -27.06 -49.64
C VAL F 193 -17.75 -28.31 -50.52
N PRO F 194 -18.74 -29.19 -50.41
CA PRO F 194 -18.85 -30.29 -51.38
C PRO F 194 -19.06 -29.75 -52.79
N SER F 195 -18.19 -30.19 -53.71
CA SER F 195 -18.27 -29.75 -55.10
C SER F 195 -19.63 -30.11 -55.71
N SER F 196 -20.25 -31.19 -55.25
CA SER F 196 -21.59 -31.54 -55.73
C SER F 196 -22.65 -30.54 -55.27
N SER F 197 -22.36 -29.73 -54.26
CA SER F 197 -23.31 -28.75 -53.77
C SER F 197 -23.31 -27.45 -54.57
N LEU F 198 -22.35 -27.26 -55.49
CA LEU F 198 -22.17 -25.97 -56.14
C LEU F 198 -23.37 -25.57 -56.99
N GLY F 199 -24.22 -26.51 -57.38
CA GLY F 199 -25.34 -26.18 -58.24
C GLY F 199 -26.67 -26.12 -57.52
N THR F 200 -26.71 -26.58 -56.27
CA THR F 200 -27.96 -26.67 -55.51
C THR F 200 -28.04 -25.64 -54.40
N GLN F 201 -27.05 -25.58 -53.52
CA GLN F 201 -27.07 -24.70 -52.37
C GLN F 201 -26.51 -23.33 -52.73
N THR F 202 -27.07 -22.30 -52.08
CA THR F 202 -26.61 -20.93 -52.25
C THR F 202 -25.55 -20.59 -51.21
N TYR F 203 -24.54 -19.83 -51.62
CA TYR F 203 -23.45 -19.41 -50.73
C TYR F 203 -23.35 -17.90 -50.76
N ILE F 204 -23.58 -17.27 -49.61
CA ILE F 204 -23.66 -15.81 -49.48
C ILE F 204 -22.80 -15.39 -48.31
N CYS F 205 -21.72 -14.67 -48.58
CA CYS F 205 -20.87 -14.13 -47.52
C CYS F 205 -21.44 -12.81 -47.03
N ASN F 206 -21.27 -12.55 -45.74
CA ASN F 206 -21.78 -11.34 -45.09
C ASN F 206 -20.61 -10.53 -44.55
N VAL F 207 -20.47 -9.31 -45.02
CA VAL F 207 -19.37 -8.42 -44.61
C VAL F 207 -19.96 -7.28 -43.79
N ASN F 208 -19.46 -7.12 -42.57
CA ASN F 208 -19.90 -6.07 -41.66
C ASN F 208 -18.71 -5.19 -41.32
N HIS F 209 -18.81 -3.90 -41.63
CA HIS F 209 -17.75 -2.93 -41.34
C HIS F 209 -18.37 -1.82 -40.49
N LYS F 210 -18.24 -1.94 -39.17
CA LYS F 210 -18.91 -0.98 -38.28
C LYS F 210 -18.42 0.47 -38.40
N PRO F 211 -17.15 0.76 -38.70
CA PRO F 211 -16.75 2.18 -38.78
C PRO F 211 -17.55 3.00 -39.78
N SER F 212 -18.03 2.39 -40.86
CA SER F 212 -19.08 2.96 -41.67
C SER F 212 -20.37 2.20 -41.38
N ASN F 213 -21.46 2.62 -41.99
CA ASN F 213 -22.70 1.86 -41.83
C ASN F 213 -22.92 0.95 -43.04
N THR F 214 -21.91 0.12 -43.30
CA THR F 214 -21.87 -0.72 -44.48
C THR F 214 -21.91 -2.19 -44.04
N LYS F 215 -23.04 -2.83 -44.30
CA LYS F 215 -23.17 -4.29 -44.17
C LYS F 215 -23.71 -4.80 -45.50
N VAL F 216 -22.89 -5.54 -46.23
CA VAL F 216 -23.20 -5.94 -47.60
C VAL F 216 -23.06 -7.45 -47.73
N ASP F 217 -23.98 -8.06 -48.48
CA ASP F 217 -23.91 -9.47 -48.84
C ASP F 217 -23.44 -9.60 -50.28
N LYS F 218 -22.92 -10.80 -50.60
CA LYS F 218 -22.50 -11.08 -51.97
C LYS F 218 -22.68 -12.57 -52.21
N LYS F 219 -23.59 -12.92 -53.12
CA LYS F 219 -23.83 -14.32 -53.47
C LYS F 219 -22.74 -14.78 -54.43
N VAL F 220 -21.89 -15.68 -53.95
CA VAL F 220 -20.84 -16.26 -54.79
C VAL F 220 -21.44 -17.39 -55.62
N GLU F 221 -21.20 -17.35 -56.92
CA GLU F 221 -21.74 -18.32 -57.86
C GLU F 221 -20.62 -18.90 -58.70
N PRO F 222 -20.84 -20.07 -59.31
CA PRO F 222 -19.87 -20.58 -60.29
C PRO F 222 -19.90 -19.74 -61.56
N LYS F 223 -18.73 -19.29 -61.99
CA LYS F 223 -18.62 -18.44 -63.17
C LYS F 223 -18.94 -19.21 -64.45
N PRO G 8 -15.50 -50.22 22.04
CA PRO G 8 -16.19 -51.46 21.69
C PRO G 8 -17.38 -51.22 20.76
N ASP G 9 -17.53 -52.05 19.74
CA ASP G 9 -18.57 -51.84 18.74
C ASP G 9 -19.95 -52.14 19.31
N PRO G 10 -20.86 -51.16 19.37
CA PRO G 10 -22.20 -51.45 19.88
C PRO G 10 -23.22 -51.69 18.79
N ASN G 11 -22.92 -51.26 17.57
CA ASN G 11 -23.86 -51.36 16.45
C ASN G 11 -24.04 -52.80 16.02
N ALA G 12 -23.06 -53.36 15.32
CA ALA G 12 -23.07 -54.76 14.88
C ALA G 12 -24.37 -55.13 14.16
N ASN H 7 14.38 9.58 1.75
CA ASN H 7 15.76 9.08 1.84
C ASN H 7 15.79 7.75 2.57
N PRO H 8 16.19 6.70 1.88
CA PRO H 8 16.22 5.36 2.46
C PRO H 8 17.38 5.21 3.44
N ASP H 9 17.46 4.04 4.07
CA ASP H 9 18.47 3.73 5.07
C ASP H 9 19.78 3.35 4.40
N PRO H 10 20.81 4.19 4.51
CA PRO H 10 22.11 3.86 3.93
C PRO H 10 22.99 2.97 4.79
N ASN H 11 22.48 2.48 5.92
CA ASN H 11 23.22 1.61 6.83
C ASN H 11 22.67 0.19 6.73
N ALA H 12 23.10 -0.66 7.65
CA ALA H 12 22.69 -2.06 7.65
C ALA H 12 21.60 -2.32 8.69
N ASP I 5 13.94 -1.11 -5.45
CA ASP I 5 13.27 -1.24 -4.15
C ASP I 5 11.83 -1.74 -4.32
N GLY I 6 11.24 -1.44 -5.47
CA GLY I 6 9.87 -1.85 -5.75
C GLY I 6 8.90 -0.68 -5.89
N ASN I 7 7.84 -0.88 -6.66
CA ASN I 7 6.84 0.17 -6.83
C ASN I 7 6.01 0.31 -5.57
N PRO I 8 5.73 1.54 -5.14
CA PRO I 8 4.89 1.74 -3.94
C PRO I 8 3.43 1.46 -4.24
N ASP I 9 2.67 1.27 -3.16
CA ASP I 9 1.26 0.93 -3.25
C ASP I 9 0.46 2.11 -3.81
N PRO I 10 -0.27 1.95 -4.91
CA PRO I 10 -1.06 3.05 -5.47
C PRO I 10 -2.51 3.10 -4.99
N ASN I 11 -2.90 2.24 -4.06
CA ASN I 11 -4.28 2.14 -3.63
C ASN I 11 -4.47 2.83 -2.28
N ALA I 12 -5.67 2.69 -1.72
CA ALA I 12 -5.99 3.26 -0.41
C ALA I 12 -5.72 2.26 0.70
N ASN I 13 -5.26 2.76 1.84
CA ASN I 13 -4.98 1.91 2.99
C ASN I 13 -6.15 1.91 3.96
#